data_2K6B
#
_entry.id   2K6B
#
_cell.length_a   1.000
_cell.length_b   1.000
_cell.length_c   1.000
_cell.angle_alpha   90.00
_cell.angle_beta   90.00
_cell.angle_gamma   90.00
#
_symmetry.space_group_name_H-M   'P 1'
#
_entity_poly.entity_id   1
_entity_poly.type   'polypeptide(L)'
_entity_poly.pdbx_seq_one_letter_code
;GSADEELEALRRQRLAELQAKHGDPGDAAQQEAKHREAEMRNSILAQVLDQSARARLSNLALVKPEKTKAVENYLIQMAR
YGQLSEKVSEQGLIEILKKVSQQTEKTTTVKFN
;
_entity_poly.pdbx_strand_id   A
#
# COMPACT_ATOMS: atom_id res chain seq x y z
N GLY A 1 1.97 -16.57 37.09
CA GLY A 1 1.78 -15.53 36.08
C GLY A 1 0.99 -16.04 34.91
N SER A 2 0.34 -15.12 34.19
CA SER A 2 -0.47 -15.42 33.00
C SER A 2 -1.63 -16.40 33.29
N ALA A 3 -2.01 -16.50 34.55
CA ALA A 3 -3.02 -17.44 34.97
C ALA A 3 -4.39 -17.00 34.50
N ASP A 4 -4.64 -15.70 34.56
CA ASP A 4 -5.90 -15.12 34.15
C ASP A 4 -6.02 -15.24 32.65
N GLU A 5 -4.90 -15.09 31.98
CA GLU A 5 -4.81 -15.15 30.55
C GLU A 5 -5.10 -16.57 30.07
N GLU A 6 -4.42 -17.54 30.67
CA GLU A 6 -4.60 -18.95 30.32
C GLU A 6 -5.99 -19.45 30.72
N LEU A 7 -6.55 -18.86 31.74
CA LEU A 7 -7.90 -19.18 32.16
C LEU A 7 -8.88 -18.69 31.09
N GLU A 8 -8.70 -17.44 30.67
CA GLU A 8 -9.55 -16.83 29.67
C GLU A 8 -9.37 -17.54 28.33
N ALA A 9 -8.17 -18.07 28.13
CA ALA A 9 -7.82 -18.82 26.93
C ALA A 9 -8.73 -20.02 26.72
N LEU A 10 -9.15 -20.67 27.80
CA LEU A 10 -10.03 -21.82 27.70
C LEU A 10 -11.38 -21.45 27.13
N ARG A 11 -11.87 -20.31 27.55
CA ARG A 11 -13.12 -19.75 27.10
C ARG A 11 -12.98 -19.30 25.64
N ARG A 12 -11.92 -18.57 25.39
CA ARG A 12 -11.63 -18.05 24.06
C ARG A 12 -11.32 -19.14 23.07
N GLN A 13 -10.79 -20.25 23.54
CA GLN A 13 -10.50 -21.38 22.69
C GLN A 13 -11.78 -21.89 22.07
N ARG A 14 -12.82 -22.05 22.88
CA ARG A 14 -14.14 -22.49 22.36
C ARG A 14 -14.66 -21.53 21.29
N LEU A 15 -14.39 -20.26 21.49
CA LEU A 15 -14.81 -19.21 20.59
C LEU A 15 -13.97 -19.25 19.29
N ALA A 16 -12.66 -19.37 19.43
CA ALA A 16 -11.75 -19.26 18.33
C ALA A 16 -11.79 -20.48 17.45
N GLU A 17 -11.77 -21.64 18.09
CA GLU A 17 -11.72 -22.91 17.40
C GLU A 17 -13.02 -23.22 16.69
N LEU A 18 -14.11 -22.61 17.16
CA LEU A 18 -15.43 -22.76 16.56
C LEU A 18 -15.33 -22.32 15.10
N GLN A 19 -14.72 -21.16 14.92
CA GLN A 19 -14.54 -20.52 13.63
C GLN A 19 -15.86 -20.12 13.03
N ALA A 20 -16.28 -18.94 13.35
CA ALA A 20 -17.49 -18.38 12.79
C ALA A 20 -17.27 -18.00 11.32
N LYS A 21 -17.87 -18.76 10.45
CA LYS A 21 -17.87 -18.47 9.04
C LYS A 21 -19.16 -17.75 8.73
N HIS A 22 -19.23 -17.15 7.57
CA HIS A 22 -20.46 -16.51 7.14
C HIS A 22 -21.21 -17.38 6.15
N GLY A 23 -20.58 -18.48 5.77
CA GLY A 23 -21.23 -19.49 4.96
C GLY A 23 -20.75 -19.46 3.56
N ASP A 24 -20.57 -18.28 3.06
CA ASP A 24 -20.16 -18.09 1.70
C ASP A 24 -18.74 -17.57 1.66
N PRO A 25 -17.98 -17.87 0.62
CA PRO A 25 -16.62 -17.38 0.45
C PRO A 25 -16.56 -16.20 -0.53
N GLY A 26 -17.63 -15.41 -0.57
CA GLY A 26 -17.67 -14.31 -1.47
C GLY A 26 -18.22 -13.08 -0.81
N ASP A 27 -18.66 -12.14 -1.64
CA ASP A 27 -19.29 -10.86 -1.24
C ASP A 27 -18.50 -10.10 -0.17
N ALA A 28 -18.81 -10.35 1.09
CA ALA A 28 -18.15 -9.70 2.19
C ALA A 28 -16.70 -10.12 2.28
N ALA A 29 -16.43 -11.36 1.88
CA ALA A 29 -15.10 -11.92 1.93
C ALA A 29 -14.21 -11.29 0.87
N GLN A 30 -14.83 -10.85 -0.21
CA GLN A 30 -14.11 -10.23 -1.31
C GLN A 30 -13.66 -8.84 -0.90
N GLN A 31 -14.57 -8.13 -0.27
CA GLN A 31 -14.29 -6.80 0.24
C GLN A 31 -13.29 -6.91 1.38
N GLU A 32 -13.46 -7.94 2.20
CA GLU A 32 -12.55 -8.23 3.29
C GLU A 32 -11.14 -8.43 2.76
N ALA A 33 -11.01 -9.29 1.75
CA ALA A 33 -9.73 -9.58 1.13
C ALA A 33 -9.07 -8.32 0.60
N LYS A 34 -9.85 -7.50 -0.07
CA LYS A 34 -9.36 -6.24 -0.62
C LYS A 34 -8.97 -5.28 0.51
N HIS A 35 -9.74 -5.29 1.57
CA HIS A 35 -9.45 -4.49 2.75
C HIS A 35 -8.14 -4.94 3.37
N ARG A 36 -7.89 -6.24 3.42
CA ARG A 36 -6.64 -6.74 3.99
C ARG A 36 -5.45 -6.33 3.12
N GLU A 37 -5.68 -6.22 1.80
CA GLU A 37 -4.65 -5.78 0.88
C GLU A 37 -4.20 -4.37 1.22
N ALA A 38 -5.17 -3.52 1.45
CA ALA A 38 -4.93 -2.15 1.81
C ALA A 38 -4.40 -2.06 3.21
N GLU A 39 -4.96 -2.85 4.10
CA GLU A 39 -4.63 -2.84 5.52
C GLU A 39 -3.13 -3.09 5.73
N MET A 40 -2.57 -4.06 5.03
CA MET A 40 -1.15 -4.38 5.19
C MET A 40 -0.27 -3.22 4.71
N ARG A 41 -0.68 -2.57 3.64
CA ARG A 41 0.05 -1.44 3.10
C ARG A 41 -0.14 -0.20 3.99
N ASN A 42 -1.38 0.00 4.41
CA ASN A 42 -1.77 1.14 5.25
C ASN A 42 -1.10 1.08 6.61
N SER A 43 -1.08 -0.09 7.23
CA SER A 43 -0.50 -0.25 8.55
C SER A 43 0.99 0.08 8.55
N ILE A 44 1.75 -0.46 7.59
CA ILE A 44 3.18 -0.18 7.55
C ILE A 44 3.42 1.31 7.28
N LEU A 45 2.63 1.90 6.40
CA LEU A 45 2.77 3.31 6.10
C LEU A 45 2.39 4.18 7.30
N ALA A 46 1.39 3.77 8.04
CA ALA A 46 0.93 4.54 9.20
C ALA A 46 1.90 4.43 10.38
N GLN A 47 2.70 3.39 10.39
CA GLN A 47 3.66 3.19 11.46
C GLN A 47 5.02 3.77 11.09
N VAL A 48 5.31 3.77 9.81
CA VAL A 48 6.56 4.29 9.29
C VAL A 48 6.49 5.77 9.07
N LEU A 49 5.44 6.21 8.47
CA LEU A 49 5.24 7.59 8.29
C LEU A 49 4.46 8.05 9.45
N ASP A 50 4.89 9.07 10.10
CA ASP A 50 4.09 9.57 11.19
C ASP A 50 2.95 10.43 10.63
N GLN A 51 2.14 11.00 11.50
CA GLN A 51 0.94 11.76 11.12
C GLN A 51 1.26 12.90 10.17
N SER A 52 2.36 13.54 10.43
CA SER A 52 2.82 14.68 9.70
C SER A 52 3.15 14.29 8.26
N ALA A 53 3.80 13.15 8.13
CA ALA A 53 4.19 12.64 6.86
C ALA A 53 2.97 12.20 6.07
N ARG A 54 1.96 11.61 6.75
CA ARG A 54 0.72 11.24 6.04
C ARG A 54 0.00 12.47 5.54
N ALA A 55 -0.06 13.51 6.36
CA ALA A 55 -0.72 14.75 5.96
C ALA A 55 -0.03 15.37 4.75
N ARG A 56 1.29 15.28 4.73
CA ARG A 56 2.06 15.80 3.64
C ARG A 56 1.85 14.94 2.39
N LEU A 57 1.75 13.63 2.61
CA LEU A 57 1.52 12.66 1.55
C LEU A 57 0.14 12.91 0.91
N SER A 58 -0.84 13.22 1.74
CA SER A 58 -2.18 13.53 1.29
C SER A 58 -2.17 14.76 0.37
N ASN A 59 -1.48 15.82 0.80
CA ASN A 59 -1.37 17.04 0.00
C ASN A 59 -0.55 16.78 -1.28
N LEU A 60 0.37 15.82 -1.20
CA LEU A 60 1.19 15.44 -2.34
C LEU A 60 0.30 14.74 -3.37
N ALA A 61 -0.60 13.90 -2.87
CA ALA A 61 -1.57 13.19 -3.71
C ALA A 61 -2.53 14.16 -4.36
N LEU A 62 -2.76 15.27 -3.68
CA LEU A 62 -3.61 16.32 -4.15
C LEU A 62 -2.96 17.04 -5.34
N VAL A 63 -1.68 17.33 -5.22
CA VAL A 63 -0.97 18.02 -6.28
C VAL A 63 -0.65 17.12 -7.48
N LYS A 64 -0.01 15.99 -7.24
CA LYS A 64 0.33 15.05 -8.30
C LYS A 64 0.47 13.63 -7.77
N PRO A 65 -0.62 12.84 -7.85
CA PRO A 65 -0.66 11.47 -7.31
C PRO A 65 0.34 10.52 -7.97
N GLU A 66 0.86 10.89 -9.15
CA GLU A 66 1.85 10.08 -9.87
C GLU A 66 3.03 9.77 -8.97
N LYS A 67 3.54 10.81 -8.35
CA LYS A 67 4.71 10.68 -7.53
C LYS A 67 4.37 10.09 -6.20
N THR A 68 3.14 10.34 -5.75
CA THR A 68 2.63 9.75 -4.54
C THR A 68 2.74 8.22 -4.66
N LYS A 69 2.31 7.70 -5.80
CA LYS A 69 2.34 6.27 -6.10
C LYS A 69 3.76 5.72 -5.99
N ALA A 70 4.73 6.50 -6.45
CA ALA A 70 6.11 6.09 -6.40
C ALA A 70 6.63 6.09 -4.97
N VAL A 71 6.33 7.16 -4.21
CA VAL A 71 6.80 7.24 -2.84
C VAL A 71 6.08 6.28 -1.90
N GLU A 72 4.77 6.06 -2.13
CA GLU A 72 4.01 5.08 -1.35
C GLU A 72 4.65 3.71 -1.52
N ASN A 73 4.93 3.37 -2.78
CA ASN A 73 5.59 2.14 -3.13
C ASN A 73 6.96 2.06 -2.49
N TYR A 74 7.70 3.17 -2.55
CA TYR A 74 9.04 3.25 -2.02
C TYR A 74 9.05 3.00 -0.51
N LEU A 75 8.14 3.63 0.20
CA LEU A 75 8.02 3.45 1.64
C LEU A 75 7.68 2.02 1.99
N ILE A 76 6.83 1.38 1.19
CA ILE A 76 6.52 -0.04 1.38
C ILE A 76 7.81 -0.88 1.31
N GLN A 77 8.70 -0.52 0.38
CA GLN A 77 9.98 -1.22 0.22
C GLN A 77 10.82 -1.00 1.44
N MET A 78 10.94 0.25 1.82
CA MET A 78 11.76 0.67 2.96
C MET A 78 11.24 0.03 4.25
N ALA A 79 9.92 -0.07 4.37
CA ALA A 79 9.28 -0.72 5.50
C ALA A 79 9.56 -2.22 5.50
N ARG A 80 9.70 -2.78 4.31
CA ARG A 80 9.98 -4.21 4.16
C ARG A 80 11.42 -4.53 4.61
N TYR A 81 12.26 -3.50 4.66
CA TYR A 81 13.61 -3.65 5.17
C TYR A 81 13.63 -3.72 6.70
N GLY A 82 12.54 -3.26 7.31
CA GLY A 82 12.42 -3.29 8.75
C GLY A 82 13.36 -2.32 9.42
N GLN A 83 13.73 -1.28 8.69
CA GLN A 83 14.72 -0.33 9.16
C GLN A 83 14.08 0.84 9.88
N LEU A 84 12.79 0.80 10.06
CA LEU A 84 12.14 1.93 10.66
C LEU A 84 11.97 1.77 12.12
N SER A 85 12.94 2.23 12.83
CA SER A 85 12.89 2.29 14.24
C SER A 85 12.20 3.60 14.59
N GLU A 86 12.59 4.64 13.87
CA GLU A 86 11.99 5.94 14.01
C GLU A 86 11.04 6.20 12.87
N LYS A 87 10.22 7.21 13.05
CA LYS A 87 9.25 7.62 12.08
C LYS A 87 9.94 8.38 10.97
N VAL A 88 9.47 8.20 9.78
CA VAL A 88 9.92 8.99 8.69
C VAL A 88 9.21 10.32 8.79
N SER A 89 9.97 11.34 8.99
CA SER A 89 9.47 12.65 9.17
C SER A 89 9.14 13.28 7.83
N GLU A 90 8.55 14.47 7.87
CA GLU A 90 8.20 15.19 6.66
C GLU A 90 9.41 15.44 5.81
N GLN A 91 10.48 15.90 6.45
CA GLN A 91 11.72 16.21 5.75
C GLN A 91 12.27 14.94 5.09
N GLY A 92 12.09 13.80 5.75
CA GLY A 92 12.56 12.53 5.23
C GLY A 92 11.79 12.13 4.00
N LEU A 93 10.47 12.26 4.09
CA LEU A 93 9.58 11.96 2.99
C LEU A 93 9.90 12.86 1.80
N ILE A 94 10.19 14.11 2.09
CA ILE A 94 10.55 15.08 1.08
C ILE A 94 11.91 14.74 0.45
N GLU A 95 12.87 14.24 1.24
CA GLU A 95 14.17 13.82 0.70
C GLU A 95 13.98 12.68 -0.27
N ILE A 96 13.16 11.74 0.10
CA ILE A 96 12.81 10.62 -0.74
C ILE A 96 12.13 11.13 -2.01
N LEU A 97 11.11 11.96 -1.82
CA LEU A 97 10.33 12.56 -2.90
C LEU A 97 11.24 13.24 -3.94
N LYS A 98 12.29 13.88 -3.45
CA LYS A 98 13.27 14.55 -4.31
C LYS A 98 13.91 13.57 -5.28
N LYS A 99 14.38 12.44 -4.77
CA LYS A 99 15.06 11.51 -5.61
C LYS A 99 14.11 10.74 -6.54
N VAL A 100 12.85 10.64 -6.14
CA VAL A 100 11.90 9.88 -6.91
C VAL A 100 11.13 10.78 -7.92
N SER A 101 11.32 12.11 -7.81
CA SER A 101 10.61 13.13 -8.59
C SER A 101 10.52 12.83 -10.10
N GLN A 102 11.62 12.42 -10.69
CA GLN A 102 11.59 11.99 -12.07
C GLN A 102 11.38 10.49 -12.05
N GLN A 103 12.42 9.78 -11.64
CA GLN A 103 12.40 8.34 -11.45
C GLN A 103 13.73 7.84 -10.92
N THR A 104 13.74 7.53 -9.66
CA THR A 104 14.89 6.94 -9.04
C THR A 104 14.43 6.08 -7.87
N GLU A 105 13.96 4.91 -8.22
CA GLU A 105 13.53 3.91 -7.27
C GLU A 105 13.50 2.54 -7.90
N LYS A 106 13.67 2.49 -9.22
CA LYS A 106 13.66 1.27 -9.94
C LYS A 106 15.03 0.64 -9.79
N THR A 107 15.17 -0.13 -8.76
CA THR A 107 16.38 -0.81 -8.48
C THR A 107 16.34 -2.15 -9.22
N THR A 108 17.49 -2.72 -9.48
CA THR A 108 17.57 -3.98 -10.16
C THR A 108 17.28 -5.13 -9.18
N THR A 109 16.01 -5.27 -8.88
CA THR A 109 15.43 -6.26 -8.01
C THR A 109 13.94 -6.24 -8.30
N VAL A 110 13.27 -7.36 -8.23
CA VAL A 110 11.85 -7.38 -8.43
C VAL A 110 11.12 -7.01 -7.15
N LYS A 111 10.76 -5.76 -7.04
CA LYS A 111 10.08 -5.27 -5.88
C LYS A 111 8.58 -5.34 -6.07
N PHE A 112 7.88 -5.65 -5.02
CA PHE A 112 6.45 -5.79 -5.05
C PHE A 112 5.75 -4.44 -4.94
N ASN A 113 4.46 -4.46 -5.19
CA ASN A 113 3.63 -3.27 -5.17
C ASN A 113 2.51 -3.54 -4.21
N GLY A 1 -33.59 -27.25 -15.02
CA GLY A 1 -33.56 -28.48 -14.23
C GLY A 1 -33.17 -28.19 -12.80
N SER A 2 -31.92 -28.43 -12.48
CA SER A 2 -31.38 -28.17 -11.16
C SER A 2 -31.46 -26.66 -10.84
N ALA A 3 -32.27 -26.32 -9.84
CA ALA A 3 -32.56 -24.94 -9.45
C ALA A 3 -31.31 -24.12 -9.21
N ASP A 4 -30.40 -24.67 -8.46
CA ASP A 4 -29.17 -24.01 -8.07
C ASP A 4 -28.24 -23.81 -9.26
N GLU A 5 -28.27 -24.77 -10.16
CA GLU A 5 -27.44 -24.75 -11.35
C GLU A 5 -27.96 -23.66 -12.30
N GLU A 6 -29.29 -23.67 -12.55
CA GLU A 6 -29.93 -22.68 -13.43
C GLU A 6 -29.67 -21.28 -12.93
N LEU A 7 -29.82 -21.12 -11.61
CA LEU A 7 -29.64 -19.84 -10.96
C LEU A 7 -28.26 -19.29 -11.26
N GLU A 8 -27.24 -20.08 -11.00
CA GLU A 8 -25.88 -19.64 -11.21
C GLU A 8 -25.59 -19.41 -12.68
N ALA A 9 -26.11 -20.26 -13.53
CA ALA A 9 -25.89 -20.13 -14.97
C ALA A 9 -26.39 -18.78 -15.48
N LEU A 10 -27.58 -18.43 -15.06
CA LEU A 10 -28.17 -17.17 -15.45
C LEU A 10 -27.50 -15.99 -14.73
N ARG A 11 -27.34 -16.12 -13.43
CA ARG A 11 -26.81 -15.06 -12.58
C ARG A 11 -25.35 -14.71 -12.92
N ARG A 12 -24.53 -15.71 -13.21
CA ARG A 12 -23.11 -15.46 -13.52
C ARG A 12 -22.95 -14.66 -14.81
N GLN A 13 -23.88 -14.82 -15.73
CA GLN A 13 -23.88 -14.03 -16.95
C GLN A 13 -24.34 -12.62 -16.64
N ARG A 14 -25.47 -12.54 -15.94
CA ARG A 14 -26.10 -11.27 -15.57
C ARG A 14 -25.13 -10.41 -14.72
N LEU A 15 -24.34 -11.07 -13.90
CA LEU A 15 -23.35 -10.41 -13.06
C LEU A 15 -22.21 -9.86 -13.90
N ALA A 16 -21.80 -10.61 -14.92
CA ALA A 16 -20.70 -10.17 -15.80
C ALA A 16 -21.12 -8.90 -16.54
N GLU A 17 -22.38 -8.87 -16.94
CA GLU A 17 -23.01 -7.74 -17.59
C GLU A 17 -22.92 -6.48 -16.69
N LEU A 18 -23.29 -6.66 -15.44
CA LEU A 18 -23.34 -5.60 -14.45
C LEU A 18 -21.94 -5.09 -14.14
N GLN A 19 -21.05 -6.06 -13.93
CA GLN A 19 -19.66 -5.83 -13.58
C GLN A 19 -19.07 -4.79 -14.50
N ALA A 20 -19.28 -5.00 -15.81
CA ALA A 20 -18.79 -4.10 -16.86
C ALA A 20 -18.95 -4.72 -18.21
N LYS A 21 -19.70 -4.07 -19.06
CA LYS A 21 -19.76 -4.44 -20.46
C LYS A 21 -18.59 -3.75 -21.13
N HIS A 22 -18.47 -2.44 -20.81
CA HIS A 22 -17.37 -1.57 -21.25
C HIS A 22 -17.72 -0.12 -20.92
N GLY A 23 -19.02 0.15 -20.86
CA GLY A 23 -19.53 1.49 -20.58
C GLY A 23 -19.27 1.97 -19.15
N ASP A 24 -18.75 1.12 -18.32
CA ASP A 24 -18.39 1.50 -16.97
C ASP A 24 -16.90 1.78 -16.93
N PRO A 25 -16.48 2.95 -16.43
CA PRO A 25 -15.05 3.33 -16.39
C PRO A 25 -14.20 2.48 -15.44
N GLY A 26 -14.85 1.80 -14.50
CA GLY A 26 -14.15 1.02 -13.52
C GLY A 26 -13.50 1.89 -12.47
N ASP A 27 -14.01 3.11 -12.34
CA ASP A 27 -13.42 4.06 -11.42
C ASP A 27 -13.79 3.69 -10.01
N ALA A 28 -15.00 3.21 -9.85
CA ALA A 28 -15.47 2.75 -8.56
C ALA A 28 -14.69 1.50 -8.14
N ALA A 29 -14.25 0.73 -9.14
CA ALA A 29 -13.45 -0.46 -8.91
C ALA A 29 -12.08 -0.08 -8.38
N GLN A 30 -11.48 0.96 -8.96
CA GLN A 30 -10.19 1.40 -8.48
C GLN A 30 -10.29 2.06 -7.12
N GLN A 31 -11.37 2.83 -6.90
CA GLN A 31 -11.62 3.46 -5.60
C GLN A 31 -11.71 2.40 -4.51
N GLU A 32 -12.46 1.35 -4.80
CA GLU A 32 -12.67 0.24 -3.86
C GLU A 32 -11.34 -0.44 -3.56
N ALA A 33 -10.62 -0.81 -4.61
CA ALA A 33 -9.33 -1.49 -4.47
C ALA A 33 -8.33 -0.60 -3.74
N LYS A 34 -8.35 0.68 -4.05
CA LYS A 34 -7.45 1.63 -3.42
C LYS A 34 -7.82 1.82 -1.95
N HIS A 35 -9.11 1.75 -1.64
CA HIS A 35 -9.55 1.82 -0.25
C HIS A 35 -8.99 0.63 0.53
N ARG A 36 -8.97 -0.52 -0.12
CA ARG A 36 -8.42 -1.71 0.48
C ARG A 36 -6.94 -1.51 0.71
N GLU A 37 -6.26 -0.87 -0.26
CA GLU A 37 -4.87 -0.55 -0.11
C GLU A 37 -4.65 0.40 1.02
N ALA A 38 -5.46 1.46 1.08
CA ALA A 38 -5.31 2.54 2.07
C ALA A 38 -5.15 2.00 3.48
N GLU A 39 -6.09 1.16 3.89
CA GLU A 39 -6.05 0.57 5.21
C GLU A 39 -4.82 -0.34 5.40
N MET A 40 -4.46 -1.06 4.35
CA MET A 40 -3.31 -2.00 4.41
C MET A 40 -1.98 -1.25 4.39
N ARG A 41 -1.91 -0.22 3.56
CA ARG A 41 -0.74 0.63 3.42
C ARG A 41 -0.49 1.34 4.74
N ASN A 42 -1.57 1.88 5.30
CA ASN A 42 -1.53 2.68 6.52
C ASN A 42 -0.89 1.95 7.68
N SER A 43 -1.10 0.64 7.78
CA SER A 43 -0.53 -0.13 8.87
C SER A 43 1.00 0.04 8.92
N ILE A 44 1.68 -0.15 7.80
CA ILE A 44 3.12 0.10 7.75
C ILE A 44 3.45 1.58 7.63
N LEU A 45 2.73 2.28 6.74
CA LEU A 45 3.02 3.67 6.42
C LEU A 45 2.95 4.59 7.63
N ALA A 46 1.93 4.41 8.47
CA ALA A 46 1.74 5.28 9.62
C ALA A 46 2.79 5.06 10.68
N GLN A 47 3.45 3.92 10.62
CA GLN A 47 4.48 3.61 11.59
C GLN A 47 5.81 4.21 11.19
N VAL A 48 6.00 4.40 9.90
CA VAL A 48 7.23 4.98 9.41
C VAL A 48 7.07 6.48 9.20
N LEU A 49 5.95 6.89 8.67
CA LEU A 49 5.66 8.28 8.47
C LEU A 49 5.20 8.86 9.77
N ASP A 50 5.83 9.91 10.20
CA ASP A 50 5.40 10.55 11.42
C ASP A 50 4.15 11.39 11.11
N GLN A 51 3.61 12.07 12.11
CA GLN A 51 2.30 12.75 12.06
C GLN A 51 2.09 13.65 10.83
N SER A 52 3.03 14.50 10.56
CA SER A 52 2.88 15.48 9.52
C SER A 52 3.18 14.88 8.16
N ALA A 53 3.94 13.81 8.16
CA ALA A 53 4.34 13.15 6.95
C ALA A 53 3.15 12.54 6.22
N ARG A 54 2.17 12.00 6.97
CA ARG A 54 0.99 11.45 6.28
C ARG A 54 0.13 12.57 5.72
N ALA A 55 0.14 13.71 6.39
CA ALA A 55 -0.57 14.88 5.90
C ALA A 55 0.09 15.38 4.64
N ARG A 56 1.43 15.42 4.68
CA ARG A 56 2.26 15.77 3.55
C ARG A 56 1.96 14.85 2.37
N LEU A 57 1.88 13.55 2.67
CA LEU A 57 1.58 12.52 1.69
C LEU A 57 0.19 12.72 1.08
N SER A 58 -0.80 12.96 1.93
CA SER A 58 -2.17 13.16 1.49
C SER A 58 -2.27 14.41 0.61
N ASN A 59 -1.55 15.45 1.01
CA ASN A 59 -1.50 16.72 0.28
C ASN A 59 -0.86 16.48 -1.09
N LEU A 60 0.22 15.70 -1.10
CA LEU A 60 0.95 15.37 -2.31
C LEU A 60 0.04 14.56 -3.25
N ALA A 61 -0.72 13.65 -2.64
CA ALA A 61 -1.65 12.77 -3.36
C ALA A 61 -2.71 13.55 -4.10
N LEU A 62 -3.11 14.66 -3.54
CA LEU A 62 -4.11 15.51 -4.13
C LEU A 62 -3.54 16.26 -5.33
N VAL A 63 -2.33 16.79 -5.16
CA VAL A 63 -1.70 17.55 -6.22
C VAL A 63 -1.15 16.69 -7.37
N LYS A 64 -0.22 15.77 -7.09
CA LYS A 64 0.32 14.90 -8.14
C LYS A 64 0.39 13.48 -7.64
N PRO A 65 -0.67 12.69 -7.87
CA PRO A 65 -0.74 11.29 -7.42
C PRO A 65 0.31 10.40 -8.09
N GLU A 66 0.95 10.92 -9.14
CA GLU A 66 1.95 10.16 -9.86
C GLU A 66 3.17 9.96 -9.00
N LYS A 67 3.51 10.98 -8.24
CA LYS A 67 4.65 10.89 -7.38
C LYS A 67 4.28 10.13 -6.13
N THR A 68 3.01 10.23 -5.73
CA THR A 68 2.50 9.52 -4.59
C THR A 68 2.61 8.01 -4.82
N LYS A 69 2.30 7.61 -6.06
CA LYS A 69 2.38 6.22 -6.51
C LYS A 69 3.78 5.67 -6.23
N ALA A 70 4.78 6.47 -6.57
CA ALA A 70 6.16 6.11 -6.39
C ALA A 70 6.55 6.08 -4.91
N VAL A 71 6.24 7.16 -4.18
CA VAL A 71 6.61 7.23 -2.77
C VAL A 71 5.91 6.15 -1.93
N GLU A 72 4.62 5.87 -2.20
CA GLU A 72 3.90 4.80 -1.50
C GLU A 72 4.67 3.50 -1.64
N ASN A 73 4.97 3.17 -2.87
CA ASN A 73 5.71 1.97 -3.23
C ASN A 73 7.05 1.94 -2.54
N TYR A 74 7.76 3.04 -2.60
CA TYR A 74 9.09 3.13 -2.05
C TYR A 74 9.08 2.97 -0.52
N LEU A 75 8.12 3.61 0.14
CA LEU A 75 7.97 3.47 1.59
C LEU A 75 7.60 2.06 1.98
N ILE A 76 6.71 1.43 1.20
CA ILE A 76 6.32 0.04 1.45
C ILE A 76 7.54 -0.86 1.33
N GLN A 77 8.31 -0.64 0.28
CA GLN A 77 9.51 -1.38 0.02
C GLN A 77 10.51 -1.16 1.16
N MET A 78 10.68 0.09 1.54
CA MET A 78 11.57 0.48 2.62
C MET A 78 11.17 -0.20 3.93
N ALA A 79 9.87 -0.16 4.23
CA ALA A 79 9.30 -0.76 5.43
C ALA A 79 9.51 -2.27 5.46
N ARG A 80 9.41 -2.92 4.30
CA ARG A 80 9.63 -4.37 4.21
C ARG A 80 11.07 -4.76 4.49
N TYR A 81 11.99 -3.89 4.20
CA TYR A 81 13.39 -4.17 4.50
C TYR A 81 13.74 -3.77 5.91
N GLY A 82 12.94 -2.89 6.49
CA GLY A 82 13.18 -2.45 7.85
C GLY A 82 14.39 -1.55 7.94
N GLN A 83 14.73 -0.96 6.81
CA GLN A 83 15.91 -0.10 6.68
C GLN A 83 15.63 1.33 7.16
N LEU A 84 14.70 1.43 8.08
CA LEU A 84 14.32 2.69 8.65
C LEU A 84 15.33 3.16 9.64
N SER A 85 15.49 4.43 9.69
CA SER A 85 16.35 5.10 10.60
C SER A 85 15.65 6.40 10.92
N GLU A 86 14.87 6.37 12.00
CA GLU A 86 14.00 7.47 12.44
C GLU A 86 12.72 7.47 11.62
N LYS A 87 11.75 8.17 12.09
CA LYS A 87 10.52 8.36 11.41
C LYS A 87 10.78 9.13 10.14
N VAL A 88 10.02 8.82 9.16
CA VAL A 88 10.05 9.58 7.97
C VAL A 88 9.15 10.76 8.24
N SER A 89 9.74 11.89 8.32
CA SER A 89 9.06 13.11 8.57
C SER A 89 8.74 13.76 7.26
N GLU A 90 8.27 14.99 7.27
CA GLU A 90 8.05 15.71 6.04
C GLU A 90 9.38 15.88 5.32
N GLN A 91 10.43 16.12 6.10
CA GLN A 91 11.78 16.25 5.55
C GLN A 91 12.17 14.95 4.86
N GLY A 92 12.01 13.84 5.57
CA GLY A 92 12.33 12.54 5.03
C GLY A 92 11.51 12.19 3.81
N LEU A 93 10.22 12.48 3.87
CA LEU A 93 9.33 12.19 2.77
C LEU A 93 9.65 13.07 1.57
N ILE A 94 9.99 14.31 1.82
CA ILE A 94 10.38 15.23 0.75
C ILE A 94 11.68 14.76 0.11
N GLU A 95 12.58 14.23 0.92
CA GLU A 95 13.84 13.67 0.44
C GLU A 95 13.54 12.47 -0.49
N ILE A 96 12.64 11.59 -0.05
CA ILE A 96 12.21 10.46 -0.87
C ILE A 96 11.48 10.94 -2.12
N LEU A 97 10.72 11.99 -1.96
CA LEU A 97 10.01 12.62 -3.06
C LEU A 97 11.01 13.14 -4.09
N LYS A 98 12.11 13.73 -3.62
CA LYS A 98 13.18 14.21 -4.50
C LYS A 98 13.78 13.05 -5.25
N LYS A 99 14.05 11.97 -4.52
CA LYS A 99 14.60 10.75 -5.09
C LYS A 99 13.74 10.23 -6.25
N VAL A 100 12.43 10.19 -6.04
CA VAL A 100 11.54 9.69 -7.07
C VAL A 100 11.20 10.75 -8.13
N SER A 101 11.39 12.01 -7.85
CA SER A 101 11.14 13.06 -8.81
C SER A 101 12.36 13.32 -9.72
N GLN A 102 13.50 13.59 -9.11
CA GLN A 102 14.71 13.99 -9.82
C GLN A 102 15.30 12.84 -10.62
N GLN A 103 15.56 11.75 -9.96
CA GLN A 103 16.18 10.61 -10.61
C GLN A 103 15.15 9.56 -10.95
N THR A 104 14.07 9.57 -10.21
CA THR A 104 13.05 8.57 -10.26
C THR A 104 13.64 7.24 -9.77
N GLU A 105 13.86 7.17 -8.48
CA GLU A 105 14.41 5.99 -7.90
C GLU A 105 13.31 5.05 -7.46
N LYS A 106 13.20 3.99 -8.17
CA LYS A 106 12.26 2.94 -7.94
C LYS A 106 12.90 1.73 -8.57
N THR A 107 12.49 0.54 -8.21
CA THR A 107 13.01 -0.62 -8.85
C THR A 107 12.42 -0.72 -10.27
N THR A 108 13.07 -0.05 -11.20
CA THR A 108 12.70 0.01 -12.59
C THR A 108 13.95 0.39 -13.38
N THR A 109 14.19 -0.29 -14.47
CA THR A 109 15.30 0.00 -15.32
C THR A 109 15.00 -0.54 -16.71
N VAL A 110 15.67 -0.01 -17.70
CA VAL A 110 15.48 -0.44 -19.07
C VAL A 110 16.73 -1.14 -19.55
N LYS A 111 17.87 -0.54 -19.28
CA LYS A 111 19.14 -1.06 -19.74
C LYS A 111 20.17 -1.01 -18.64
N PHE A 112 20.85 -2.12 -18.44
CA PHE A 112 21.98 -2.20 -17.56
C PHE A 112 23.20 -1.91 -18.40
N ASN A 113 23.24 -2.55 -19.54
CA ASN A 113 24.31 -2.36 -20.50
C ASN A 113 23.74 -1.53 -21.63
N GLY A 1 -3.72 -36.09 7.60
CA GLY A 1 -4.89 -36.63 8.29
C GLY A 1 -6.06 -36.72 7.34
N SER A 2 -6.92 -35.74 7.40
CA SER A 2 -8.05 -35.65 6.51
C SER A 2 -8.38 -34.18 6.30
N ALA A 3 -8.16 -33.71 5.08
CA ALA A 3 -8.33 -32.31 4.69
C ALA A 3 -9.69 -31.74 5.07
N ASP A 4 -10.73 -32.54 4.89
CA ASP A 4 -12.09 -32.10 5.20
C ASP A 4 -12.28 -31.84 6.69
N GLU A 5 -11.64 -32.65 7.48
CA GLU A 5 -11.77 -32.60 8.91
C GLU A 5 -10.90 -31.44 9.44
N GLU A 6 -9.64 -31.44 9.05
CA GLU A 6 -8.67 -30.46 9.53
C GLU A 6 -9.03 -29.03 9.13
N LEU A 7 -9.72 -28.88 7.99
CA LEU A 7 -10.13 -27.58 7.50
C LEU A 7 -11.01 -26.92 8.57
N GLU A 8 -11.98 -27.65 9.07
CA GLU A 8 -12.87 -27.13 10.07
C GLU A 8 -12.22 -27.13 11.43
N ALA A 9 -11.47 -28.19 11.73
CA ALA A 9 -10.82 -28.34 13.02
C ALA A 9 -9.83 -27.21 13.28
N LEU A 10 -8.92 -26.99 12.34
CA LEU A 10 -7.92 -25.96 12.47
C LEU A 10 -8.58 -24.62 12.56
N ARG A 11 -9.49 -24.33 11.63
CA ARG A 11 -10.10 -23.03 11.59
C ARG A 11 -10.92 -22.73 12.85
N ARG A 12 -11.68 -23.72 13.30
CA ARG A 12 -12.54 -23.55 14.48
C ARG A 12 -11.67 -23.25 15.68
N GLN A 13 -10.63 -24.05 15.83
CA GLN A 13 -9.69 -23.93 16.92
C GLN A 13 -9.00 -22.57 16.84
N ARG A 14 -8.53 -22.21 15.65
CA ARG A 14 -7.86 -20.93 15.37
C ARG A 14 -8.76 -19.75 15.74
N LEU A 15 -10.04 -19.86 15.41
CA LEU A 15 -10.99 -18.83 15.74
C LEU A 15 -11.15 -18.70 17.22
N ALA A 16 -11.19 -19.85 17.88
CA ALA A 16 -11.35 -19.92 19.32
C ALA A 16 -10.13 -19.34 20.02
N GLU A 17 -8.96 -19.66 19.49
CA GLU A 17 -7.67 -19.17 19.97
C GLU A 17 -7.65 -17.66 20.02
N LEU A 18 -8.10 -17.06 18.93
CA LEU A 18 -8.14 -15.63 18.80
C LEU A 18 -9.14 -15.03 19.81
N GLN A 19 -10.39 -15.44 19.71
CA GLN A 19 -11.47 -14.92 20.59
C GLN A 19 -12.66 -15.85 20.71
N ALA A 20 -12.86 -16.67 19.66
CA ALA A 20 -13.96 -17.62 19.53
C ALA A 20 -15.23 -16.93 19.02
N LYS A 21 -15.55 -17.22 17.78
CA LYS A 21 -16.74 -16.72 17.15
C LYS A 21 -17.02 -17.60 15.95
N HIS A 22 -18.25 -17.74 15.59
CA HIS A 22 -18.61 -18.60 14.48
C HIS A 22 -19.70 -17.90 13.67
N GLY A 23 -19.79 -16.61 13.83
CA GLY A 23 -20.78 -15.83 13.15
C GLY A 23 -20.34 -15.44 11.77
N ASP A 24 -20.06 -16.42 10.95
CA ASP A 24 -19.69 -16.20 9.59
C ASP A 24 -20.15 -17.38 8.76
N PRO A 25 -20.95 -17.15 7.73
CA PRO A 25 -21.33 -18.17 6.80
C PRO A 25 -20.39 -18.16 5.59
N GLY A 26 -19.22 -17.59 5.76
CA GLY A 26 -18.27 -17.49 4.68
C GLY A 26 -18.12 -16.07 4.19
N ASP A 27 -19.24 -15.48 3.76
CA ASP A 27 -19.25 -14.12 3.20
C ASP A 27 -18.78 -13.08 4.23
N ALA A 28 -19.05 -13.33 5.49
CA ALA A 28 -18.62 -12.42 6.54
C ALA A 28 -17.10 -12.42 6.69
N ALA A 29 -16.51 -13.60 6.67
CA ALA A 29 -15.07 -13.77 6.88
C ALA A 29 -14.26 -13.10 5.78
N GLN A 30 -14.67 -13.27 4.53
CA GLN A 30 -13.95 -12.67 3.42
C GLN A 30 -14.01 -11.15 3.47
N GLN A 31 -15.15 -10.60 3.87
CA GLN A 31 -15.28 -9.15 3.98
C GLN A 31 -14.43 -8.63 5.12
N GLU A 32 -14.34 -9.40 6.17
CA GLU A 32 -13.55 -9.05 7.32
C GLU A 32 -12.05 -9.12 6.96
N ALA A 33 -11.71 -10.04 6.08
CA ALA A 33 -10.37 -10.16 5.56
C ALA A 33 -10.05 -8.95 4.67
N LYS A 34 -11.04 -8.54 3.88
CA LYS A 34 -10.91 -7.38 3.00
C LYS A 34 -10.84 -6.07 3.81
N HIS A 35 -11.40 -6.08 5.00
CA HIS A 35 -11.34 -4.94 5.91
C HIS A 35 -9.87 -4.77 6.32
N ARG A 36 -9.28 -5.86 6.79
CA ARG A 36 -7.89 -5.87 7.23
C ARG A 36 -6.90 -5.70 6.07
N GLU A 37 -7.36 -6.04 4.87
CA GLU A 37 -6.60 -5.92 3.63
C GLU A 37 -6.09 -4.47 3.49
N ALA A 38 -7.00 -3.53 3.70
CA ALA A 38 -6.68 -2.12 3.65
C ALA A 38 -5.88 -1.72 4.87
N GLU A 39 -6.31 -2.22 6.03
CA GLU A 39 -5.72 -1.86 7.30
C GLU A 39 -4.25 -2.14 7.37
N MET A 40 -3.83 -3.33 7.00
CA MET A 40 -2.42 -3.73 7.13
C MET A 40 -1.49 -2.86 6.30
N ARG A 41 -1.92 -2.51 5.12
CA ARG A 41 -1.16 -1.64 4.24
C ARG A 41 -1.13 -0.23 4.81
N ASN A 42 -2.27 0.21 5.29
CA ASN A 42 -2.43 1.52 5.90
C ASN A 42 -1.57 1.60 7.18
N SER A 43 -1.54 0.50 7.93
CA SER A 43 -0.79 0.40 9.16
C SER A 43 0.69 0.64 8.94
N ILE A 44 1.29 0.03 7.91
CA ILE A 44 2.72 0.21 7.69
C ILE A 44 3.00 1.66 7.31
N LEU A 45 2.13 2.25 6.51
CA LEU A 45 2.27 3.64 6.10
C LEU A 45 2.14 4.58 7.29
N ALA A 46 1.19 4.30 8.17
CA ALA A 46 0.96 5.10 9.36
C ALA A 46 2.10 4.99 10.39
N GLN A 47 2.91 3.95 10.29
CA GLN A 47 4.05 3.78 11.21
C GLN A 47 5.35 4.30 10.59
N VAL A 48 5.55 4.08 9.30
CA VAL A 48 6.79 4.51 8.66
C VAL A 48 6.76 5.98 8.33
N LEU A 49 5.59 6.50 8.16
CA LEU A 49 5.45 7.89 7.94
C LEU A 49 4.90 8.50 9.17
N ASP A 50 5.53 9.53 9.62
CA ASP A 50 5.04 10.28 10.73
C ASP A 50 3.72 10.93 10.32
N GLN A 51 2.91 11.24 11.27
CA GLN A 51 1.60 11.83 11.04
C GLN A 51 1.64 13.07 10.17
N SER A 52 2.68 13.86 10.31
CA SER A 52 2.82 15.06 9.51
C SER A 52 3.21 14.70 8.07
N ALA A 53 3.91 13.59 7.92
CA ALA A 53 4.30 13.11 6.60
C ALA A 53 3.09 12.50 5.92
N ARG A 54 2.23 11.86 6.71
CA ARG A 54 0.96 11.31 6.22
C ARG A 54 0.08 12.43 5.64
N ALA A 55 0.10 13.57 6.31
CA ALA A 55 -0.65 14.74 5.85
C ALA A 55 -0.01 15.31 4.58
N ARG A 56 1.31 15.39 4.60
CA ARG A 56 2.11 15.87 3.47
C ARG A 56 1.81 15.03 2.23
N LEU A 57 1.83 13.72 2.43
CA LEU A 57 1.58 12.72 1.41
C LEU A 57 0.21 12.94 0.77
N SER A 58 -0.79 13.14 1.60
CA SER A 58 -2.14 13.35 1.16
C SER A 58 -2.27 14.61 0.30
N ASN A 59 -1.62 15.68 0.72
CA ASN A 59 -1.63 16.94 -0.04
C ASN A 59 -0.96 16.73 -1.40
N LEU A 60 0.10 15.93 -1.41
CA LEU A 60 0.85 15.62 -2.63
C LEU A 60 -0.06 14.83 -3.59
N ALA A 61 -0.85 13.93 -3.01
CA ALA A 61 -1.80 13.10 -3.76
C ALA A 61 -2.86 13.95 -4.44
N LEU A 62 -3.16 15.07 -3.83
CA LEU A 62 -4.14 15.99 -4.35
C LEU A 62 -3.60 16.79 -5.53
N VAL A 63 -2.30 16.97 -5.58
CA VAL A 63 -1.71 17.73 -6.67
C VAL A 63 -1.26 16.81 -7.81
N LYS A 64 -0.59 15.71 -7.47
CA LYS A 64 -0.22 14.69 -8.45
C LYS A 64 0.12 13.37 -7.80
N PRO A 65 -0.82 12.42 -7.85
CA PRO A 65 -0.70 11.13 -7.21
C PRO A 65 0.39 10.23 -7.83
N GLU A 66 0.97 10.65 -8.96
CA GLU A 66 2.02 9.87 -9.62
C GLU A 66 3.19 9.79 -8.68
N LYS A 67 3.52 10.91 -8.09
CA LYS A 67 4.67 10.95 -7.22
C LYS A 67 4.33 10.33 -5.88
N THR A 68 3.05 10.44 -5.52
CA THR A 68 2.52 9.87 -4.29
C THR A 68 2.69 8.34 -4.29
N LYS A 69 2.24 7.68 -5.37
CA LYS A 69 2.35 6.24 -5.46
C LYS A 69 3.78 5.78 -5.45
N ALA A 70 4.66 6.60 -5.98
CA ALA A 70 6.06 6.29 -6.01
C ALA A 70 6.62 6.29 -4.60
N VAL A 71 6.39 7.38 -3.84
CA VAL A 71 6.89 7.45 -2.48
C VAL A 71 6.23 6.40 -1.56
N GLU A 72 4.92 6.16 -1.74
CA GLU A 72 4.21 5.17 -0.95
C GLU A 72 4.77 3.78 -1.21
N ASN A 73 4.84 3.41 -2.49
CA ASN A 73 5.36 2.10 -2.92
C ASN A 73 6.76 1.89 -2.37
N TYR A 74 7.57 2.94 -2.46
CA TYR A 74 8.94 2.91 -2.00
C TYR A 74 9.00 2.61 -0.51
N LEU A 75 8.25 3.35 0.30
CA LEU A 75 8.22 3.13 1.74
C LEU A 75 7.69 1.74 2.10
N ILE A 76 6.63 1.30 1.42
CA ILE A 76 6.05 -0.04 1.63
C ILE A 76 7.13 -1.11 1.50
N GLN A 77 7.90 -1.03 0.44
CA GLN A 77 8.94 -2.00 0.16
C GLN A 77 10.14 -1.79 1.09
N MET A 78 10.62 -0.56 1.14
CA MET A 78 11.83 -0.22 1.88
C MET A 78 11.71 -0.56 3.36
N ALA A 79 10.54 -0.32 3.94
CA ALA A 79 10.29 -0.65 5.32
C ALA A 79 10.33 -2.15 5.55
N ARG A 80 9.79 -2.91 4.61
CA ARG A 80 9.73 -4.36 4.71
C ARG A 80 11.08 -5.04 4.61
N TYR A 81 12.09 -4.29 4.19
CA TYR A 81 13.44 -4.80 4.15
C TYR A 81 14.20 -4.40 5.41
N GLY A 82 13.47 -3.82 6.36
CA GLY A 82 14.05 -3.46 7.64
C GLY A 82 14.73 -2.11 7.61
N GLN A 83 14.65 -1.44 6.49
CA GLN A 83 15.32 -0.16 6.34
C GLN A 83 14.64 0.94 7.14
N LEU A 84 13.36 0.76 7.42
CA LEU A 84 12.65 1.70 8.27
C LEU A 84 12.26 1.10 9.58
N SER A 85 12.86 1.60 10.61
CA SER A 85 12.53 1.24 11.95
C SER A 85 12.24 2.54 12.71
N GLU A 86 12.24 3.61 11.94
CA GLU A 86 12.04 4.95 12.43
C GLU A 86 10.90 5.54 11.63
N LYS A 87 10.37 6.65 12.08
CA LYS A 87 9.37 7.35 11.33
C LYS A 87 9.99 8.38 10.46
N VAL A 88 9.55 8.41 9.25
CA VAL A 88 9.98 9.39 8.30
C VAL A 88 9.08 10.61 8.47
N SER A 89 9.68 11.71 8.82
CA SER A 89 8.97 12.95 9.01
C SER A 89 8.87 13.66 7.65
N GLU A 90 8.23 14.84 7.60
CA GLU A 90 8.06 15.56 6.32
C GLU A 90 9.37 15.80 5.62
N GLN A 91 10.34 16.31 6.38
CA GLN A 91 11.67 16.61 5.85
C GLN A 91 12.34 15.34 5.28
N GLY A 92 12.07 14.22 5.92
CA GLY A 92 12.61 12.97 5.45
C GLY A 92 11.90 12.48 4.21
N LEU A 93 10.60 12.74 4.14
CA LEU A 93 9.82 12.33 2.99
C LEU A 93 10.13 13.22 1.79
N ILE A 94 10.53 14.45 2.07
CA ILE A 94 10.95 15.37 1.02
C ILE A 94 12.22 14.84 0.34
N GLU A 95 13.05 14.13 1.11
CA GLU A 95 14.24 13.47 0.57
C GLU A 95 13.78 12.41 -0.44
N ILE A 96 12.74 11.69 -0.06
CA ILE A 96 12.15 10.62 -0.85
C ILE A 96 11.48 11.22 -2.09
N LEU A 97 10.82 12.34 -1.89
CA LEU A 97 10.12 13.02 -2.94
C LEU A 97 11.10 13.50 -4.00
N LYS A 98 12.23 14.05 -3.57
CA LYS A 98 13.28 14.49 -4.49
C LYS A 98 13.83 13.29 -5.28
N LYS A 99 13.94 12.16 -4.61
CA LYS A 99 14.37 10.91 -5.24
C LYS A 99 13.48 10.55 -6.43
N VAL A 100 12.20 10.41 -6.13
CA VAL A 100 11.23 9.93 -7.10
C VAL A 100 10.91 10.95 -8.19
N SER A 101 11.17 12.23 -7.93
CA SER A 101 10.85 13.25 -8.88
C SER A 101 11.92 13.43 -9.95
N GLN A 102 13.12 12.96 -9.69
CA GLN A 102 14.15 13.04 -10.70
C GLN A 102 14.42 11.69 -11.33
N GLN A 103 14.40 10.64 -10.52
CA GLN A 103 14.65 9.30 -11.01
C GLN A 103 13.59 8.34 -10.47
N THR A 104 13.90 7.74 -9.35
CA THR A 104 13.04 6.86 -8.61
C THR A 104 13.59 6.80 -7.21
N GLU A 105 14.82 6.43 -7.13
CA GLU A 105 15.53 6.50 -5.90
C GLU A 105 16.97 6.71 -6.20
N LYS A 106 17.71 7.11 -5.21
CA LYS A 106 19.11 7.33 -5.36
C LYS A 106 19.75 6.89 -4.09
N THR A 107 20.90 6.32 -4.19
CA THR A 107 21.64 5.97 -3.04
C THR A 107 22.51 7.18 -2.68
N THR A 108 22.03 7.92 -1.70
CA THR A 108 22.67 9.13 -1.22
C THR A 108 24.13 8.87 -0.84
N THR A 109 25.03 9.54 -1.52
CA THR A 109 26.42 9.40 -1.27
C THR A 109 27.01 10.77 -0.98
N VAL A 110 26.87 11.19 0.25
CA VAL A 110 27.39 12.47 0.67
C VAL A 110 28.48 12.26 1.73
N LYS A 111 28.44 11.07 2.34
CA LYS A 111 29.36 10.67 3.42
C LYS A 111 29.18 11.62 4.59
N PHE A 112 28.05 11.47 5.24
CA PHE A 112 27.67 12.30 6.34
C PHE A 112 26.83 11.43 7.24
N ASN A 113 26.91 11.63 8.53
CA ASN A 113 26.21 10.78 9.46
C ASN A 113 25.09 11.52 10.12
N GLY A 1 -35.74 -9.31 -10.69
CA GLY A 1 -36.14 -10.11 -9.53
C GLY A 1 -36.00 -11.59 -9.78
N SER A 2 -34.86 -11.99 -10.31
CA SER A 2 -34.61 -13.40 -10.56
C SER A 2 -34.35 -14.06 -9.20
N ALA A 3 -34.62 -15.35 -9.08
CA ALA A 3 -34.49 -16.09 -7.81
C ALA A 3 -33.08 -15.96 -7.19
N ASP A 4 -32.06 -16.23 -7.99
CA ASP A 4 -30.68 -16.14 -7.54
C ASP A 4 -30.33 -14.72 -7.21
N GLU A 5 -30.81 -13.86 -8.05
CA GLU A 5 -30.60 -12.44 -7.99
C GLU A 5 -31.16 -11.85 -6.71
N GLU A 6 -32.44 -12.15 -6.43
CA GLU A 6 -33.09 -11.64 -5.27
C GLU A 6 -32.49 -12.25 -4.01
N LEU A 7 -32.16 -13.52 -4.06
CA LEU A 7 -31.61 -14.23 -2.91
C LEU A 7 -30.26 -13.63 -2.47
N GLU A 8 -29.43 -13.26 -3.46
CA GLU A 8 -28.14 -12.63 -3.19
C GLU A 8 -28.37 -11.29 -2.50
N ALA A 9 -29.33 -10.54 -3.02
CA ALA A 9 -29.67 -9.23 -2.49
C ALA A 9 -30.27 -9.36 -1.10
N LEU A 10 -31.13 -10.35 -0.91
CA LEU A 10 -31.78 -10.62 0.35
C LEU A 10 -30.77 -10.95 1.43
N ARG A 11 -29.78 -11.78 1.11
CA ARG A 11 -28.74 -12.14 2.07
C ARG A 11 -28.01 -10.88 2.56
N ARG A 12 -27.70 -10.01 1.61
CA ARG A 12 -27.04 -8.75 1.91
C ARG A 12 -27.95 -7.86 2.76
N GLN A 13 -29.22 -7.84 2.42
CA GLN A 13 -30.19 -7.05 3.14
C GLN A 13 -30.33 -7.55 4.56
N ARG A 14 -30.45 -8.87 4.69
CA ARG A 14 -30.60 -9.54 5.97
C ARG A 14 -29.44 -9.17 6.89
N LEU A 15 -28.24 -9.07 6.32
CA LEU A 15 -27.04 -8.70 7.06
C LEU A 15 -27.14 -7.28 7.60
N ALA A 16 -27.80 -6.42 6.84
CA ALA A 16 -27.98 -5.05 7.24
C ALA A 16 -29.08 -4.93 8.28
N GLU A 17 -30.17 -5.69 8.07
CA GLU A 17 -31.31 -5.72 8.99
C GLU A 17 -30.89 -6.25 10.33
N LEU A 18 -30.05 -7.26 10.28
CA LEU A 18 -29.48 -7.91 11.45
C LEU A 18 -28.77 -6.88 12.31
N GLN A 19 -28.16 -5.90 11.64
CA GLN A 19 -27.35 -4.87 12.28
C GLN A 19 -26.22 -5.54 13.01
N ALA A 20 -25.24 -5.94 12.24
CA ALA A 20 -24.07 -6.65 12.71
C ALA A 20 -23.39 -5.91 13.84
N LYS A 21 -23.42 -6.52 14.98
CA LYS A 21 -22.88 -5.98 16.19
C LYS A 21 -21.45 -6.44 16.37
N HIS A 22 -20.63 -5.64 17.01
CA HIS A 22 -19.26 -6.04 17.29
C HIS A 22 -19.21 -7.10 18.40
N GLY A 23 -19.50 -8.28 17.96
CA GLY A 23 -19.57 -9.46 18.75
C GLY A 23 -20.53 -10.39 18.06
N ASP A 24 -20.33 -10.51 16.77
CA ASP A 24 -21.20 -11.27 15.89
C ASP A 24 -20.34 -11.82 14.77
N PRO A 25 -20.54 -13.07 14.35
CA PRO A 25 -19.76 -13.69 13.27
C PRO A 25 -19.84 -12.89 11.96
N GLY A 26 -20.97 -12.24 11.73
CA GLY A 26 -21.17 -11.50 10.51
C GLY A 26 -20.45 -10.17 10.51
N ASP A 27 -20.04 -9.75 11.69
CA ASP A 27 -19.32 -8.50 11.82
C ASP A 27 -17.86 -8.74 12.04
N ALA A 28 -17.55 -9.37 13.15
CA ALA A 28 -16.20 -9.54 13.63
C ALA A 28 -15.29 -10.28 12.64
N ALA A 29 -15.83 -11.32 12.02
CA ALA A 29 -15.05 -12.14 11.12
C ALA A 29 -14.73 -11.39 9.84
N GLN A 30 -15.75 -10.74 9.30
CA GLN A 30 -15.62 -10.00 8.08
C GLN A 30 -14.77 -8.75 8.31
N GLN A 31 -14.94 -8.15 9.48
CA GLN A 31 -14.23 -6.95 9.84
C GLN A 31 -12.75 -7.22 9.93
N GLU A 32 -12.38 -8.39 10.48
CA GLU A 32 -10.99 -8.77 10.60
C GLU A 32 -10.34 -8.77 9.23
N ALA A 33 -10.92 -9.52 8.31
CA ALA A 33 -10.38 -9.67 6.96
C ALA A 33 -10.25 -8.33 6.26
N LYS A 34 -11.25 -7.50 6.41
CA LYS A 34 -11.28 -6.20 5.78
C LYS A 34 -10.27 -5.25 6.45
N HIS A 35 -10.09 -5.42 7.74
CA HIS A 35 -9.19 -4.58 8.50
C HIS A 35 -7.75 -4.98 8.19
N ARG A 36 -7.52 -6.26 7.87
CA ARG A 36 -6.19 -6.73 7.48
C ARG A 36 -5.77 -6.03 6.20
N GLU A 37 -6.75 -5.82 5.32
CA GLU A 37 -6.53 -5.15 4.05
C GLU A 37 -6.07 -3.71 4.26
N ALA A 38 -6.77 -3.00 5.12
CA ALA A 38 -6.49 -1.61 5.36
C ALA A 38 -5.27 -1.43 6.25
N GLU A 39 -5.27 -2.09 7.41
CA GLU A 39 -4.24 -1.89 8.43
C GLU A 39 -2.86 -2.30 7.96
N MET A 40 -2.75 -3.46 7.35
CA MET A 40 -1.43 -3.96 6.95
C MET A 40 -0.82 -3.10 5.85
N ARG A 41 -1.68 -2.57 5.01
CA ARG A 41 -1.26 -1.71 3.93
C ARG A 41 -0.86 -0.34 4.47
N ASN A 42 -1.69 0.18 5.34
CA ASN A 42 -1.51 1.50 5.91
C ASN A 42 -0.34 1.57 6.91
N SER A 43 -0.30 0.61 7.83
CA SER A 43 0.65 0.60 8.94
C SER A 43 2.12 0.59 8.52
N ILE A 44 2.44 0.08 7.35
CA ILE A 44 3.83 0.11 6.94
C ILE A 44 4.26 1.52 6.57
N LEU A 45 3.37 2.28 5.94
CA LEU A 45 3.70 3.66 5.65
C LEU A 45 3.51 4.52 6.89
N ALA A 46 2.56 4.14 7.73
CA ALA A 46 2.27 4.85 8.97
C ALA A 46 3.37 4.72 10.02
N GLN A 47 4.17 3.68 9.92
CA GLN A 47 5.30 3.54 10.84
C GLN A 47 6.50 4.30 10.35
N VAL A 48 6.67 4.35 9.04
CA VAL A 48 7.80 5.08 8.48
C VAL A 48 7.48 6.56 8.47
N LEU A 49 6.28 6.89 8.12
CA LEU A 49 5.88 8.27 8.03
C LEU A 49 5.09 8.66 9.23
N ASP A 50 5.57 9.65 9.95
CA ASP A 50 4.84 10.23 11.05
C ASP A 50 3.59 10.90 10.48
N GLN A 51 2.63 11.16 11.34
CA GLN A 51 1.37 11.81 10.97
C GLN A 51 1.61 13.10 10.18
N SER A 52 2.71 13.79 10.47
CA SER A 52 3.05 15.00 9.76
C SER A 52 3.34 14.68 8.29
N ALA A 53 4.15 13.66 8.08
CA ALA A 53 4.51 13.22 6.75
C ALA A 53 3.31 12.59 6.07
N ARG A 54 2.49 11.90 6.84
CA ARG A 54 1.25 11.30 6.33
C ARG A 54 0.30 12.38 5.81
N ALA A 55 0.17 13.45 6.57
CA ALA A 55 -0.67 14.57 6.18
C ALA A 55 -0.07 15.28 4.98
N ARG A 56 1.25 15.42 4.99
CA ARG A 56 1.98 16.06 3.90
C ARG A 56 1.82 15.22 2.63
N LEU A 57 1.82 13.91 2.80
CA LEU A 57 1.64 12.96 1.73
C LEU A 57 0.32 13.20 1.03
N SER A 58 -0.71 13.49 1.81
CA SER A 58 -2.03 13.73 1.27
C SER A 58 -2.04 15.02 0.43
N ASN A 59 -1.17 15.97 0.78
CA ASN A 59 -1.04 17.19 -0.02
C ASN A 59 -0.52 16.85 -1.39
N LEU A 60 0.51 16.02 -1.42
CA LEU A 60 1.09 15.56 -2.66
C LEU A 60 0.09 14.73 -3.44
N ALA A 61 -0.68 13.92 -2.74
CA ALA A 61 -1.70 13.06 -3.34
C ALA A 61 -2.82 13.87 -4.00
N LEU A 62 -2.99 15.10 -3.56
CA LEU A 62 -4.05 15.94 -4.08
C LEU A 62 -3.54 16.76 -5.24
N VAL A 63 -2.23 16.84 -5.38
CA VAL A 63 -1.66 17.63 -6.43
C VAL A 63 -1.03 16.76 -7.54
N LYS A 64 -0.23 15.78 -7.17
CA LYS A 64 0.42 14.89 -8.12
C LYS A 64 0.40 13.47 -7.58
N PRO A 65 -0.70 12.72 -7.82
CA PRO A 65 -0.90 11.38 -7.25
C PRO A 65 0.12 10.35 -7.74
N GLU A 66 0.79 10.66 -8.83
CA GLU A 66 1.78 9.77 -9.38
C GLU A 66 2.99 9.75 -8.49
N LYS A 67 3.33 10.91 -7.95
CA LYS A 67 4.51 11.04 -7.12
C LYS A 67 4.23 10.41 -5.77
N THR A 68 2.97 10.46 -5.38
CA THR A 68 2.50 9.81 -4.19
C THR A 68 2.67 8.31 -4.37
N LYS A 69 2.28 7.83 -5.53
CA LYS A 69 2.31 6.41 -5.84
C LYS A 69 3.75 5.91 -5.82
N ALA A 70 4.65 6.73 -6.34
CA ALA A 70 6.06 6.42 -6.37
C ALA A 70 6.62 6.30 -4.95
N VAL A 71 6.30 7.27 -4.10
CA VAL A 71 6.78 7.21 -2.73
C VAL A 71 6.10 6.07 -1.97
N GLU A 72 4.81 5.82 -2.24
CA GLU A 72 4.09 4.70 -1.63
C GLU A 72 4.84 3.42 -1.87
N ASN A 73 5.17 3.17 -3.13
CA ASN A 73 5.89 2.00 -3.56
C ASN A 73 7.21 1.91 -2.80
N TYR A 74 7.92 3.03 -2.74
CA TYR A 74 9.21 3.10 -2.11
C TYR A 74 9.11 2.78 -0.61
N LEU A 75 8.16 3.41 0.09
CA LEU A 75 7.99 3.15 1.53
C LEU A 75 7.59 1.71 1.83
N ILE A 76 6.75 1.13 0.98
CA ILE A 76 6.35 -0.26 1.14
C ILE A 76 7.59 -1.18 1.10
N GLN A 77 8.48 -0.93 0.14
CA GLN A 77 9.72 -1.70 0.02
C GLN A 77 10.64 -1.39 1.22
N MET A 78 10.73 -0.11 1.55
CA MET A 78 11.58 0.45 2.61
C MET A 78 11.24 -0.18 3.96
N ALA A 79 9.95 -0.25 4.24
CA ALA A 79 9.47 -0.82 5.49
C ALA A 79 9.76 -2.30 5.57
N ARG A 80 9.63 -2.97 4.46
CA ARG A 80 9.84 -4.42 4.39
C ARG A 80 11.29 -4.81 4.64
N TYR A 81 12.21 -4.02 4.12
CA TYR A 81 13.63 -4.35 4.26
C TYR A 81 14.14 -4.08 5.66
N GLY A 82 13.38 -3.32 6.42
CA GLY A 82 13.79 -2.99 7.76
C GLY A 82 14.65 -1.76 7.77
N GLN A 83 14.10 -0.68 7.29
CA GLN A 83 14.81 0.60 7.27
C GLN A 83 14.18 1.57 8.23
N LEU A 84 13.47 1.03 9.18
CA LEU A 84 12.79 1.81 10.18
C LEU A 84 13.73 2.24 11.28
N SER A 85 14.23 3.44 11.16
CA SER A 85 14.97 4.05 12.22
C SER A 85 13.94 4.47 13.26
N GLU A 86 13.00 5.27 12.81
CA GLU A 86 11.89 5.74 13.56
C GLU A 86 10.97 6.42 12.58
N LYS A 87 10.00 7.12 13.09
CA LYS A 87 9.05 7.80 12.25
C LYS A 87 9.69 9.01 11.61
N VAL A 88 9.66 9.02 10.32
CA VAL A 88 10.22 10.05 9.51
C VAL A 88 9.19 11.17 9.38
N SER A 89 9.63 12.40 9.49
CA SER A 89 8.77 13.53 9.40
C SER A 89 8.62 13.96 7.93
N GLU A 90 8.00 15.11 7.72
CA GLU A 90 7.70 15.62 6.40
C GLU A 90 8.96 15.74 5.54
N GLN A 91 10.00 16.34 6.12
CA GLN A 91 11.25 16.62 5.42
C GLN A 91 11.89 15.36 4.85
N GLY A 92 11.86 14.27 5.62
CA GLY A 92 12.40 13.03 5.15
C GLY A 92 11.64 12.51 3.96
N LEU A 93 10.33 12.68 3.99
CA LEU A 93 9.47 12.29 2.89
C LEU A 93 9.73 13.18 1.68
N ILE A 94 10.01 14.46 1.92
CA ILE A 94 10.32 15.40 0.84
C ILE A 94 11.57 14.94 0.11
N GLU A 95 12.52 14.50 0.89
CA GLU A 95 13.77 13.97 0.34
C GLU A 95 13.52 12.69 -0.47
N ILE A 96 12.59 11.86 -0.01
CA ILE A 96 12.20 10.66 -0.77
C ILE A 96 11.46 11.09 -2.05
N LEU A 97 10.69 12.15 -1.92
CA LEU A 97 9.98 12.74 -3.03
C LEU A 97 10.98 13.24 -4.08
N LYS A 98 12.10 13.80 -3.63
CA LYS A 98 13.18 14.23 -4.52
C LYS A 98 13.67 13.05 -5.32
N LYS A 99 13.93 11.96 -4.62
CA LYS A 99 14.42 10.73 -5.22
C LYS A 99 13.56 10.26 -6.37
N VAL A 100 12.27 10.17 -6.12
CA VAL A 100 11.34 9.64 -7.10
C VAL A 100 11.06 10.65 -8.23
N SER A 101 11.30 11.92 -7.95
CA SER A 101 11.22 12.93 -8.97
C SER A 101 12.45 12.86 -9.88
N GLN A 102 13.56 12.44 -9.31
CA GLN A 102 14.80 12.24 -10.03
C GLN A 102 14.65 10.97 -10.87
N GLN A 103 14.52 9.85 -10.18
CA GLN A 103 14.33 8.54 -10.78
C GLN A 103 13.52 7.71 -9.80
N THR A 104 14.20 7.33 -8.75
CA THR A 104 13.76 6.58 -7.61
C THR A 104 14.98 6.54 -6.74
N GLU A 105 16.01 5.92 -7.29
CA GLU A 105 17.38 5.86 -6.80
C GLU A 105 18.01 4.66 -7.45
N LYS A 106 19.28 4.67 -7.59
CA LYS A 106 19.96 3.50 -7.99
C LYS A 106 20.68 3.06 -6.76
N THR A 107 20.04 2.18 -6.03
CA THR A 107 20.52 1.68 -4.78
C THR A 107 21.93 1.10 -4.91
N THR A 108 22.88 1.90 -4.52
CA THR A 108 24.25 1.50 -4.51
C THR A 108 24.82 1.85 -3.15
N THR A 109 24.84 0.86 -2.28
CA THR A 109 25.33 0.99 -0.93
C THR A 109 24.48 2.05 -0.15
N VAL A 110 23.25 1.68 0.14
CA VAL A 110 22.32 2.58 0.82
C VAL A 110 21.74 1.90 2.06
N LYS A 111 21.40 0.65 1.92
CA LYS A 111 20.77 -0.11 2.98
C LYS A 111 21.87 -0.86 3.75
N PHE A 112 22.29 -0.27 4.86
CA PHE A 112 23.40 -0.81 5.64
C PHE A 112 22.94 -1.73 6.74
N ASN A 113 21.70 -1.56 7.17
CA ASN A 113 21.11 -2.38 8.24
C ASN A 113 21.04 -3.83 7.83
N GLY A 1 -13.64 0.09 -21.47
CA GLY A 1 -12.75 0.99 -22.19
C GLY A 1 -13.13 1.05 -23.63
N SER A 2 -12.17 1.37 -24.47
CA SER A 2 -12.35 1.47 -25.90
C SER A 2 -12.55 0.07 -26.51
N ALA A 3 -12.96 0.02 -27.77
CA ALA A 3 -13.22 -1.23 -28.48
C ALA A 3 -11.98 -2.12 -28.52
N ASP A 4 -10.82 -1.51 -28.63
CA ASP A 4 -9.58 -2.25 -28.65
C ASP A 4 -9.28 -2.82 -27.27
N GLU A 5 -9.49 -1.99 -26.26
CA GLU A 5 -9.27 -2.35 -24.85
C GLU A 5 -10.11 -3.58 -24.46
N GLU A 6 -11.36 -3.58 -24.90
CA GLU A 6 -12.28 -4.69 -24.61
C GLU A 6 -11.85 -5.94 -25.37
N LEU A 7 -11.62 -5.78 -26.67
CA LEU A 7 -11.25 -6.88 -27.56
C LEU A 7 -9.95 -7.52 -27.10
N GLU A 8 -8.97 -6.69 -26.73
CA GLU A 8 -7.69 -7.20 -26.32
C GLU A 8 -7.84 -7.98 -25.04
N ALA A 9 -8.66 -7.49 -24.12
CA ALA A 9 -8.89 -8.16 -22.83
C ALA A 9 -9.52 -9.55 -23.03
N LEU A 10 -10.46 -9.62 -23.97
CA LEU A 10 -11.12 -10.87 -24.30
C LEU A 10 -10.11 -11.82 -24.93
N ARG A 11 -9.44 -11.35 -25.97
CA ARG A 11 -8.44 -12.12 -26.71
C ARG A 11 -7.30 -12.58 -25.79
N ARG A 12 -6.79 -11.65 -25.01
CA ARG A 12 -5.68 -11.85 -24.08
C ARG A 12 -5.99 -12.96 -23.09
N GLN A 13 -7.18 -12.90 -22.52
CA GLN A 13 -7.61 -13.90 -21.58
C GLN A 13 -7.75 -15.27 -22.25
N ARG A 14 -8.25 -15.29 -23.47
CA ARG A 14 -8.40 -16.53 -24.18
C ARG A 14 -7.03 -17.09 -24.56
N LEU A 15 -6.09 -16.20 -24.84
CA LEU A 15 -4.73 -16.55 -25.13
C LEU A 15 -4.05 -17.12 -23.91
N ALA A 16 -4.44 -16.64 -22.74
CA ALA A 16 -3.94 -17.16 -21.47
C ALA A 16 -4.32 -18.62 -21.32
N GLU A 17 -5.55 -18.95 -21.73
CA GLU A 17 -6.06 -20.31 -21.66
C GLU A 17 -5.37 -21.17 -22.71
N LEU A 18 -5.05 -20.53 -23.82
CA LEU A 18 -4.36 -21.16 -24.93
C LEU A 18 -2.89 -21.38 -24.48
N GLN A 19 -2.48 -20.61 -23.47
CA GLN A 19 -1.13 -20.60 -22.90
C GLN A 19 -0.17 -19.96 -23.87
N ALA A 20 -0.69 -19.07 -24.67
CA ALA A 20 0.06 -18.40 -25.68
C ALA A 20 0.62 -17.10 -25.14
N LYS A 21 1.67 -16.62 -25.76
CA LYS A 21 2.27 -15.39 -25.38
C LYS A 21 1.41 -14.25 -25.93
N HIS A 22 1.44 -13.12 -25.22
CA HIS A 22 0.57 -11.92 -25.44
C HIS A 22 -0.73 -12.07 -24.69
N GLY A 23 -0.88 -13.19 -24.04
CA GLY A 23 -2.05 -13.47 -23.29
C GLY A 23 -1.76 -13.45 -21.81
N ASP A 24 -1.02 -12.47 -21.38
CA ASP A 24 -0.70 -12.31 -19.97
C ASP A 24 -1.90 -11.67 -19.28
N PRO A 25 -2.15 -11.96 -18.01
CA PRO A 25 -3.27 -11.37 -17.29
C PRO A 25 -2.86 -10.08 -16.55
N GLY A 26 -1.74 -9.48 -17.00
CA GLY A 26 -1.10 -8.33 -16.36
C GLY A 26 -2.03 -7.23 -15.92
N ASP A 27 -2.55 -6.44 -16.86
CA ASP A 27 -3.41 -5.27 -16.55
C ASP A 27 -4.55 -5.62 -15.63
N ALA A 28 -5.31 -6.63 -16.01
CA ALA A 28 -6.49 -7.05 -15.28
C ALA A 28 -6.17 -7.44 -13.84
N ALA A 29 -5.05 -8.10 -13.66
CA ALA A 29 -4.64 -8.51 -12.34
C ALA A 29 -4.10 -7.33 -11.55
N GLN A 30 -3.15 -6.60 -12.16
CA GLN A 30 -2.46 -5.51 -11.48
C GLN A 30 -3.37 -4.36 -11.07
N GLN A 31 -4.41 -4.11 -11.83
CA GLN A 31 -5.35 -3.05 -11.50
C GLN A 31 -6.18 -3.43 -10.28
N GLU A 32 -6.60 -4.67 -10.23
CA GLU A 32 -7.33 -5.19 -9.08
C GLU A 32 -6.39 -5.28 -7.88
N ALA A 33 -5.21 -5.84 -8.12
CA ALA A 33 -4.18 -5.97 -7.10
C ALA A 33 -3.86 -4.61 -6.50
N LYS A 34 -3.70 -3.61 -7.36
CA LYS A 34 -3.40 -2.24 -6.92
C LYS A 34 -4.54 -1.68 -6.09
N HIS A 35 -5.77 -2.00 -6.46
CA HIS A 35 -6.91 -1.51 -5.71
C HIS A 35 -6.96 -2.17 -4.34
N ARG A 36 -6.58 -3.43 -4.30
CA ARG A 36 -6.53 -4.16 -3.04
C ARG A 36 -5.36 -3.63 -2.18
N GLU A 37 -4.32 -3.11 -2.84
CA GLU A 37 -3.20 -2.50 -2.16
C GLU A 37 -3.64 -1.20 -1.51
N ALA A 38 -4.44 -0.43 -2.24
CA ALA A 38 -4.93 0.86 -1.76
C ALA A 38 -5.71 0.72 -0.46
N GLU A 39 -6.45 -0.36 -0.33
CA GLU A 39 -7.23 -0.58 0.85
C GLU A 39 -6.37 -1.13 2.01
N MET A 40 -5.62 -2.16 1.74
CA MET A 40 -4.85 -2.84 2.78
C MET A 40 -3.48 -2.25 3.06
N ARG A 41 -2.72 -1.98 2.04
CA ARG A 41 -1.31 -1.59 2.18
C ARG A 41 -1.19 -0.18 2.77
N ASN A 42 -2.23 0.64 2.54
CA ASN A 42 -2.29 2.03 3.05
C ASN A 42 -2.16 2.05 4.57
N SER A 43 -2.65 0.99 5.19
CA SER A 43 -2.66 0.84 6.61
C SER A 43 -1.25 0.87 7.19
N ILE A 44 -0.27 0.27 6.50
CA ILE A 44 1.10 0.34 6.99
C ILE A 44 1.67 1.70 6.67
N LEU A 45 1.33 2.23 5.50
CA LEU A 45 1.87 3.50 5.01
C LEU A 45 1.50 4.65 5.93
N ALA A 46 0.32 4.55 6.51
CA ALA A 46 -0.20 5.51 7.45
C ALA A 46 0.63 5.54 8.76
N GLN A 47 1.15 4.39 9.17
CA GLN A 47 1.96 4.28 10.39
C GLN A 47 3.47 4.30 10.13
N VAL A 48 3.87 3.98 8.91
CA VAL A 48 5.29 4.08 8.51
C VAL A 48 5.66 5.53 8.39
N LEU A 49 4.77 6.27 7.82
CA LEU A 49 4.93 7.67 7.75
C LEU A 49 4.37 8.27 9.00
N ASP A 50 5.10 9.16 9.55
CA ASP A 50 4.62 9.94 10.66
C ASP A 50 3.43 10.74 10.15
N GLN A 51 2.48 10.97 11.03
CA GLN A 51 1.22 11.69 10.69
C GLN A 51 1.47 12.99 9.92
N SER A 52 2.53 13.69 10.28
CA SER A 52 2.86 14.95 9.65
C SER A 52 3.23 14.71 8.18
N ALA A 53 3.97 13.63 7.94
CA ALA A 53 4.42 13.27 6.61
C ALA A 53 3.27 12.69 5.79
N ARG A 54 2.39 11.95 6.45
CA ARG A 54 1.26 11.37 5.79
C ARG A 54 0.31 12.48 5.31
N ALA A 55 0.15 13.47 6.16
CA ALA A 55 -0.63 14.67 5.84
C ALA A 55 -0.02 15.39 4.63
N ARG A 56 1.31 15.48 4.63
CA ARG A 56 2.08 16.05 3.53
C ARG A 56 1.85 15.26 2.24
N LEU A 57 1.77 13.96 2.35
CA LEU A 57 1.59 13.11 1.21
C LEU A 57 0.16 13.21 0.67
N SER A 58 -0.78 13.48 1.55
CA SER A 58 -2.16 13.68 1.16
C SER A 58 -2.28 14.97 0.32
N ASN A 59 -1.50 15.94 0.74
CA ASN A 59 -1.35 17.24 0.05
C ASN A 59 -0.70 17.00 -1.32
N LEU A 60 0.25 16.07 -1.36
CA LEU A 60 0.97 15.71 -2.58
C LEU A 60 0.00 15.04 -3.56
N ALA A 61 -0.87 14.21 -3.04
CA ALA A 61 -1.88 13.49 -3.84
C ALA A 61 -2.84 14.47 -4.51
N LEU A 62 -3.04 15.62 -3.87
CA LEU A 62 -3.88 16.66 -4.38
C LEU A 62 -3.29 17.28 -5.63
N VAL A 63 -1.99 17.50 -5.61
CA VAL A 63 -1.33 18.13 -6.74
C VAL A 63 -1.00 17.13 -7.86
N LYS A 64 -0.39 15.99 -7.51
CA LYS A 64 -0.03 14.99 -8.50
C LYS A 64 0.17 13.60 -7.88
N PRO A 65 -0.80 12.71 -8.07
CA PRO A 65 -0.84 11.38 -7.44
C PRO A 65 0.21 10.39 -7.99
N GLU A 66 0.88 10.74 -9.08
CA GLU A 66 1.82 9.79 -9.67
C GLU A 66 3.07 9.70 -8.85
N LYS A 67 3.41 10.80 -8.24
CA LYS A 67 4.57 10.84 -7.40
C LYS A 67 4.21 10.22 -6.05
N THR A 68 2.94 10.37 -5.70
CA THR A 68 2.39 9.82 -4.48
C THR A 68 2.52 8.29 -4.49
N LYS A 69 2.06 7.65 -5.57
CA LYS A 69 2.13 6.20 -5.65
C LYS A 69 3.56 5.70 -5.65
N ALA A 70 4.46 6.51 -6.21
CA ALA A 70 5.87 6.19 -6.27
C ALA A 70 6.45 6.11 -4.87
N VAL A 71 6.23 7.14 -4.08
CA VAL A 71 6.75 7.16 -2.72
C VAL A 71 6.03 6.15 -1.84
N GLU A 72 4.72 5.99 -2.02
CA GLU A 72 3.96 5.01 -1.25
C GLU A 72 4.49 3.61 -1.48
N ASN A 73 4.80 3.30 -2.73
CA ASN A 73 5.33 2.00 -3.09
C ASN A 73 6.71 1.83 -2.47
N TYR A 74 7.43 2.94 -2.44
CA TYR A 74 8.77 2.97 -1.93
C TYR A 74 8.79 2.72 -0.41
N LEU A 75 7.85 3.35 0.33
CA LEU A 75 7.77 3.15 1.79
C LEU A 75 7.51 1.69 2.15
N ILE A 76 6.68 1.01 1.34
CA ILE A 76 6.37 -0.42 1.54
C ILE A 76 7.70 -1.20 1.56
N GLN A 77 8.56 -0.86 0.62
CA GLN A 77 9.85 -1.52 0.45
C GLN A 77 10.84 -1.07 1.52
N MET A 78 10.90 0.22 1.74
CA MET A 78 11.88 0.81 2.64
C MET A 78 11.67 0.34 4.09
N ALA A 79 10.41 0.27 4.52
CA ALA A 79 10.09 -0.19 5.87
C ALA A 79 10.47 -1.65 6.03
N ARG A 80 10.28 -2.41 4.95
CA ARG A 80 10.56 -3.84 4.91
C ARG A 80 12.04 -4.13 5.22
N TYR A 81 12.93 -3.26 4.78
CA TYR A 81 14.35 -3.48 5.02
C TYR A 81 14.84 -2.89 6.33
N GLY A 82 13.92 -2.52 7.21
CA GLY A 82 14.30 -2.07 8.53
C GLY A 82 14.78 -0.65 8.56
N GLN A 83 14.32 0.15 7.63
CA GLN A 83 14.68 1.58 7.60
C GLN A 83 13.68 2.36 8.43
N LEU A 84 12.83 1.63 9.10
CA LEU A 84 11.81 2.18 9.92
C LEU A 84 12.15 1.87 11.37
N SER A 85 12.86 2.76 11.99
CA SER A 85 13.19 2.64 13.38
C SER A 85 12.17 3.44 14.18
N GLU A 86 11.59 4.38 13.50
CA GLU A 86 10.59 5.28 13.99
C GLU A 86 9.92 5.81 12.77
N LYS A 87 8.75 6.36 12.94
CA LYS A 87 7.93 6.88 11.87
C LYS A 87 8.72 7.85 11.02
N VAL A 88 8.70 7.62 9.74
CA VAL A 88 9.39 8.43 8.79
C VAL A 88 8.75 9.80 8.77
N SER A 89 9.51 10.78 9.16
CA SER A 89 9.06 12.12 9.29
C SER A 89 8.95 12.81 7.93
N GLU A 90 8.47 14.04 7.93
CA GLU A 90 8.27 14.84 6.72
C GLU A 90 9.53 14.89 5.87
N GLN A 91 10.65 15.18 6.51
CA GLN A 91 11.94 15.27 5.84
C GLN A 91 12.36 13.93 5.21
N GLY A 92 11.90 12.83 5.79
CA GLY A 92 12.24 11.52 5.30
C GLY A 92 11.46 11.20 4.05
N LEU A 93 10.19 11.58 4.05
CA LEU A 93 9.33 11.41 2.90
C LEU A 93 9.81 12.30 1.77
N ILE A 94 10.07 13.56 2.10
CA ILE A 94 10.56 14.53 1.14
C ILE A 94 11.90 14.10 0.54
N GLU A 95 12.67 13.39 1.33
CA GLU A 95 13.95 12.88 0.92
C GLU A 95 13.76 11.91 -0.27
N ILE A 96 12.82 11.00 -0.10
CA ILE A 96 12.48 10.02 -1.12
C ILE A 96 11.80 10.73 -2.29
N LEU A 97 10.91 11.64 -1.94
CA LEU A 97 10.12 12.41 -2.90
C LEU A 97 11.00 13.12 -3.91
N LYS A 98 12.05 13.77 -3.45
CA LYS A 98 12.95 14.51 -4.33
C LYS A 98 13.60 13.58 -5.37
N LYS A 99 14.09 12.44 -4.94
CA LYS A 99 14.73 11.52 -5.87
C LYS A 99 13.74 10.84 -6.84
N VAL A 100 12.50 10.63 -6.41
CA VAL A 100 11.50 10.07 -7.33
C VAL A 100 10.90 11.19 -8.19
N SER A 101 11.06 12.42 -7.75
CA SER A 101 10.56 13.59 -8.44
C SER A 101 11.27 13.72 -9.78
N GLN A 102 12.59 13.64 -9.74
CA GLN A 102 13.37 13.73 -10.95
C GLN A 102 13.42 12.41 -11.67
N GLN A 103 14.21 11.49 -11.17
CA GLN A 103 14.34 10.17 -11.76
C GLN A 103 15.10 9.21 -10.88
N THR A 104 14.39 8.22 -10.43
CA THR A 104 14.91 7.07 -9.71
C THR A 104 13.82 6.01 -9.73
N GLU A 105 12.73 6.33 -9.06
CA GLU A 105 11.53 5.50 -8.98
C GLU A 105 10.35 6.40 -9.16
N LYS A 106 10.44 7.19 -10.23
CA LYS A 106 9.54 8.32 -10.54
C LYS A 106 8.03 8.00 -10.50
N THR A 107 7.68 6.78 -10.77
CA THR A 107 6.30 6.32 -10.74
C THR A 107 6.37 4.80 -10.50
N THR A 108 7.52 4.40 -9.88
CA THR A 108 7.96 3.03 -9.78
C THR A 108 8.31 2.55 -11.20
N THR A 109 9.60 2.52 -11.49
CA THR A 109 10.07 2.28 -12.82
C THR A 109 9.79 0.88 -13.36
N VAL A 110 9.97 0.76 -14.68
CA VAL A 110 9.76 -0.44 -15.47
C VAL A 110 8.43 -1.09 -15.17
N LYS A 111 7.41 -0.35 -15.49
CA LYS A 111 6.07 -0.73 -15.23
C LYS A 111 5.22 -0.01 -16.25
N PHE A 112 4.48 -0.71 -17.04
CA PHE A 112 3.60 -0.05 -17.98
C PHE A 112 2.16 -0.32 -17.66
N ASN A 113 1.45 0.76 -17.43
CA ASN A 113 0.04 0.74 -17.14
C ASN A 113 -0.40 2.18 -17.20
N GLY A 1 -9.14 -32.01 -19.00
CA GLY A 1 -10.28 -32.08 -19.91
C GLY A 1 -10.81 -30.71 -20.18
N SER A 2 -12.09 -30.56 -20.11
CA SER A 2 -12.72 -29.30 -20.27
C SER A 2 -12.60 -28.54 -18.93
N ALA A 3 -11.69 -27.57 -18.87
CA ALA A 3 -11.37 -26.82 -17.64
C ALA A 3 -12.59 -26.24 -16.97
N ASP A 4 -13.48 -25.73 -17.80
CA ASP A 4 -14.70 -25.11 -17.35
C ASP A 4 -15.58 -26.11 -16.62
N GLU A 5 -15.69 -27.28 -17.18
CA GLU A 5 -16.48 -28.35 -16.60
C GLU A 5 -15.79 -28.92 -15.36
N GLU A 6 -14.46 -29.01 -15.40
CA GLU A 6 -13.67 -29.48 -14.26
C GLU A 6 -13.84 -28.54 -13.07
N LEU A 7 -13.93 -27.25 -13.34
CA LEU A 7 -14.14 -26.25 -12.32
C LEU A 7 -15.47 -26.47 -11.62
N GLU A 8 -16.52 -26.64 -12.44
CA GLU A 8 -17.85 -26.95 -11.95
C GLU A 8 -17.87 -28.23 -11.14
N ALA A 9 -17.34 -29.30 -11.74
CA ALA A 9 -17.30 -30.64 -11.12
C ALA A 9 -16.66 -30.61 -9.73
N LEU A 10 -15.51 -29.96 -9.63
CA LEU A 10 -14.75 -29.86 -8.39
C LEU A 10 -15.60 -29.17 -7.32
N ARG A 11 -16.28 -28.11 -7.70
CA ARG A 11 -17.08 -27.37 -6.78
C ARG A 11 -18.35 -28.11 -6.39
N ARG A 12 -19.01 -28.69 -7.38
CA ARG A 12 -20.25 -29.45 -7.15
C ARG A 12 -20.01 -30.63 -6.22
N GLN A 13 -18.84 -31.26 -6.39
CA GLN A 13 -18.42 -32.35 -5.55
C GLN A 13 -18.35 -31.90 -4.10
N ARG A 14 -17.62 -30.82 -3.85
CA ARG A 14 -17.44 -30.33 -2.50
C ARG A 14 -18.74 -29.93 -1.87
N LEU A 15 -19.61 -29.31 -2.64
CA LEU A 15 -20.91 -28.92 -2.16
C LEU A 15 -21.75 -30.15 -1.73
N ALA A 16 -21.57 -31.25 -2.43
CA ALA A 16 -22.25 -32.48 -2.11
C ALA A 16 -21.67 -33.11 -0.84
N GLU A 17 -20.39 -32.91 -0.62
CA GLU A 17 -19.69 -33.45 0.52
C GLU A 17 -19.89 -32.58 1.77
N LEU A 18 -19.93 -31.28 1.54
CA LEU A 18 -20.00 -30.27 2.58
C LEU A 18 -21.32 -30.33 3.33
N GLN A 19 -22.40 -30.67 2.61
CA GLN A 19 -23.77 -30.84 3.17
C GLN A 19 -24.44 -29.50 3.46
N ALA A 20 -23.83 -28.72 4.33
CA ALA A 20 -24.36 -27.44 4.74
C ALA A 20 -24.37 -26.48 3.56
N LYS A 21 -25.56 -26.09 3.14
CA LYS A 21 -25.70 -25.27 1.96
C LYS A 21 -25.49 -23.80 2.26
N HIS A 22 -24.24 -23.50 2.51
CA HIS A 22 -23.76 -22.16 2.75
C HIS A 22 -22.24 -22.26 2.71
N GLY A 23 -21.79 -23.29 2.01
CA GLY A 23 -20.39 -23.64 1.98
C GLY A 23 -19.54 -22.77 1.08
N ASP A 24 -20.17 -21.86 0.38
CA ASP A 24 -19.47 -20.93 -0.48
C ASP A 24 -18.86 -19.81 0.36
N PRO A 25 -17.54 -19.66 0.35
CA PRO A 25 -16.86 -18.58 1.05
C PRO A 25 -16.35 -17.50 0.08
N GLY A 26 -16.97 -17.42 -1.09
CA GLY A 26 -16.50 -16.56 -2.16
C GLY A 26 -16.48 -15.10 -1.80
N ASP A 27 -17.50 -14.64 -1.14
CA ASP A 27 -17.59 -13.24 -0.77
C ASP A 27 -16.73 -12.94 0.42
N ALA A 28 -16.76 -13.86 1.36
CA ALA A 28 -15.98 -13.76 2.57
C ALA A 28 -14.50 -13.65 2.25
N ALA A 29 -14.01 -14.59 1.44
CA ALA A 29 -12.59 -14.69 1.09
C ALA A 29 -12.08 -13.41 0.44
N GLN A 30 -12.90 -12.83 -0.43
CA GLN A 30 -12.50 -11.63 -1.14
C GLN A 30 -12.34 -10.45 -0.21
N GLN A 31 -13.30 -10.27 0.68
CA GLN A 31 -13.26 -9.15 1.60
C GLN A 31 -12.12 -9.32 2.58
N GLU A 32 -11.94 -10.54 3.09
CA GLU A 32 -10.87 -10.84 4.03
C GLU A 32 -9.50 -10.61 3.39
N ALA A 33 -9.32 -11.13 2.19
CA ALA A 33 -8.07 -10.97 1.47
C ALA A 33 -7.79 -9.51 1.19
N LYS A 34 -8.80 -8.81 0.72
CA LYS A 34 -8.66 -7.39 0.40
C LYS A 34 -8.42 -6.54 1.65
N HIS A 35 -9.05 -6.92 2.74
CA HIS A 35 -8.85 -6.19 3.99
C HIS A 35 -7.43 -6.43 4.45
N ARG A 36 -6.96 -7.66 4.27
CA ARG A 36 -5.59 -8.06 4.62
C ARG A 36 -4.58 -7.29 3.74
N GLU A 37 -4.95 -7.07 2.48
CA GLU A 37 -4.15 -6.29 1.54
C GLU A 37 -3.93 -4.90 2.09
N ALA A 38 -5.04 -4.26 2.40
CA ALA A 38 -5.03 -2.93 2.93
C ALA A 38 -4.32 -2.88 4.28
N GLU A 39 -4.60 -3.85 5.14
CA GLU A 39 -3.99 -3.94 6.47
C GLU A 39 -2.50 -3.89 6.45
N MET A 40 -1.89 -4.73 5.62
CA MET A 40 -0.43 -4.81 5.55
C MET A 40 0.16 -3.46 5.16
N ARG A 41 -0.37 -2.89 4.11
CA ARG A 41 0.15 -1.65 3.56
C ARG A 41 -0.15 -0.46 4.47
N ASN A 42 -1.35 -0.42 5.01
CA ASN A 42 -1.76 0.66 5.90
C ASN A 42 -0.98 0.63 7.20
N SER A 43 -0.86 -0.55 7.81
CA SER A 43 -0.20 -0.70 9.08
C SER A 43 1.27 -0.32 8.99
N ILE A 44 1.92 -0.62 7.87
CA ILE A 44 3.29 -0.20 7.72
C ILE A 44 3.39 1.30 7.44
N LEU A 45 2.61 1.79 6.46
CA LEU A 45 2.68 3.21 6.06
C LEU A 45 2.35 4.17 7.20
N ALA A 46 1.40 3.81 8.04
CA ALA A 46 1.00 4.68 9.14
C ALA A 46 2.03 4.68 10.27
N GLN A 47 2.87 3.66 10.32
CA GLN A 47 3.90 3.59 11.34
C GLN A 47 5.23 4.11 10.82
N VAL A 48 5.40 4.02 9.52
CA VAL A 48 6.60 4.50 8.86
C VAL A 48 6.53 5.99 8.69
N LEU A 49 5.40 6.47 8.25
CA LEU A 49 5.23 7.87 8.08
C LEU A 49 4.69 8.46 9.32
N ASP A 50 5.38 9.45 9.85
CA ASP A 50 4.87 10.20 10.96
C ASP A 50 3.65 10.92 10.47
N GLN A 51 2.73 11.21 11.35
CA GLN A 51 1.47 11.88 11.03
C GLN A 51 1.71 13.11 10.16
N SER A 52 2.81 13.82 10.42
CA SER A 52 3.14 15.01 9.67
C SER A 52 3.41 14.68 8.19
N ALA A 53 4.22 13.65 7.96
CA ALA A 53 4.57 13.22 6.62
C ALA A 53 3.40 12.53 5.95
N ARG A 54 2.64 11.80 6.74
CA ARG A 54 1.48 11.08 6.26
C ARG A 54 0.46 12.08 5.74
N ALA A 55 0.23 13.12 6.51
CA ALA A 55 -0.69 14.21 6.15
C ALA A 55 -0.14 15.00 4.97
N ARG A 56 1.17 15.21 4.96
CA ARG A 56 1.86 15.92 3.88
C ARG A 56 1.61 15.17 2.57
N LEU A 57 1.78 13.87 2.64
CA LEU A 57 1.62 12.98 1.52
C LEU A 57 0.15 12.89 1.10
N SER A 58 -0.75 13.08 2.04
CA SER A 58 -2.17 13.05 1.77
C SER A 58 -2.56 14.20 0.83
N ASN A 59 -2.01 15.36 1.08
CA ASN A 59 -2.24 16.52 0.22
C ASN A 59 -1.47 16.33 -1.09
N LEU A 60 -0.27 15.77 -0.97
CA LEU A 60 0.61 15.49 -2.09
C LEU A 60 -0.11 14.58 -3.10
N ALA A 61 -0.87 13.63 -2.57
CA ALA A 61 -1.65 12.67 -3.36
C ALA A 61 -2.69 13.36 -4.23
N LEU A 62 -3.06 14.55 -3.87
CA LEU A 62 -4.06 15.28 -4.59
C LEU A 62 -3.42 16.22 -5.60
N VAL A 63 -2.37 16.90 -5.18
CA VAL A 63 -1.69 17.86 -6.06
C VAL A 63 -0.82 17.19 -7.15
N LYS A 64 -0.09 16.16 -6.79
CA LYS A 64 0.72 15.43 -7.75
C LYS A 64 0.75 13.94 -7.45
N PRO A 65 -0.29 13.22 -7.90
CA PRO A 65 -0.50 11.80 -7.60
C PRO A 65 0.59 10.89 -8.18
N GLU A 66 1.30 11.39 -9.17
CA GLU A 66 2.29 10.62 -9.89
C GLU A 66 3.46 10.36 -8.96
N LYS A 67 3.82 11.34 -8.18
CA LYS A 67 4.94 11.20 -7.30
C LYS A 67 4.53 10.39 -6.06
N THR A 68 3.26 10.52 -5.68
CA THR A 68 2.71 9.85 -4.52
C THR A 68 2.82 8.33 -4.65
N LYS A 69 2.43 7.81 -5.82
CA LYS A 69 2.41 6.36 -6.05
C LYS A 69 3.82 5.78 -5.87
N ALA A 70 4.81 6.55 -6.31
CA ALA A 70 6.18 6.13 -6.23
C ALA A 70 6.68 6.13 -4.80
N VAL A 71 6.44 7.23 -4.08
CA VAL A 71 6.91 7.33 -2.70
C VAL A 71 6.22 6.32 -1.78
N GLU A 72 4.90 6.13 -1.93
CA GLU A 72 4.18 5.18 -1.08
C GLU A 72 4.70 3.76 -1.30
N ASN A 73 5.01 3.43 -2.55
CA ASN A 73 5.58 2.15 -2.90
C ASN A 73 6.93 2.00 -2.23
N TYR A 74 7.71 3.07 -2.26
CA TYR A 74 9.03 3.09 -1.67
C TYR A 74 8.99 2.82 -0.18
N LEU A 75 8.11 3.50 0.54
CA LEU A 75 8.00 3.27 1.96
C LEU A 75 7.55 1.85 2.27
N ILE A 76 6.67 1.30 1.44
CA ILE A 76 6.26 -0.10 1.57
C ILE A 76 7.49 -1.01 1.43
N GLN A 77 8.30 -0.76 0.41
CA GLN A 77 9.52 -1.54 0.16
C GLN A 77 10.51 -1.40 1.32
N MET A 78 10.70 -0.19 1.77
CA MET A 78 11.65 0.09 2.84
C MET A 78 11.16 -0.54 4.16
N ALA A 79 9.85 -0.49 4.39
CA ALA A 79 9.25 -1.12 5.57
C ALA A 79 9.37 -2.63 5.48
N ARG A 80 9.20 -3.13 4.28
CA ARG A 80 9.32 -4.54 3.93
C ARG A 80 10.70 -5.08 4.33
N TYR A 81 11.73 -4.30 4.05
CA TYR A 81 13.09 -4.70 4.39
C TYR A 81 13.40 -4.42 5.85
N GLY A 82 12.65 -3.51 6.43
CA GLY A 82 12.82 -3.22 7.83
C GLY A 82 13.98 -2.30 8.07
N GLN A 83 14.03 -1.21 7.34
CA GLN A 83 15.10 -0.23 7.49
C GLN A 83 14.64 0.89 8.42
N LEU A 84 13.59 0.60 9.18
CA LEU A 84 12.99 1.56 10.09
C LEU A 84 13.81 1.80 11.32
N SER A 85 14.17 3.03 11.50
CA SER A 85 14.78 3.46 12.70
C SER A 85 13.72 4.27 13.46
N GLU A 86 13.19 5.30 12.80
CA GLU A 86 12.15 6.16 13.34
C GLU A 86 11.10 6.41 12.28
N LYS A 87 10.10 7.18 12.63
CA LYS A 87 9.10 7.60 11.70
C LYS A 87 9.70 8.64 10.77
N VAL A 88 9.35 8.54 9.52
CA VAL A 88 9.82 9.46 8.52
C VAL A 88 9.05 10.78 8.67
N SER A 89 9.79 11.84 8.80
CA SER A 89 9.25 13.15 8.99
C SER A 89 8.96 13.78 7.61
N GLU A 90 8.43 15.00 7.59
CA GLU A 90 8.06 15.66 6.34
C GLU A 90 9.29 15.88 5.49
N GLN A 91 10.33 16.46 6.10
CA GLN A 91 11.59 16.78 5.39
C GLN A 91 12.22 15.52 4.84
N GLY A 92 12.12 14.44 5.58
CA GLY A 92 12.65 13.17 5.14
C GLY A 92 11.89 12.64 3.95
N LEU A 93 10.58 12.82 3.98
CA LEU A 93 9.72 12.42 2.88
C LEU A 93 10.00 13.28 1.65
N ILE A 94 10.27 14.57 1.87
CA ILE A 94 10.57 15.51 0.79
C ILE A 94 11.80 15.04 0.03
N GLU A 95 12.78 14.57 0.79
CA GLU A 95 14.02 14.02 0.21
C GLU A 95 13.74 12.79 -0.65
N ILE A 96 12.78 11.99 -0.23
CA ILE A 96 12.37 10.82 -1.00
C ILE A 96 11.60 11.27 -2.25
N LEU A 97 10.78 12.29 -2.06
CA LEU A 97 9.97 12.88 -3.10
C LEU A 97 10.87 13.41 -4.23
N LYS A 98 11.96 14.06 -3.85
CA LYS A 98 12.95 14.56 -4.81
C LYS A 98 13.58 13.42 -5.59
N LYS A 99 13.82 12.33 -4.90
CA LYS A 99 14.50 11.19 -5.45
C LYS A 99 13.64 10.48 -6.50
N VAL A 100 12.33 10.41 -6.25
CA VAL A 100 11.41 9.81 -7.22
C VAL A 100 11.09 10.82 -8.34
N SER A 101 11.43 12.07 -8.10
CA SER A 101 11.30 13.09 -9.11
C SER A 101 12.46 12.97 -10.10
N GLN A 102 13.51 12.29 -9.69
CA GLN A 102 14.59 11.98 -10.58
C GLN A 102 14.27 10.65 -11.25
N GLN A 103 14.21 9.58 -10.45
CA GLN A 103 13.86 8.25 -10.96
C GLN A 103 13.08 7.45 -9.91
N THR A 104 13.80 6.79 -9.03
CA THR A 104 13.20 5.95 -8.01
C THR A 104 14.14 5.88 -6.80
N GLU A 105 15.27 5.28 -7.01
CA GLU A 105 16.29 5.09 -6.02
C GLU A 105 17.59 5.01 -6.76
N LYS A 106 18.72 5.04 -6.04
CA LYS A 106 20.06 4.93 -6.62
C LYS A 106 20.23 5.91 -7.78
N THR A 107 19.86 7.14 -7.55
CA THR A 107 19.82 8.19 -8.54
C THR A 107 21.21 8.73 -8.97
N THR A 108 22.24 7.99 -8.66
CA THR A 108 23.59 8.28 -9.05
C THR A 108 23.94 7.38 -10.27
N THR A 109 22.93 7.22 -11.08
CA THR A 109 22.86 6.41 -12.28
C THR A 109 24.10 6.57 -13.19
N VAL A 110 24.70 5.46 -13.60
CA VAL A 110 25.87 5.50 -14.45
C VAL A 110 25.49 5.41 -15.94
N LYS A 111 25.64 6.52 -16.62
CA LYS A 111 25.32 6.63 -18.03
C LYS A 111 26.37 7.47 -18.73
N PHE A 112 27.22 6.84 -19.50
CA PHE A 112 28.24 7.52 -20.26
C PHE A 112 28.85 6.51 -21.19
N ASN A 113 29.36 6.97 -22.33
CA ASN A 113 29.96 6.12 -23.35
C ASN A 113 31.09 5.26 -22.79
N GLY A 1 -10.08 -38.72 26.76
CA GLY A 1 -9.35 -37.90 27.70
C GLY A 1 -9.84 -38.16 29.08
N SER A 2 -9.83 -37.15 29.91
CA SER A 2 -10.35 -37.28 31.21
C SER A 2 -11.84 -36.92 31.16
N ALA A 3 -12.68 -37.80 31.71
CA ALA A 3 -14.14 -37.65 31.64
C ALA A 3 -14.61 -36.33 32.21
N ASP A 4 -14.00 -35.91 33.30
CA ASP A 4 -14.30 -34.62 33.94
C ASP A 4 -14.03 -33.46 32.99
N GLU A 5 -12.88 -33.51 32.35
CA GLU A 5 -12.44 -32.49 31.45
C GLU A 5 -13.35 -32.48 30.22
N GLU A 6 -13.56 -33.66 29.64
CA GLU A 6 -14.42 -33.81 28.47
C GLU A 6 -15.83 -33.31 28.74
N LEU A 7 -16.30 -33.52 29.96
CA LEU A 7 -17.63 -33.10 30.35
C LEU A 7 -17.71 -31.57 30.34
N GLU A 8 -16.71 -30.91 30.91
CA GLU A 8 -16.72 -29.46 30.94
C GLU A 8 -16.47 -28.90 29.54
N ALA A 9 -15.63 -29.58 28.77
CA ALA A 9 -15.35 -29.18 27.40
C ALA A 9 -16.61 -29.25 26.55
N LEU A 10 -17.41 -30.29 26.81
CA LEU A 10 -18.68 -30.49 26.16
C LEU A 10 -19.60 -29.31 26.51
N ARG A 11 -19.64 -28.97 27.79
CA ARG A 11 -20.44 -27.86 28.28
C ARG A 11 -19.99 -26.54 27.64
N ARG A 12 -18.69 -26.33 27.56
CA ARG A 12 -18.11 -25.13 26.96
C ARG A 12 -18.52 -25.02 25.50
N GLN A 13 -18.50 -26.14 24.80
CA GLN A 13 -18.90 -26.19 23.41
C GLN A 13 -20.38 -25.84 23.29
N ARG A 14 -21.21 -26.51 24.09
CA ARG A 14 -22.65 -26.27 24.09
C ARG A 14 -22.98 -24.82 24.39
N LEU A 15 -22.25 -24.25 25.35
CA LEU A 15 -22.42 -22.87 25.76
C LEU A 15 -22.07 -21.94 24.58
N ALA A 16 -20.98 -22.26 23.89
CA ALA A 16 -20.51 -21.47 22.77
C ALA A 16 -21.49 -21.51 21.60
N GLU A 17 -22.05 -22.68 21.31
CA GLU A 17 -23.01 -22.86 20.21
C GLU A 17 -24.24 -22.02 20.44
N LEU A 18 -24.69 -22.06 21.68
CA LEU A 18 -25.88 -21.35 22.12
C LEU A 18 -25.70 -19.84 21.88
N GLN A 19 -24.49 -19.37 22.06
CA GLN A 19 -24.20 -17.96 21.89
C GLN A 19 -23.61 -17.66 20.50
N ALA A 20 -23.63 -18.68 19.65
CA ALA A 20 -23.15 -18.61 18.26
C ALA A 20 -21.65 -18.32 18.13
N LYS A 21 -21.17 -18.37 16.93
CA LYS A 21 -19.80 -18.11 16.62
C LYS A 21 -19.77 -16.98 15.60
N HIS A 22 -18.61 -16.50 15.28
CA HIS A 22 -18.47 -15.51 14.23
C HIS A 22 -17.33 -15.92 13.33
N GLY A 23 -17.61 -16.89 12.52
CA GLY A 23 -16.68 -17.39 11.54
C GLY A 23 -17.37 -17.57 10.24
N ASP A 24 -18.46 -16.85 10.14
CA ASP A 24 -19.35 -16.87 9.00
C ASP A 24 -18.96 -15.74 8.04
N PRO A 25 -19.48 -15.76 6.79
CA PRO A 25 -19.19 -14.73 5.79
C PRO A 25 -20.18 -13.54 5.87
N GLY A 26 -20.54 -13.17 7.09
CA GLY A 26 -21.45 -12.07 7.32
C GLY A 26 -20.89 -10.71 6.92
N ASP A 27 -21.71 -9.68 7.08
CA ASP A 27 -21.40 -8.30 6.68
C ASP A 27 -20.08 -7.78 7.21
N ALA A 28 -19.84 -8.02 8.49
CA ALA A 28 -18.63 -7.54 9.13
C ALA A 28 -17.40 -8.21 8.55
N ALA A 29 -17.53 -9.49 8.21
CA ALA A 29 -16.40 -10.25 7.68
C ALA A 29 -15.99 -9.72 6.31
N GLN A 30 -16.95 -9.25 5.55
CA GLN A 30 -16.68 -8.68 4.26
C GLN A 30 -16.04 -7.31 4.41
N GLN A 31 -16.62 -6.49 5.28
CA GLN A 31 -16.14 -5.15 5.51
C GLN A 31 -14.72 -5.15 6.09
N GLU A 32 -14.47 -6.05 7.03
CA GLU A 32 -13.15 -6.15 7.65
C GLU A 32 -12.11 -6.56 6.65
N ALA A 33 -12.46 -7.48 5.74
CA ALA A 33 -11.52 -7.94 4.71
C ALA A 33 -11.09 -6.78 3.83
N LYS A 34 -12.05 -5.96 3.46
CA LYS A 34 -11.82 -4.79 2.61
C LYS A 34 -10.93 -3.79 3.37
N HIS A 35 -11.19 -3.65 4.65
CA HIS A 35 -10.42 -2.78 5.52
C HIS A 35 -8.99 -3.30 5.63
N ARG A 36 -8.84 -4.61 5.71
CA ARG A 36 -7.53 -5.25 5.80
C ARG A 36 -6.77 -5.09 4.49
N GLU A 37 -7.50 -5.00 3.36
CA GLU A 37 -6.86 -4.80 2.07
C GLU A 37 -6.15 -3.46 2.05
N ALA A 38 -6.79 -2.46 2.61
CA ALA A 38 -6.22 -1.14 2.72
C ALA A 38 -5.07 -1.13 3.72
N GLU A 39 -5.30 -1.77 4.88
CA GLU A 39 -4.29 -1.84 5.94
C GLU A 39 -3.01 -2.46 5.49
N MET A 40 -3.10 -3.46 4.62
CA MET A 40 -1.91 -4.17 4.12
C MET A 40 -0.85 -3.18 3.62
N ARG A 41 -1.26 -2.27 2.78
CA ARG A 41 -0.37 -1.21 2.32
C ARG A 41 -0.20 -0.14 3.39
N ASN A 42 -1.34 0.35 3.87
CA ASN A 42 -1.40 1.54 4.73
C ASN A 42 -0.62 1.40 6.04
N SER A 43 -0.68 0.24 6.67
CA SER A 43 -0.09 0.04 7.99
C SER A 43 1.40 0.35 8.02
N ILE A 44 2.16 -0.24 7.12
CA ILE A 44 3.58 -0.01 7.09
C ILE A 44 3.91 1.44 6.78
N LEU A 45 3.13 2.03 5.90
CA LEU A 45 3.29 3.41 5.51
C LEU A 45 2.99 4.35 6.68
N ALA A 46 1.83 4.19 7.27
CA ALA A 46 1.35 5.04 8.37
C ALA A 46 2.13 4.83 9.67
N GLN A 47 2.82 3.71 9.79
CA GLN A 47 3.64 3.50 10.99
C GLN A 47 4.99 4.18 10.84
N VAL A 48 5.56 4.13 9.63
CA VAL A 48 6.86 4.74 9.41
C VAL A 48 6.73 6.22 9.13
N LEU A 49 5.72 6.61 8.41
CA LEU A 49 5.50 8.01 8.15
C LEU A 49 4.90 8.63 9.36
N ASP A 50 5.46 9.72 9.78
CA ASP A 50 4.88 10.46 10.86
C ASP A 50 3.58 11.05 10.37
N GLN A 51 2.70 11.35 11.29
CA GLN A 51 1.40 11.96 11.01
C GLN A 51 1.55 13.18 10.07
N SER A 52 2.60 13.96 10.27
CA SER A 52 2.80 15.15 9.48
C SER A 52 3.25 14.79 8.06
N ALA A 53 4.02 13.71 7.95
CA ALA A 53 4.52 13.25 6.68
C ALA A 53 3.40 12.60 5.89
N ARG A 54 2.53 11.88 6.59
CA ARG A 54 1.39 11.23 5.98
C ARG A 54 0.45 12.32 5.46
N ALA A 55 0.28 13.36 6.26
CA ALA A 55 -0.54 14.52 5.87
C ALA A 55 0.07 15.21 4.65
N ARG A 56 1.39 15.41 4.66
CA ARG A 56 2.12 16.00 3.56
C ARG A 56 1.92 15.16 2.29
N LEU A 57 1.91 13.87 2.46
CA LEU A 57 1.75 12.97 1.36
C LEU A 57 0.32 13.00 0.82
N SER A 58 -0.64 13.12 1.72
CA SER A 58 -2.04 13.23 1.36
C SER A 58 -2.26 14.57 0.61
N ASN A 59 -1.42 15.53 0.90
CA ASN A 59 -1.39 16.81 0.21
C ASN A 59 -0.89 16.61 -1.22
N LEU A 60 0.24 15.94 -1.35
CA LEU A 60 0.84 15.65 -2.65
C LEU A 60 -0.07 14.80 -3.52
N ALA A 61 -0.86 13.96 -2.88
CA ALA A 61 -1.81 13.08 -3.56
C ALA A 61 -2.86 13.85 -4.35
N LEU A 62 -3.13 15.07 -3.93
CA LEU A 62 -4.13 15.88 -4.60
C LEU A 62 -3.52 16.71 -5.72
N VAL A 63 -2.21 16.90 -5.69
CA VAL A 63 -1.58 17.68 -6.72
C VAL A 63 -0.97 16.81 -7.82
N LYS A 64 -0.21 15.80 -7.44
CA LYS A 64 0.39 14.89 -8.40
C LYS A 64 0.59 13.51 -7.78
N PRO A 65 -0.39 12.61 -7.96
CA PRO A 65 -0.41 11.29 -7.32
C PRO A 65 0.69 10.36 -7.82
N GLU A 66 1.39 10.78 -8.89
CA GLU A 66 2.52 10.04 -9.44
C GLU A 66 3.52 9.84 -8.34
N LYS A 67 3.82 10.97 -7.70
CA LYS A 67 4.81 11.06 -6.68
C LYS A 67 4.35 10.29 -5.45
N THR A 68 3.05 10.34 -5.18
CA THR A 68 2.45 9.62 -4.07
C THR A 68 2.65 8.12 -4.23
N LYS A 69 2.29 7.60 -5.40
CA LYS A 69 2.43 6.19 -5.70
C LYS A 69 3.87 5.78 -5.64
N ALA A 70 4.74 6.62 -6.19
CA ALA A 70 6.16 6.37 -6.22
C ALA A 70 6.75 6.30 -4.82
N VAL A 71 6.46 7.30 -3.97
CA VAL A 71 6.99 7.26 -2.60
C VAL A 71 6.37 6.14 -1.78
N GLU A 72 5.06 5.90 -1.95
CA GLU A 72 4.41 4.85 -1.18
C GLU A 72 4.94 3.49 -1.56
N ASN A 73 5.14 3.26 -2.83
CA ASN A 73 5.65 2.00 -3.31
C ASN A 73 7.06 1.80 -2.79
N TYR A 74 7.83 2.90 -2.79
CA TYR A 74 9.17 2.88 -2.27
C TYR A 74 9.16 2.57 -0.78
N LEU A 75 8.33 3.31 -0.03
CA LEU A 75 8.21 3.11 1.42
C LEU A 75 7.68 1.72 1.78
N ILE A 76 6.75 1.18 0.98
CA ILE A 76 6.24 -0.19 1.18
C ILE A 76 7.41 -1.16 1.23
N GLN A 77 8.27 -1.07 0.25
CA GLN A 77 9.43 -1.93 0.17
C GLN A 77 10.45 -1.55 1.24
N MET A 78 10.70 -0.27 1.37
CA MET A 78 11.71 0.28 2.27
C MET A 78 11.42 -0.12 3.73
N ALA A 79 10.17 -0.03 4.13
CA ALA A 79 9.76 -0.39 5.48
C ALA A 79 9.77 -1.90 5.65
N ARG A 80 9.41 -2.62 4.59
CA ARG A 80 9.36 -4.08 4.65
C ARG A 80 10.76 -4.68 4.69
N TYR A 81 11.72 -4.01 4.05
CA TYR A 81 13.11 -4.47 4.07
C TYR A 81 13.80 -3.97 5.33
N GLY A 82 13.04 -3.27 6.16
CA GLY A 82 13.51 -2.82 7.45
C GLY A 82 14.51 -1.71 7.38
N GLN A 83 14.36 -0.79 6.44
CA GLN A 83 15.29 0.33 6.32
C GLN A 83 14.86 1.48 7.22
N LEU A 84 13.82 1.27 8.00
CA LEU A 84 13.35 2.25 8.96
C LEU A 84 13.29 1.64 10.33
N SER A 85 13.79 2.36 11.28
CA SER A 85 13.71 1.95 12.65
C SER A 85 12.79 2.90 13.40
N GLU A 86 12.57 4.07 12.82
CA GLU A 86 11.76 5.11 13.42
C GLU A 86 10.87 5.76 12.38
N LYS A 87 10.28 6.90 12.75
CA LYS A 87 9.44 7.66 11.88
C LYS A 87 10.22 8.45 10.85
N VAL A 88 9.56 8.67 9.76
CA VAL A 88 10.01 9.51 8.71
C VAL A 88 9.23 10.81 8.84
N SER A 89 9.91 11.87 9.16
CA SER A 89 9.30 13.18 9.27
C SER A 89 9.09 13.75 7.87
N GLU A 90 8.38 14.90 7.76
CA GLU A 90 8.13 15.54 6.46
C GLU A 90 9.41 15.76 5.71
N GLN A 91 10.41 16.32 6.39
CA GLN A 91 11.72 16.57 5.78
C GLN A 91 12.36 15.27 5.25
N GLY A 92 12.08 14.18 5.93
CA GLY A 92 12.60 12.89 5.52
C GLY A 92 11.89 12.40 4.29
N LEU A 93 10.58 12.59 4.27
CA LEU A 93 9.79 12.15 3.14
C LEU A 93 10.06 13.06 1.94
N ILE A 94 10.37 14.32 2.19
CA ILE A 94 10.74 15.26 1.14
C ILE A 94 12.02 14.78 0.44
N GLU A 95 12.87 14.12 1.20
CA GLU A 95 14.09 13.54 0.67
C GLU A 95 13.73 12.36 -0.26
N ILE A 96 12.67 11.66 0.08
CA ILE A 96 12.18 10.56 -0.76
C ILE A 96 11.50 11.16 -1.99
N LEU A 97 10.73 12.20 -1.75
CA LEU A 97 9.95 12.88 -2.76
C LEU A 97 10.84 13.46 -3.85
N LYS A 98 11.95 14.09 -3.47
CA LYS A 98 12.87 14.66 -4.44
C LYS A 98 13.46 13.56 -5.32
N LYS A 99 13.67 12.38 -4.72
CA LYS A 99 14.18 11.22 -5.46
C LYS A 99 13.17 10.77 -6.48
N VAL A 100 11.92 10.56 -6.06
CA VAL A 100 10.88 10.04 -6.96
C VAL A 100 10.51 11.04 -8.07
N SER A 101 10.85 12.30 -7.87
CA SER A 101 10.62 13.33 -8.87
C SER A 101 11.59 13.15 -10.05
N GLN A 102 12.66 12.45 -9.79
CA GLN A 102 13.64 12.13 -10.80
C GLN A 102 13.45 10.67 -11.16
N GLN A 103 13.82 9.84 -10.21
CA GLN A 103 13.77 8.40 -10.25
C GLN A 103 14.29 7.91 -8.91
N THR A 104 13.59 7.03 -8.30
CA THR A 104 13.95 6.57 -6.99
C THR A 104 14.58 5.21 -7.05
N GLU A 105 15.83 5.20 -7.49
CA GLU A 105 16.63 3.97 -7.60
C GLU A 105 16.04 3.05 -8.65
N LYS A 106 15.36 3.67 -9.61
CA LYS A 106 14.63 3.00 -10.66
C LYS A 106 15.62 2.33 -11.61
N THR A 107 16.79 2.92 -11.73
CA THR A 107 17.83 2.39 -12.55
C THR A 107 18.60 1.29 -11.81
N THR A 108 18.51 1.31 -10.50
CA THR A 108 19.24 0.39 -9.70
C THR A 108 18.36 -0.82 -9.33
N THR A 109 18.30 -1.75 -10.23
CA THR A 109 17.54 -2.95 -10.04
C THR A 109 18.45 -4.15 -10.25
N VAL A 110 18.27 -5.17 -9.45
CA VAL A 110 19.05 -6.38 -9.52
C VAL A 110 18.32 -7.45 -10.33
N LYS A 111 19.08 -8.29 -11.02
CA LYS A 111 18.51 -9.38 -11.77
C LYS A 111 18.06 -10.44 -10.78
N PHE A 112 16.78 -10.52 -10.55
CA PHE A 112 16.24 -11.46 -9.60
C PHE A 112 16.11 -12.82 -10.28
N ASN A 113 17.17 -13.57 -10.22
CA ASN A 113 17.23 -14.86 -10.86
C ASN A 113 17.35 -15.91 -9.79
N GLY A 1 -41.18 -3.32 5.30
CA GLY A 1 -40.91 -2.11 6.07
C GLY A 1 -42.14 -1.31 6.20
N SER A 2 -42.04 -0.01 6.06
CA SER A 2 -43.22 0.81 5.98
C SER A 2 -43.57 0.87 4.50
N ALA A 3 -44.86 0.99 4.18
CA ALA A 3 -45.34 0.97 2.79
C ALA A 3 -44.57 1.93 1.87
N ASP A 4 -44.41 3.15 2.33
CA ASP A 4 -43.72 4.19 1.57
C ASP A 4 -42.20 3.98 1.62
N GLU A 5 -41.73 3.38 2.68
CA GLU A 5 -40.33 3.12 2.93
C GLU A 5 -39.83 1.98 2.05
N GLU A 6 -40.57 0.89 2.04
CA GLU A 6 -40.19 -0.27 1.26
C GLU A 6 -40.32 0.02 -0.23
N LEU A 7 -41.21 0.96 -0.56
CA LEU A 7 -41.33 1.45 -1.92
C LEU A 7 -40.02 2.11 -2.34
N GLU A 8 -39.40 2.81 -1.40
CA GLU A 8 -38.10 3.44 -1.63
C GLU A 8 -37.03 2.37 -1.73
N ALA A 9 -37.04 1.45 -0.78
CA ALA A 9 -36.09 0.34 -0.73
C ALA A 9 -36.10 -0.46 -2.03
N LEU A 10 -37.29 -0.66 -2.56
CA LEU A 10 -37.46 -1.36 -3.82
C LEU A 10 -36.75 -0.63 -4.96
N ARG A 11 -36.77 0.69 -4.91
CA ARG A 11 -36.11 1.48 -5.93
C ARG A 11 -34.58 1.37 -5.77
N ARG A 12 -34.12 1.19 -4.54
CA ARG A 12 -32.69 0.92 -4.29
C ARG A 12 -32.33 -0.44 -4.86
N GLN A 13 -33.24 -1.38 -4.73
CA GLN A 13 -33.07 -2.71 -5.29
C GLN A 13 -33.00 -2.62 -6.82
N ARG A 14 -33.92 -1.85 -7.41
CA ARG A 14 -33.91 -1.56 -8.87
C ARG A 14 -32.55 -0.92 -9.24
N LEU A 15 -32.05 -0.08 -8.35
CA LEU A 15 -30.80 0.64 -8.53
C LEU A 15 -29.61 -0.34 -8.61
N ALA A 16 -29.69 -1.41 -7.86
CA ALA A 16 -28.64 -2.43 -7.87
C ALA A 16 -28.60 -3.14 -9.24
N GLU A 17 -29.75 -3.24 -9.87
CA GLU A 17 -29.89 -3.85 -11.18
C GLU A 17 -29.40 -2.88 -12.23
N LEU A 18 -29.71 -1.63 -11.98
CA LEU A 18 -29.32 -0.54 -12.83
C LEU A 18 -27.82 -0.39 -12.86
N GLN A 19 -27.23 -0.43 -11.70
CA GLN A 19 -25.80 -0.39 -11.60
C GLN A 19 -25.25 -1.79 -11.67
N ALA A 20 -25.45 -2.38 -12.82
CA ALA A 20 -24.91 -3.69 -13.16
C ALA A 20 -24.06 -3.54 -14.41
N LYS A 21 -23.41 -2.40 -14.50
CA LYS A 21 -22.58 -2.01 -15.63
C LYS A 21 -21.41 -2.99 -15.82
N HIS A 22 -21.03 -3.18 -17.05
CA HIS A 22 -19.94 -4.10 -17.39
C HIS A 22 -18.57 -3.44 -17.19
N GLY A 23 -18.57 -2.13 -17.17
CA GLY A 23 -17.34 -1.38 -16.98
C GLY A 23 -17.16 -0.97 -15.55
N ASP A 24 -17.91 -1.58 -14.67
CA ASP A 24 -17.84 -1.29 -13.25
C ASP A 24 -18.10 -2.56 -12.47
N PRO A 25 -17.25 -2.89 -11.48
CA PRO A 25 -17.40 -4.12 -10.69
C PRO A 25 -18.70 -4.16 -9.87
N GLY A 26 -19.25 -3.02 -9.58
CA GLY A 26 -20.44 -2.94 -8.81
C GLY A 26 -20.25 -1.93 -7.72
N ASP A 27 -21.34 -1.39 -7.23
CA ASP A 27 -21.28 -0.35 -6.21
C ASP A 27 -20.67 -0.87 -4.92
N ALA A 28 -21.07 -2.06 -4.54
CA ALA A 28 -20.56 -2.69 -3.34
C ALA A 28 -19.10 -3.04 -3.50
N ALA A 29 -18.79 -3.63 -4.64
CA ALA A 29 -17.46 -4.10 -4.97
C ALA A 29 -16.43 -2.98 -4.92
N GLN A 30 -16.79 -1.81 -5.46
CA GLN A 30 -15.89 -0.64 -5.46
C GLN A 30 -15.41 -0.31 -4.06
N GLN A 31 -16.34 -0.27 -3.13
CA GLN A 31 -16.04 0.10 -1.75
C GLN A 31 -15.07 -0.89 -1.13
N GLU A 32 -15.35 -2.16 -1.31
CA GLU A 32 -14.56 -3.21 -0.71
C GLU A 32 -13.19 -3.35 -1.37
N ALA A 33 -13.13 -3.20 -2.68
CA ALA A 33 -11.87 -3.25 -3.41
C ALA A 33 -11.00 -2.07 -3.01
N LYS A 34 -11.61 -0.90 -2.91
CA LYS A 34 -10.90 0.30 -2.53
C LYS A 34 -10.41 0.19 -1.10
N HIS A 35 -11.26 -0.34 -0.23
CA HIS A 35 -10.93 -0.52 1.18
C HIS A 35 -9.73 -1.46 1.31
N ARG A 36 -9.62 -2.42 0.40
CA ARG A 36 -8.48 -3.32 0.38
C ARG A 36 -7.22 -2.56 0.00
N GLU A 37 -7.33 -1.73 -1.05
CA GLU A 37 -6.24 -0.88 -1.53
C GLU A 37 -5.76 0.04 -0.41
N ALA A 38 -6.71 0.60 0.30
CA ALA A 38 -6.45 1.51 1.39
C ALA A 38 -5.76 0.83 2.56
N GLU A 39 -6.36 -0.24 3.07
CA GLU A 39 -5.81 -0.96 4.25
C GLU A 39 -4.39 -1.47 4.04
N MET A 40 -4.10 -1.98 2.84
CA MET A 40 -2.76 -2.50 2.54
C MET A 40 -1.69 -1.42 2.70
N ARG A 41 -1.96 -0.27 2.13
CA ARG A 41 -1.04 0.84 2.17
C ARG A 41 -1.01 1.53 3.53
N ASN A 42 -2.18 1.94 3.99
CA ASN A 42 -2.32 2.78 5.21
C ASN A 42 -1.79 2.14 6.48
N SER A 43 -1.79 0.83 6.55
CA SER A 43 -1.31 0.16 7.75
C SER A 43 0.20 0.30 7.91
N ILE A 44 0.95 0.00 6.85
CA ILE A 44 2.39 0.09 6.92
C ILE A 44 2.87 1.53 6.85
N LEU A 45 2.19 2.35 6.06
CA LEU A 45 2.52 3.77 5.95
C LEU A 45 2.37 4.48 7.30
N ALA A 46 1.41 4.02 8.12
CA ALA A 46 1.20 4.61 9.44
C ALA A 46 2.38 4.31 10.35
N GLN A 47 2.98 3.16 10.15
CA GLN A 47 4.09 2.74 10.97
C GLN A 47 5.33 3.56 10.64
N VAL A 48 5.56 3.77 9.38
CA VAL A 48 6.77 4.46 8.91
C VAL A 48 6.62 5.95 8.97
N LEU A 49 5.51 6.44 8.54
CA LEU A 49 5.34 7.85 8.43
C LEU A 49 4.67 8.46 9.64
N ASP A 50 5.28 9.49 10.12
CA ASP A 50 4.72 10.35 11.15
C ASP A 50 3.44 10.98 10.61
N GLN A 51 2.57 11.36 11.51
CA GLN A 51 1.28 11.98 11.20
C GLN A 51 1.48 13.18 10.24
N SER A 52 2.54 13.93 10.48
CA SER A 52 2.83 15.13 9.72
C SER A 52 3.20 14.77 8.28
N ALA A 53 3.93 13.68 8.13
CA ALA A 53 4.39 13.23 6.83
C ALA A 53 3.21 12.72 6.03
N ARG A 54 2.28 12.10 6.70
CA ARG A 54 1.09 11.58 6.05
C ARG A 54 0.12 12.67 5.67
N ALA A 55 0.12 13.76 6.39
CA ALA A 55 -0.67 14.93 6.03
C ALA A 55 -0.09 15.53 4.74
N ARG A 56 1.24 15.62 4.71
CA ARG A 56 1.95 16.11 3.56
C ARG A 56 1.73 15.16 2.37
N LEU A 57 1.77 13.86 2.65
CA LEU A 57 1.52 12.79 1.66
C LEU A 57 0.16 12.98 1.00
N SER A 58 -0.84 13.22 1.82
CA SER A 58 -2.19 13.44 1.36
C SER A 58 -2.26 14.66 0.44
N ASN A 59 -1.57 15.72 0.82
CA ASN A 59 -1.47 16.93 0.01
C ASN A 59 -0.84 16.64 -1.36
N LEU A 60 0.22 15.83 -1.36
CA LEU A 60 0.88 15.43 -2.61
C LEU A 60 -0.05 14.63 -3.50
N ALA A 61 -0.90 13.82 -2.89
CA ALA A 61 -1.87 12.99 -3.60
C ALA A 61 -2.87 13.84 -4.37
N LEU A 62 -3.15 15.01 -3.83
CA LEU A 62 -4.12 15.92 -4.41
C LEU A 62 -3.52 16.74 -5.53
N VAL A 63 -2.22 16.90 -5.53
CA VAL A 63 -1.58 17.70 -6.56
C VAL A 63 -0.87 16.87 -7.64
N LYS A 64 -0.20 15.81 -7.23
CA LYS A 64 0.52 14.98 -8.18
C LYS A 64 0.62 13.51 -7.70
N PRO A 65 -0.46 12.72 -7.99
CA PRO A 65 -0.59 11.32 -7.54
C PRO A 65 0.54 10.44 -8.02
N GLU A 66 1.19 10.87 -9.09
CA GLU A 66 2.33 10.18 -9.67
C GLU A 66 3.43 10.01 -8.64
N LYS A 67 3.71 11.08 -7.92
CA LYS A 67 4.75 11.07 -6.93
C LYS A 67 4.28 10.40 -5.67
N THR A 68 3.00 10.48 -5.39
CA THR A 68 2.41 9.83 -4.24
C THR A 68 2.57 8.32 -4.36
N LYS A 69 2.19 7.80 -5.52
CA LYS A 69 2.26 6.38 -5.81
C LYS A 69 3.72 5.93 -5.79
N ALA A 70 4.59 6.82 -6.20
CA ALA A 70 6.01 6.55 -6.22
C ALA A 70 6.58 6.48 -4.80
N VAL A 71 6.22 7.45 -3.95
CA VAL A 71 6.69 7.41 -2.57
C VAL A 71 6.04 6.25 -1.82
N GLU A 72 4.75 5.99 -2.07
CA GLU A 72 4.06 4.86 -1.44
C GLU A 72 4.81 3.57 -1.74
N ASN A 73 5.10 3.35 -3.03
CA ASN A 73 5.83 2.17 -3.48
C ASN A 73 7.17 2.07 -2.77
N TYR A 74 7.85 3.20 -2.66
CA TYR A 74 9.15 3.27 -2.03
C TYR A 74 9.05 2.94 -0.54
N LEU A 75 8.10 3.56 0.16
CA LEU A 75 7.92 3.30 1.59
C LEU A 75 7.50 1.86 1.88
N ILE A 76 6.65 1.28 1.02
CA ILE A 76 6.24 -0.13 1.14
C ILE A 76 7.51 -1.01 1.16
N GLN A 77 8.42 -0.72 0.25
CA GLN A 77 9.66 -1.45 0.14
C GLN A 77 10.64 -1.07 1.25
N MET A 78 10.66 0.20 1.61
CA MET A 78 11.54 0.75 2.65
C MET A 78 11.27 0.04 3.98
N ALA A 79 9.99 -0.19 4.26
CA ALA A 79 9.56 -0.91 5.44
C ALA A 79 9.95 -2.39 5.33
N ARG A 80 9.92 -2.90 4.10
CA ARG A 80 10.26 -4.28 3.80
C ARG A 80 11.75 -4.52 4.08
N TYR A 81 12.58 -3.54 3.73
CA TYR A 81 14.01 -3.62 4.03
C TYR A 81 14.24 -3.47 5.52
N GLY A 82 13.40 -2.67 6.17
CA GLY A 82 13.53 -2.47 7.59
C GLY A 82 14.51 -1.39 7.87
N GLN A 83 14.47 -0.36 7.05
CA GLN A 83 15.41 0.73 7.15
C GLN A 83 14.89 1.86 7.99
N LEU A 84 13.80 1.60 8.66
CA LEU A 84 13.22 2.59 9.54
C LEU A 84 13.25 2.05 10.94
N SER A 85 13.21 2.93 11.89
CA SER A 85 13.07 2.55 13.25
C SER A 85 11.62 2.75 13.64
N GLU A 86 11.17 3.99 13.53
CA GLU A 86 9.83 4.42 13.89
C GLU A 86 9.40 5.52 12.93
N LYS A 87 8.44 6.33 13.34
CA LYS A 87 7.89 7.37 12.46
C LYS A 87 8.95 8.37 11.96
N VAL A 88 8.99 8.52 10.67
CA VAL A 88 9.84 9.47 9.98
C VAL A 88 8.99 10.70 9.69
N SER A 89 9.55 11.87 9.88
CA SER A 89 8.83 13.11 9.72
C SER A 89 8.80 13.58 8.24
N GLU A 90 8.22 14.76 8.02
CA GLU A 90 8.06 15.34 6.68
C GLU A 90 9.37 15.48 5.94
N GLN A 91 10.41 15.93 6.64
CA GLN A 91 11.70 16.18 6.00
C GLN A 91 12.23 14.93 5.33
N GLY A 92 12.13 13.79 6.00
CA GLY A 92 12.58 12.53 5.42
C GLY A 92 11.78 12.18 4.18
N LEU A 93 10.48 12.41 4.24
CA LEU A 93 9.59 12.15 3.11
C LEU A 93 9.93 13.05 1.93
N ILE A 94 10.22 14.31 2.21
CA ILE A 94 10.59 15.30 1.20
C ILE A 94 11.92 14.89 0.52
N GLU A 95 12.78 14.22 1.27
CA GLU A 95 14.02 13.72 0.72
C GLU A 95 13.73 12.59 -0.26
N ILE A 96 12.86 11.68 0.16
CA ILE A 96 12.44 10.54 -0.65
C ILE A 96 11.72 11.04 -1.93
N LEU A 97 10.95 12.11 -1.75
CA LEU A 97 10.21 12.72 -2.83
C LEU A 97 11.13 13.16 -3.97
N LYS A 98 12.34 13.68 -3.63
CA LYS A 98 13.27 14.15 -4.66
C LYS A 98 13.69 12.96 -5.53
N LYS A 99 13.98 11.87 -4.85
CA LYS A 99 14.50 10.65 -5.44
C LYS A 99 13.51 10.12 -6.48
N VAL A 100 12.26 9.99 -6.07
CA VAL A 100 11.22 9.44 -6.95
C VAL A 100 10.76 10.43 -8.02
N SER A 101 11.02 11.71 -7.82
CA SER A 101 10.69 12.70 -8.80
C SER A 101 11.57 12.58 -10.04
N GLN A 102 12.77 12.08 -9.86
CA GLN A 102 13.66 11.90 -10.99
C GLN A 102 13.72 10.46 -11.40
N GLN A 103 13.96 9.60 -10.44
CA GLN A 103 14.06 8.19 -10.68
C GLN A 103 13.29 7.45 -9.59
N THR A 104 14.00 7.03 -8.56
CA THR A 104 13.48 6.31 -7.40
C THR A 104 14.65 6.18 -6.43
N GLU A 105 15.76 5.77 -6.98
CA GLU A 105 16.99 5.57 -6.27
C GLU A 105 18.07 5.70 -7.32
N LYS A 106 19.35 5.55 -6.92
CA LYS A 106 20.51 5.57 -7.87
C LYS A 106 20.67 6.90 -8.62
N THR A 107 19.95 7.90 -8.19
CA THR A 107 19.98 9.19 -8.79
C THR A 107 21.26 9.94 -8.38
N THR A 108 22.16 10.11 -9.33
CA THR A 108 23.42 10.75 -9.09
C THR A 108 23.26 12.25 -8.87
N THR A 109 23.03 12.56 -7.63
CA THR A 109 22.83 13.89 -7.08
C THR A 109 23.01 13.70 -5.58
N VAL A 110 22.60 12.53 -5.13
CA VAL A 110 22.88 12.04 -3.79
C VAL A 110 24.08 11.12 -3.99
N LYS A 111 24.92 10.99 -3.00
CA LYS A 111 26.12 10.21 -3.17
C LYS A 111 25.85 8.72 -2.89
N PHE A 112 25.40 8.03 -3.93
CA PHE A 112 25.13 6.60 -3.86
C PHE A 112 26.40 5.80 -4.03
N ASN A 113 26.73 5.08 -3.02
CA ASN A 113 27.93 4.29 -2.97
C ASN A 113 27.74 3.11 -2.07
N GLY A 1 -12.07 -48.76 21.60
CA GLY A 1 -11.41 -49.83 20.88
C GLY A 1 -12.20 -50.22 19.67
N SER A 2 -12.03 -49.49 18.59
CA SER A 2 -12.78 -49.70 17.40
C SER A 2 -12.01 -49.08 16.25
N ALA A 3 -12.54 -49.17 15.07
CA ALA A 3 -11.89 -48.59 13.94
C ALA A 3 -12.40 -47.18 13.71
N ASP A 4 -13.68 -47.09 13.44
CA ASP A 4 -14.34 -45.86 13.08
C ASP A 4 -14.50 -44.93 14.26
N GLU A 5 -14.85 -45.50 15.40
CA GLU A 5 -15.12 -44.74 16.62
C GLU A 5 -13.88 -43.94 17.04
N GLU A 6 -12.72 -44.58 17.02
CA GLU A 6 -11.48 -43.92 17.43
C GLU A 6 -11.16 -42.79 16.47
N LEU A 7 -11.38 -43.05 15.20
CA LEU A 7 -11.08 -42.10 14.15
C LEU A 7 -11.95 -40.85 14.28
N GLU A 8 -13.24 -41.04 14.52
CA GLU A 8 -14.11 -39.89 14.65
C GLU A 8 -13.93 -39.19 15.98
N ALA A 9 -13.64 -39.96 17.02
CA ALA A 9 -13.31 -39.40 18.33
C ALA A 9 -12.10 -38.50 18.20
N LEU A 10 -11.10 -39.00 17.49
CA LEU A 10 -9.89 -38.27 17.21
C LEU A 10 -10.21 -36.99 16.46
N ARG A 11 -11.07 -37.09 15.46
CA ARG A 11 -11.45 -35.94 14.68
C ARG A 11 -12.20 -34.92 15.54
N ARG A 12 -13.14 -35.39 16.35
CA ARG A 12 -13.91 -34.52 17.27
C ARG A 12 -12.96 -33.78 18.16
N GLN A 13 -12.04 -34.52 18.73
CA GLN A 13 -11.05 -33.99 19.64
C GLN A 13 -10.11 -33.01 18.92
N ARG A 14 -9.68 -33.35 17.72
CA ARG A 14 -8.88 -32.44 16.92
C ARG A 14 -9.66 -31.18 16.54
N LEU A 15 -10.93 -31.32 16.25
CA LEU A 15 -11.78 -30.19 15.91
C LEU A 15 -12.02 -29.33 17.15
N ALA A 16 -12.03 -29.98 18.30
CA ALA A 16 -12.25 -29.33 19.57
C ALA A 16 -11.05 -28.48 19.94
N GLU A 17 -9.92 -28.89 19.44
CA GLU A 17 -8.69 -28.17 19.61
C GLU A 17 -8.58 -27.04 18.59
N LEU A 18 -8.86 -27.37 17.36
CA LEU A 18 -8.71 -26.45 16.25
C LEU A 18 -9.72 -25.29 16.39
N GLN A 19 -11.00 -25.65 16.54
CA GLN A 19 -12.11 -24.69 16.74
C GLN A 19 -12.29 -23.72 15.58
N ALA A 20 -11.83 -24.11 14.40
CA ALA A 20 -11.92 -23.28 13.24
C ALA A 20 -12.03 -24.13 12.00
N LYS A 21 -12.45 -23.52 10.93
CA LYS A 21 -12.58 -24.18 9.67
C LYS A 21 -12.00 -23.31 8.59
N HIS A 22 -10.70 -23.20 8.62
CA HIS A 22 -9.98 -22.29 7.74
C HIS A 22 -9.42 -23.08 6.56
N GLY A 23 -9.64 -24.39 6.59
CA GLY A 23 -9.22 -25.25 5.52
C GLY A 23 -10.00 -24.94 4.28
N ASP A 24 -11.28 -24.70 4.47
CA ASP A 24 -12.17 -24.32 3.41
C ASP A 24 -11.90 -22.86 3.05
N PRO A 25 -11.49 -22.59 1.81
CA PRO A 25 -11.22 -21.23 1.36
C PRO A 25 -12.47 -20.35 1.38
N GLY A 26 -13.52 -20.79 0.66
CA GLY A 26 -14.73 -20.02 0.51
C GLY A 26 -14.42 -18.62 0.06
N ASP A 27 -15.00 -17.67 0.72
CA ASP A 27 -14.68 -16.26 0.47
C ASP A 27 -13.78 -15.77 1.57
N ALA A 28 -13.64 -16.59 2.61
CA ALA A 28 -12.86 -16.27 3.80
C ALA A 28 -11.37 -16.19 3.49
N ALA A 29 -10.96 -16.94 2.49
CA ALA A 29 -9.57 -16.96 2.02
C ALA A 29 -9.14 -15.57 1.54
N GLN A 30 -9.90 -15.03 0.61
CA GLN A 30 -9.60 -13.71 0.07
C GLN A 30 -9.93 -12.63 1.08
N GLN A 31 -10.85 -12.93 1.98
CA GLN A 31 -11.22 -12.03 3.06
C GLN A 31 -10.02 -11.86 4.01
N GLU A 32 -9.29 -12.93 4.23
CA GLU A 32 -8.10 -12.88 5.04
C GLU A 32 -6.98 -12.17 4.29
N ALA A 33 -6.81 -12.52 3.03
CA ALA A 33 -5.79 -11.92 2.18
C ALA A 33 -5.97 -10.41 2.10
N LYS A 34 -7.21 -9.98 1.90
CA LYS A 34 -7.55 -8.56 1.82
C LYS A 34 -7.23 -7.86 3.14
N HIS A 35 -7.55 -8.52 4.25
CA HIS A 35 -7.28 -7.97 5.57
C HIS A 35 -5.79 -7.81 5.75
N ARG A 36 -5.03 -8.82 5.29
CA ARG A 36 -3.58 -8.82 5.38
C ARG A 36 -2.97 -7.69 4.57
N GLU A 37 -3.63 -7.31 3.49
CA GLU A 37 -3.17 -6.20 2.67
C GLU A 37 -3.30 -4.92 3.44
N ALA A 38 -4.48 -4.72 4.01
CA ALA A 38 -4.79 -3.53 4.77
C ALA A 38 -3.88 -3.40 5.99
N GLU A 39 -3.82 -4.46 6.80
CA GLU A 39 -3.06 -4.41 8.04
C GLU A 39 -1.56 -4.22 7.80
N MET A 40 -1.01 -4.92 6.81
CA MET A 40 0.43 -4.83 6.51
C MET A 40 0.78 -3.43 6.07
N ARG A 41 0.01 -2.93 5.14
CA ARG A 41 0.20 -1.61 4.56
C ARG A 41 0.05 -0.54 5.64
N ASN A 42 -1.04 -0.63 6.39
CA ASN A 42 -1.35 0.34 7.44
C ASN A 42 -0.28 0.36 8.53
N SER A 43 0.10 -0.82 9.01
CA SER A 43 1.07 -0.94 10.07
C SER A 43 2.39 -0.27 9.72
N ILE A 44 2.91 -0.54 8.53
CA ILE A 44 4.17 0.04 8.17
C ILE A 44 4.04 1.53 7.89
N LEU A 45 3.05 1.94 7.12
CA LEU A 45 2.90 3.34 6.76
C LEU A 45 2.55 4.22 7.96
N ALA A 46 1.90 3.66 8.97
CA ALA A 46 1.54 4.43 10.14
C ALA A 46 2.70 4.56 11.11
N GLN A 47 3.56 3.56 11.17
CA GLN A 47 4.70 3.63 12.08
C GLN A 47 5.88 4.31 11.41
N VAL A 48 6.14 3.94 10.17
CA VAL A 48 7.27 4.46 9.42
C VAL A 48 7.05 5.92 9.06
N LEU A 49 5.88 6.24 8.61
CA LEU A 49 5.61 7.61 8.30
C LEU A 49 5.04 8.29 9.48
N ASP A 50 5.64 9.39 9.85
CA ASP A 50 5.13 10.24 10.90
C ASP A 50 3.75 10.75 10.49
N GLN A 51 2.93 11.05 11.46
CA GLN A 51 1.56 11.51 11.23
C GLN A 51 1.52 12.74 10.32
N SER A 52 2.54 13.55 10.39
CA SER A 52 2.62 14.77 9.61
C SER A 52 3.03 14.42 8.17
N ALA A 53 3.76 13.32 8.05
CA ALA A 53 4.22 12.86 6.77
C ALA A 53 3.06 12.34 5.96
N ARG A 54 2.09 11.70 6.63
CA ARG A 54 0.91 11.24 5.91
C ARG A 54 0.02 12.41 5.51
N ALA A 55 0.09 13.49 6.27
CA ALA A 55 -0.63 14.71 5.94
C ALA A 55 -0.02 15.32 4.68
N ARG A 56 1.31 15.34 4.64
CA ARG A 56 2.05 15.81 3.50
C ARG A 56 1.76 14.91 2.28
N LEU A 57 1.69 13.62 2.54
CA LEU A 57 1.38 12.61 1.52
C LEU A 57 0.01 12.87 0.90
N SER A 58 -0.95 13.20 1.74
CA SER A 58 -2.30 13.51 1.33
C SER A 58 -2.32 14.75 0.43
N ASN A 59 -1.57 15.77 0.83
CA ASN A 59 -1.43 17.01 0.05
C ASN A 59 -0.77 16.73 -1.31
N LEU A 60 0.19 15.81 -1.29
CA LEU A 60 0.95 15.44 -2.47
C LEU A 60 0.01 14.82 -3.52
N ALA A 61 -1.00 14.12 -3.03
CA ALA A 61 -2.01 13.48 -3.89
C ALA A 61 -2.81 14.53 -4.68
N LEU A 62 -2.84 15.75 -4.19
CA LEU A 62 -3.53 16.83 -4.86
C LEU A 62 -2.69 17.37 -5.99
N VAL A 63 -1.39 17.35 -5.84
CA VAL A 63 -0.52 17.91 -6.85
C VAL A 63 -0.15 16.90 -7.95
N LYS A 64 0.47 15.79 -7.57
CA LYS A 64 0.87 14.75 -8.53
C LYS A 64 0.78 13.38 -7.90
N PRO A 65 -0.30 12.62 -8.21
CA PRO A 65 -0.54 11.28 -7.61
C PRO A 65 0.51 10.26 -8.01
N GLU A 66 1.21 10.56 -9.10
CA GLU A 66 2.29 9.70 -9.59
C GLU A 66 3.37 9.62 -8.54
N LYS A 67 3.71 10.75 -7.99
CA LYS A 67 4.74 10.83 -6.98
C LYS A 67 4.23 10.28 -5.64
N THR A 68 2.92 10.43 -5.41
CA THR A 68 2.29 9.93 -4.20
C THR A 68 2.44 8.40 -4.16
N LYS A 69 2.05 7.73 -5.25
CA LYS A 69 2.15 6.28 -5.32
C LYS A 69 3.60 5.84 -5.31
N ALA A 70 4.48 6.68 -5.85
CA ALA A 70 5.88 6.39 -5.91
C ALA A 70 6.48 6.38 -4.50
N VAL A 71 6.22 7.42 -3.71
CA VAL A 71 6.71 7.45 -2.35
C VAL A 71 6.07 6.36 -1.49
N GLU A 72 4.77 6.10 -1.68
CA GLU A 72 4.08 5.04 -0.95
C GLU A 72 4.74 3.67 -1.23
N ASN A 73 4.93 3.37 -2.51
CA ASN A 73 5.58 2.15 -2.97
C ASN A 73 6.98 2.04 -2.36
N TYR A 74 7.69 3.17 -2.37
CA TYR A 74 9.04 3.25 -1.85
C TYR A 74 9.07 2.94 -0.36
N LEU A 75 8.21 3.58 0.42
CA LEU A 75 8.17 3.32 1.86
C LEU A 75 7.79 1.89 2.18
N ILE A 76 6.83 1.33 1.45
CA ILE A 76 6.44 -0.06 1.62
C ILE A 76 7.65 -0.99 1.42
N GLN A 77 8.42 -0.68 0.41
CA GLN A 77 9.60 -1.46 0.09
C GLN A 77 10.70 -1.24 1.12
N MET A 78 11.00 0.02 1.38
CA MET A 78 12.09 0.40 2.26
C MET A 78 11.83 -0.11 3.70
N ALA A 79 10.56 -0.10 4.11
CA ALA A 79 10.19 -0.59 5.43
C ALA A 79 10.28 -2.11 5.49
N ARG A 80 9.85 -2.77 4.42
CA ARG A 80 9.86 -4.24 4.33
C ARG A 80 11.28 -4.79 4.43
N TYR A 81 12.25 -3.99 3.98
CA TYR A 81 13.65 -4.41 4.02
C TYR A 81 14.26 -4.23 5.43
N GLY A 82 13.40 -3.93 6.40
CA GLY A 82 13.82 -3.81 7.79
C GLY A 82 14.67 -2.59 8.04
N GLN A 83 14.54 -1.61 7.19
CA GLN A 83 15.32 -0.43 7.30
C GLN A 83 14.55 0.70 7.97
N LEU A 84 13.27 0.48 8.22
CA LEU A 84 12.44 1.43 8.93
C LEU A 84 11.59 0.76 9.95
N SER A 85 11.19 1.54 10.91
CA SER A 85 10.35 1.16 12.00
C SER A 85 9.96 2.43 12.74
N GLU A 86 10.95 3.31 12.86
CA GLU A 86 10.78 4.59 13.50
C GLU A 86 10.25 5.63 12.52
N LYS A 87 9.82 6.75 13.07
CA LYS A 87 9.17 7.81 12.33
C LYS A 87 10.08 8.53 11.35
N VAL A 88 9.70 8.48 10.11
CA VAL A 88 10.27 9.28 9.07
C VAL A 88 9.43 10.53 9.03
N SER A 89 10.05 11.64 9.25
CA SER A 89 9.35 12.89 9.31
C SER A 89 9.13 13.45 7.91
N GLU A 90 8.47 14.60 7.82
CA GLU A 90 8.18 15.25 6.56
C GLU A 90 9.46 15.53 5.78
N GLN A 91 10.48 15.96 6.51
CA GLN A 91 11.80 16.26 5.93
C GLN A 91 12.39 15.02 5.22
N GLY A 92 12.10 13.85 5.74
CA GLY A 92 12.57 12.63 5.16
C GLY A 92 11.76 12.29 3.93
N LEU A 93 10.45 12.42 4.05
CA LEU A 93 9.53 12.12 2.95
C LEU A 93 9.81 13.05 1.77
N ILE A 94 10.12 14.31 2.06
CA ILE A 94 10.45 15.29 1.04
C ILE A 94 11.70 14.88 0.26
N GLU A 95 12.67 14.28 0.94
CA GLU A 95 13.86 13.80 0.26
C GLU A 95 13.51 12.63 -0.64
N ILE A 96 12.67 11.75 -0.14
CA ILE A 96 12.20 10.60 -0.91
C ILE A 96 11.41 11.09 -2.13
N LEU A 97 10.66 12.16 -1.92
CA LEU A 97 9.90 12.79 -2.98
C LEU A 97 10.83 13.28 -4.08
N LYS A 98 11.97 13.85 -3.70
CA LYS A 98 12.96 14.33 -4.66
C LYS A 98 13.43 13.18 -5.53
N LYS A 99 13.74 12.07 -4.88
CA LYS A 99 14.25 10.87 -5.53
C LYS A 99 13.26 10.31 -6.56
N VAL A 100 11.99 10.26 -6.18
CA VAL A 100 10.97 9.71 -7.09
C VAL A 100 10.57 10.70 -8.18
N SER A 101 10.78 11.98 -7.94
CA SER A 101 10.51 12.97 -8.95
C SER A 101 11.66 12.96 -9.97
N GLN A 102 12.84 12.64 -9.47
CA GLN A 102 14.05 12.55 -10.24
C GLN A 102 14.03 11.32 -11.13
N GLN A 103 13.82 10.18 -10.53
CA GLN A 103 13.75 8.94 -11.21
C GLN A 103 13.08 7.89 -10.33
N THR A 104 13.85 7.31 -9.44
CA THR A 104 13.39 6.30 -8.54
C THR A 104 14.17 6.39 -7.22
N GLU A 105 15.40 5.93 -7.29
CA GLU A 105 16.30 5.86 -6.15
C GLU A 105 17.69 5.88 -6.74
N LYS A 106 17.85 5.02 -7.73
CA LYS A 106 19.08 4.75 -8.46
C LYS A 106 19.98 3.89 -7.62
N THR A 107 19.56 2.66 -7.40
CA THR A 107 20.33 1.76 -6.61
C THR A 107 21.30 1.00 -7.52
N THR A 108 20.77 0.21 -8.42
CA THR A 108 21.58 -0.51 -9.36
C THR A 108 21.66 0.29 -10.67
N THR A 109 22.77 0.92 -10.89
CA THR A 109 22.99 1.71 -12.06
C THR A 109 23.49 0.84 -13.21
N VAL A 110 22.80 0.88 -14.33
CA VAL A 110 23.17 0.07 -15.48
C VAL A 110 24.38 0.68 -16.21
N LYS A 111 25.52 0.08 -16.00
CA LYS A 111 26.77 0.56 -16.59
C LYS A 111 27.45 -0.56 -17.36
N PHE A 112 26.73 -1.60 -17.59
CA PHE A 112 27.22 -2.78 -18.27
C PHE A 112 26.00 -3.59 -18.63
N ASN A 113 26.15 -4.62 -19.40
CA ASN A 113 25.03 -5.44 -19.77
C ASN A 113 25.40 -6.88 -19.57
N GLY A 1 -42.05 -19.36 -23.85
CA GLY A 1 -40.74 -19.79 -24.30
C GLY A 1 -40.66 -19.86 -25.79
N SER A 2 -39.54 -19.46 -26.33
CA SER A 2 -39.25 -19.46 -27.75
C SER A 2 -37.75 -19.33 -27.89
N ALA A 3 -37.08 -20.44 -28.15
CA ALA A 3 -35.61 -20.54 -28.17
C ALA A 3 -34.95 -19.45 -29.00
N ASP A 4 -35.43 -19.25 -30.21
CA ASP A 4 -34.83 -18.27 -31.14
C ASP A 4 -35.04 -16.86 -30.61
N GLU A 5 -36.23 -16.62 -30.11
CA GLU A 5 -36.63 -15.33 -29.58
C GLU A 5 -35.78 -15.00 -28.35
N GLU A 6 -35.63 -15.99 -27.49
CA GLU A 6 -34.87 -15.87 -26.26
C GLU A 6 -33.38 -15.70 -26.53
N LEU A 7 -32.90 -16.36 -27.58
CA LEU A 7 -31.51 -16.20 -28.02
C LEU A 7 -31.28 -14.75 -28.44
N GLU A 8 -32.20 -14.26 -29.26
CA GLU A 8 -32.20 -12.88 -29.73
C GLU A 8 -32.31 -11.89 -28.56
N ALA A 9 -33.06 -12.27 -27.54
CA ALA A 9 -33.23 -11.44 -26.36
C ALA A 9 -31.94 -11.35 -25.58
N LEU A 10 -31.31 -12.50 -25.35
CA LEU A 10 -30.04 -12.58 -24.61
C LEU A 10 -28.95 -11.80 -25.37
N ARG A 11 -28.95 -12.01 -26.67
CA ARG A 11 -28.02 -11.35 -27.60
C ARG A 11 -28.13 -9.81 -27.50
N ARG A 12 -29.34 -9.31 -27.37
CA ARG A 12 -29.56 -7.89 -27.20
C ARG A 12 -29.33 -7.45 -25.75
N GLN A 13 -29.68 -8.32 -24.82
CA GLN A 13 -29.58 -8.08 -23.38
C GLN A 13 -28.16 -7.73 -22.96
N ARG A 14 -27.18 -8.45 -23.46
CA ARG A 14 -25.80 -8.18 -23.08
C ARG A 14 -25.36 -6.81 -23.61
N LEU A 15 -25.85 -6.42 -24.76
CA LEU A 15 -25.57 -5.12 -25.31
C LEU A 15 -26.32 -4.04 -24.55
N ALA A 16 -27.47 -4.42 -24.01
CA ALA A 16 -28.35 -3.53 -23.28
C ALA A 16 -27.74 -3.07 -21.98
N GLU A 17 -26.81 -3.87 -21.45
CA GLU A 17 -26.12 -3.64 -20.15
C GLU A 17 -25.53 -2.25 -20.02
N LEU A 18 -25.22 -1.65 -21.12
CA LEU A 18 -24.69 -0.32 -21.14
C LEU A 18 -25.81 0.70 -20.84
N GLN A 19 -26.84 0.66 -21.66
CA GLN A 19 -27.95 1.60 -21.59
C GLN A 19 -28.81 1.33 -20.36
N ALA A 20 -29.01 0.08 -20.11
CA ALA A 20 -29.95 -0.37 -19.13
C ALA A 20 -29.38 -0.44 -17.72
N LYS A 21 -28.15 -0.01 -17.52
CA LYS A 21 -27.62 0.00 -16.18
C LYS A 21 -28.10 1.25 -15.45
N HIS A 22 -29.02 1.05 -14.54
CA HIS A 22 -29.58 2.12 -13.75
C HIS A 22 -29.43 1.80 -12.28
N GLY A 23 -28.44 1.00 -12.00
CA GLY A 23 -28.11 0.61 -10.66
C GLY A 23 -26.64 0.42 -10.52
N ASP A 24 -25.90 1.36 -11.05
CA ASP A 24 -24.45 1.31 -11.01
C ASP A 24 -23.93 2.55 -10.29
N PRO A 25 -23.18 2.37 -9.19
CA PRO A 25 -22.64 3.49 -8.41
C PRO A 25 -21.52 4.26 -9.16
N GLY A 26 -20.87 3.58 -10.09
CA GLY A 26 -19.80 4.18 -10.86
C GLY A 26 -18.59 4.46 -10.01
N ASP A 27 -18.28 5.75 -9.83
CA ASP A 27 -17.12 6.17 -9.02
C ASP A 27 -17.21 5.64 -7.61
N ALA A 28 -18.43 5.59 -7.08
CA ALA A 28 -18.67 5.11 -5.73
C ALA A 28 -18.31 3.63 -5.59
N ALA A 29 -18.40 2.89 -6.68
CA ALA A 29 -18.05 1.49 -6.68
C ALA A 29 -16.56 1.32 -6.83
N GLN A 30 -15.97 2.11 -7.73
CA GLN A 30 -14.54 2.08 -7.99
C GLN A 30 -13.74 2.54 -6.78
N GLN A 31 -14.23 3.60 -6.15
CA GLN A 31 -13.60 4.19 -4.98
C GLN A 31 -13.52 3.18 -3.86
N GLU A 32 -14.57 2.39 -3.71
CA GLU A 32 -14.66 1.38 -2.68
C GLU A 32 -13.63 0.28 -2.89
N ALA A 33 -13.46 -0.11 -4.12
CA ALA A 33 -12.47 -1.12 -4.46
C ALA A 33 -11.06 -0.55 -4.30
N LYS A 34 -10.93 0.72 -4.61
CA LYS A 34 -9.67 1.44 -4.50
C LYS A 34 -9.32 1.61 -3.02
N HIS A 35 -10.35 1.61 -2.19
CA HIS A 35 -10.19 1.72 -0.75
C HIS A 35 -9.54 0.45 -0.20
N ARG A 36 -9.79 -0.68 -0.87
CA ARG A 36 -9.13 -1.93 -0.51
C ARG A 36 -7.64 -1.78 -0.75
N GLU A 37 -7.30 -1.19 -1.91
CA GLU A 37 -5.91 -0.91 -2.25
C GLU A 37 -5.28 -0.02 -1.20
N ALA A 38 -6.01 1.02 -0.85
CA ALA A 38 -5.60 1.98 0.13
C ALA A 38 -5.32 1.34 1.48
N GLU A 39 -6.31 0.63 2.03
CA GLU A 39 -6.21 0.05 3.37
C GLU A 39 -5.01 -0.84 3.58
N MET A 40 -4.75 -1.75 2.65
CA MET A 40 -3.65 -2.68 2.80
C MET A 40 -2.30 -1.96 2.77
N ARG A 41 -2.18 -0.95 1.94
CA ARG A 41 -0.97 -0.16 1.86
C ARG A 41 -0.83 0.81 3.04
N ASN A 42 -1.94 1.47 3.35
CA ASN A 42 -2.00 2.53 4.35
C ASN A 42 -1.60 2.06 5.74
N SER A 43 -1.88 0.80 6.05
CA SER A 43 -1.58 0.25 7.35
C SER A 43 -0.08 0.35 7.70
N ILE A 44 0.76 -0.05 6.77
CA ILE A 44 2.19 0.03 6.98
C ILE A 44 2.68 1.48 6.84
N LEU A 45 2.11 2.19 5.87
CA LEU A 45 2.47 3.58 5.60
C LEU A 45 2.23 4.46 6.82
N ALA A 46 1.09 4.29 7.46
CA ALA A 46 0.72 5.04 8.65
C ALA A 46 1.63 4.74 9.84
N GLN A 47 2.35 3.62 9.80
CA GLN A 47 3.25 3.27 10.88
C GLN A 47 4.68 3.73 10.62
N VAL A 48 5.04 3.88 9.35
CA VAL A 48 6.39 4.32 9.01
C VAL A 48 6.45 5.82 8.80
N LEU A 49 5.38 6.38 8.30
CA LEU A 49 5.29 7.79 8.12
C LEU A 49 4.71 8.40 9.34
N ASP A 50 5.36 9.40 9.85
CA ASP A 50 4.84 10.20 10.93
C ASP A 50 3.55 10.84 10.44
N GLN A 51 2.69 11.20 11.36
CA GLN A 51 1.38 11.81 11.03
C GLN A 51 1.56 13.04 10.14
N SER A 52 2.64 13.78 10.38
CA SER A 52 2.94 14.98 9.65
C SER A 52 3.23 14.66 8.18
N ALA A 53 4.05 13.64 7.96
CA ALA A 53 4.43 13.22 6.64
C ALA A 53 3.26 12.58 5.94
N ARG A 54 2.48 11.81 6.66
CA ARG A 54 1.32 11.15 6.09
C ARG A 54 0.31 12.20 5.63
N ALA A 55 0.14 13.20 6.46
CA ALA A 55 -0.74 14.33 6.14
C ALA A 55 -0.20 15.07 4.92
N ARG A 56 1.09 15.36 4.93
CA ARG A 56 1.76 16.02 3.83
C ARG A 56 1.62 15.22 2.54
N LEU A 57 1.72 13.92 2.66
CA LEU A 57 1.61 13.03 1.52
C LEU A 57 0.17 13.01 0.99
N SER A 58 -0.78 13.23 1.85
CA SER A 58 -2.16 13.32 1.48
C SER A 58 -2.37 14.60 0.64
N ASN A 59 -1.68 15.65 1.05
CA ASN A 59 -1.64 16.93 0.32
C ASN A 59 -0.97 16.74 -1.05
N LEU A 60 0.05 15.88 -1.09
CA LEU A 60 0.74 15.53 -2.34
C LEU A 60 -0.19 14.84 -3.31
N ALA A 61 -1.11 14.05 -2.80
CA ALA A 61 -2.09 13.33 -3.63
C ALA A 61 -3.00 14.31 -4.35
N LEU A 62 -3.11 15.49 -3.82
CA LEU A 62 -3.94 16.52 -4.39
C LEU A 62 -3.18 17.30 -5.46
N VAL A 63 -1.87 17.14 -5.52
CA VAL A 63 -1.10 17.86 -6.51
C VAL A 63 -0.46 16.93 -7.55
N LYS A 64 0.22 15.88 -7.09
CA LYS A 64 0.88 14.94 -7.99
C LYS A 64 0.69 13.53 -7.47
N PRO A 65 -0.41 12.87 -7.88
CA PRO A 65 -0.74 11.51 -7.41
C PRO A 65 0.31 10.50 -7.82
N GLU A 66 0.86 10.70 -9.00
CA GLU A 66 1.91 9.85 -9.56
C GLU A 66 3.07 9.73 -8.59
N LYS A 67 3.54 10.86 -8.09
CA LYS A 67 4.69 10.88 -7.22
C LYS A 67 4.31 10.40 -5.82
N THR A 68 3.05 10.63 -5.44
CA THR A 68 2.52 10.14 -4.17
C THR A 68 2.60 8.62 -4.16
N LYS A 69 2.06 8.03 -5.21
CA LYS A 69 2.05 6.60 -5.41
C LYS A 69 3.47 6.05 -5.46
N ALA A 70 4.38 6.82 -6.06
CA ALA A 70 5.77 6.44 -6.18
C ALA A 70 6.45 6.37 -4.81
N VAL A 71 6.28 7.41 -3.98
CA VAL A 71 6.90 7.39 -2.65
C VAL A 71 6.23 6.35 -1.77
N GLU A 72 4.90 6.19 -1.88
CA GLU A 72 4.20 5.17 -1.13
C GLU A 72 4.74 3.80 -1.48
N ASN A 73 4.88 3.57 -2.79
CA ASN A 73 5.41 2.33 -3.34
C ASN A 73 6.82 2.07 -2.77
N TYR A 74 7.60 3.13 -2.68
CA TYR A 74 8.95 3.07 -2.15
C TYR A 74 8.94 2.69 -0.67
N LEU A 75 8.11 3.34 0.13
CA LEU A 75 8.01 3.03 1.56
C LEU A 75 7.53 1.61 1.81
N ILE A 76 6.60 1.14 0.98
CA ILE A 76 6.09 -0.25 1.06
C ILE A 76 7.25 -1.25 0.92
N GLN A 77 8.15 -0.94 0.01
CA GLN A 77 9.30 -1.78 -0.25
C GLN A 77 10.34 -1.60 0.87
N MET A 78 10.70 -0.35 1.15
CA MET A 78 11.74 -0.01 2.10
C MET A 78 11.42 -0.46 3.54
N ALA A 79 10.13 -0.46 3.90
CA ALA A 79 9.68 -0.91 5.21
C ALA A 79 10.17 -2.33 5.49
N ARG A 80 10.16 -3.16 4.45
CA ARG A 80 10.55 -4.56 4.53
C ARG A 80 12.04 -4.77 4.70
N TYR A 81 12.81 -3.73 4.52
CA TYR A 81 14.27 -3.82 4.64
C TYR A 81 14.68 -3.77 6.11
N GLY A 82 13.72 -3.53 6.99
CA GLY A 82 14.00 -3.47 8.41
C GLY A 82 14.67 -2.17 8.80
N GLN A 83 14.64 -1.25 7.88
CA GLN A 83 15.20 0.07 8.08
C GLN A 83 14.17 0.94 8.77
N LEU A 84 12.91 0.58 8.58
CA LEU A 84 11.84 1.32 9.17
C LEU A 84 11.49 0.80 10.53
N SER A 85 11.94 1.53 11.49
CA SER A 85 11.68 1.30 12.87
C SER A 85 11.75 2.69 13.51
N GLU A 86 11.44 3.65 12.69
CA GLU A 86 11.49 5.05 12.98
C GLU A 86 10.49 5.69 12.08
N LYS A 87 10.11 6.86 12.40
CA LYS A 87 9.15 7.58 11.64
C LYS A 87 9.82 8.45 10.63
N VAL A 88 9.28 8.48 9.47
CA VAL A 88 9.71 9.38 8.45
C VAL A 88 8.84 10.61 8.55
N SER A 89 9.44 11.72 8.85
CA SER A 89 8.73 12.96 8.98
C SER A 89 8.68 13.66 7.61
N GLU A 90 8.15 14.89 7.57
CA GLU A 90 7.92 15.62 6.33
C GLU A 90 9.20 15.82 5.55
N GLN A 91 10.27 16.20 6.23
CA GLN A 91 11.53 16.47 5.58
C GLN A 91 12.06 15.21 4.89
N GLY A 92 12.00 14.08 5.57
CA GLY A 92 12.41 12.82 4.99
C GLY A 92 11.55 12.45 3.81
N LEU A 93 10.25 12.73 3.93
CA LEU A 93 9.31 12.47 2.86
C LEU A 93 9.68 13.31 1.63
N ILE A 94 9.99 14.58 1.86
CA ILE A 94 10.37 15.51 0.81
C ILE A 94 11.69 15.05 0.15
N GLU A 95 12.58 14.47 0.95
CA GLU A 95 13.82 13.90 0.45
C GLU A 95 13.51 12.76 -0.51
N ILE A 96 12.66 11.85 -0.06
CA ILE A 96 12.24 10.70 -0.85
C ILE A 96 11.47 11.17 -2.10
N LEU A 97 10.66 12.20 -1.93
CA LEU A 97 9.90 12.80 -3.02
C LEU A 97 10.84 13.29 -4.12
N LYS A 98 11.95 13.90 -3.74
CA LYS A 98 12.93 14.33 -4.70
C LYS A 98 13.62 13.14 -5.35
N LYS A 99 13.93 12.13 -4.55
CA LYS A 99 14.56 10.90 -5.02
C LYS A 99 13.70 10.16 -6.05
N VAL A 100 12.40 10.11 -5.84
CA VAL A 100 11.51 9.43 -6.80
C VAL A 100 11.26 10.30 -8.04
N SER A 101 11.54 11.59 -7.93
CA SER A 101 11.41 12.47 -9.05
C SER A 101 12.64 12.32 -9.96
N GLN A 102 13.74 11.88 -9.36
CA GLN A 102 14.97 11.62 -10.09
C GLN A 102 14.75 10.45 -11.04
N GLN A 103 14.57 9.27 -10.46
CA GLN A 103 14.32 8.04 -11.21
C GLN A 103 13.35 7.19 -10.39
N THR A 104 13.90 6.53 -9.40
CA THR A 104 13.16 5.80 -8.41
C THR A 104 13.73 6.32 -7.12
N GLU A 105 15.05 6.38 -7.12
CA GLU A 105 15.83 7.08 -6.15
C GLU A 105 17.24 7.15 -6.67
N LYS A 106 17.92 8.19 -6.35
CA LYS A 106 19.31 8.28 -6.62
C LYS A 106 19.95 8.89 -5.39
N THR A 107 21.26 8.83 -5.34
CA THR A 107 22.15 9.33 -4.30
C THR A 107 22.45 8.30 -3.24
N THR A 108 23.70 8.26 -2.89
CA THR A 108 24.19 7.45 -1.83
C THR A 108 25.15 8.30 -0.98
N THR A 109 25.30 9.56 -1.38
CA THR A 109 26.19 10.45 -0.71
C THR A 109 25.48 11.10 0.49
N VAL A 110 24.19 11.32 0.37
CA VAL A 110 23.45 11.92 1.45
C VAL A 110 22.53 10.92 2.13
N LYS A 111 23.09 10.26 3.11
CA LYS A 111 22.36 9.34 3.95
C LYS A 111 22.06 10.06 5.26
N PHE A 112 22.99 10.95 5.62
CA PHE A 112 22.86 11.90 6.74
C PHE A 112 22.89 11.22 8.13
N ASN A 113 23.16 9.94 8.15
CA ASN A 113 23.23 9.21 9.38
C ASN A 113 24.43 8.30 9.41
N GLY A 1 -44.17 -34.21 8.72
CA GLY A 1 -43.33 -33.78 9.84
C GLY A 1 -42.28 -32.79 9.40
N SER A 2 -42.63 -31.53 9.49
CA SER A 2 -41.76 -30.48 9.03
C SER A 2 -40.60 -30.20 9.99
N ALA A 3 -39.54 -30.95 9.86
CA ALA A 3 -38.38 -30.73 10.66
C ALA A 3 -37.60 -29.57 10.09
N ASP A 4 -37.28 -29.68 8.83
CA ASP A 4 -36.48 -28.69 8.13
C ASP A 4 -37.32 -27.48 7.77
N GLU A 5 -38.54 -27.74 7.33
CA GLU A 5 -39.42 -26.70 6.86
C GLU A 5 -39.81 -25.73 7.98
N GLU A 6 -40.10 -26.25 9.18
CA GLU A 6 -40.44 -25.39 10.30
C GLU A 6 -39.21 -24.67 10.81
N LEU A 7 -38.05 -25.28 10.62
CA LEU A 7 -36.79 -24.67 10.98
C LEU A 7 -36.60 -23.44 10.11
N GLU A 8 -36.72 -23.64 8.79
CA GLU A 8 -36.64 -22.57 7.81
C GLU A 8 -37.66 -21.48 8.10
N ALA A 9 -38.87 -21.89 8.43
CA ALA A 9 -39.96 -20.98 8.75
C ALA A 9 -39.56 -20.03 9.88
N LEU A 10 -39.18 -20.60 11.00
CA LEU A 10 -38.80 -19.82 12.18
C LEU A 10 -37.57 -18.97 11.89
N ARG A 11 -36.62 -19.58 11.19
CA ARG A 11 -35.36 -18.96 10.81
C ARG A 11 -35.63 -17.67 10.04
N ARG A 12 -36.52 -17.75 9.06
CA ARG A 12 -36.86 -16.61 8.24
C ARG A 12 -37.74 -15.64 8.99
N GLN A 13 -38.60 -16.17 9.86
CA GLN A 13 -39.48 -15.35 10.68
C GLN A 13 -38.66 -14.38 11.53
N ARG A 14 -37.61 -14.88 12.13
CA ARG A 14 -36.76 -14.05 12.95
C ARG A 14 -35.80 -13.21 12.07
N LEU A 15 -35.16 -13.87 11.10
CA LEU A 15 -34.15 -13.23 10.25
C LEU A 15 -34.69 -12.07 9.43
N ALA A 16 -35.94 -12.15 8.99
CA ALA A 16 -36.53 -11.11 8.16
C ALA A 16 -36.70 -9.81 8.95
N GLU A 17 -36.84 -9.92 10.25
CA GLU A 17 -36.99 -8.78 11.12
C GLU A 17 -35.61 -8.17 11.37
N LEU A 18 -34.61 -9.03 11.42
CA LEU A 18 -33.23 -8.64 11.61
C LEU A 18 -32.73 -7.95 10.32
N GLN A 19 -33.12 -8.54 9.19
CA GLN A 19 -32.88 -8.06 7.82
C GLN A 19 -31.43 -8.21 7.37
N ALA A 20 -30.54 -7.59 8.11
CA ALA A 20 -29.14 -7.52 7.75
C ALA A 20 -28.40 -8.83 7.97
N LYS A 21 -28.55 -9.72 7.05
CA LYS A 21 -27.84 -10.94 7.05
C LYS A 21 -26.54 -10.65 6.33
N HIS A 22 -25.50 -10.30 7.06
CA HIS A 22 -24.26 -9.99 6.41
C HIS A 22 -23.43 -11.23 6.14
N GLY A 23 -23.79 -11.86 5.09
CA GLY A 23 -23.13 -13.02 4.68
C GLY A 23 -23.50 -13.30 3.28
N ASP A 24 -22.73 -12.73 2.39
CA ASP A 24 -22.92 -12.94 0.99
C ASP A 24 -21.57 -13.30 0.39
N PRO A 25 -21.54 -14.23 -0.56
CA PRO A 25 -20.30 -14.69 -1.17
C PRO A 25 -19.82 -13.82 -2.34
N GLY A 26 -20.39 -12.64 -2.45
CA GLY A 26 -20.02 -11.77 -3.54
C GLY A 26 -19.27 -10.57 -3.06
N ASP A 27 -20.01 -9.62 -2.56
CA ASP A 27 -19.47 -8.34 -2.12
C ASP A 27 -18.63 -8.53 -0.90
N ALA A 28 -19.17 -9.21 0.09
CA ALA A 28 -18.46 -9.45 1.35
C ALA A 28 -17.17 -10.26 1.11
N ALA A 29 -17.15 -11.06 0.06
CA ALA A 29 -15.99 -11.84 -0.28
C ALA A 29 -14.91 -10.94 -0.89
N GLN A 30 -15.32 -10.04 -1.77
CA GLN A 30 -14.41 -9.12 -2.43
C GLN A 30 -13.85 -8.11 -1.44
N GLN A 31 -14.75 -7.54 -0.64
CA GLN A 31 -14.42 -6.50 0.31
C GLN A 31 -13.38 -6.95 1.30
N GLU A 32 -13.54 -8.14 1.83
CA GLU A 32 -12.60 -8.68 2.82
C GLU A 32 -11.17 -8.84 2.32
N ALA A 33 -11.01 -9.04 1.03
CA ALA A 33 -9.70 -9.14 0.46
C ALA A 33 -9.11 -7.76 0.23
N LYS A 34 -9.93 -6.87 -0.32
CA LYS A 34 -9.53 -5.48 -0.59
C LYS A 34 -9.24 -4.77 0.74
N HIS A 35 -9.98 -5.18 1.75
CA HIS A 35 -9.90 -4.70 3.13
C HIS A 35 -8.46 -4.79 3.59
N ARG A 36 -7.91 -5.99 3.49
CA ARG A 36 -6.57 -6.27 3.94
C ARG A 36 -5.50 -5.62 3.07
N GLU A 37 -5.80 -5.42 1.79
CA GLU A 37 -4.90 -4.73 0.89
C GLU A 37 -4.69 -3.30 1.32
N ALA A 38 -5.79 -2.66 1.70
CA ALA A 38 -5.76 -1.30 2.18
C ALA A 38 -5.04 -1.24 3.51
N GLU A 39 -5.39 -2.17 4.40
CA GLU A 39 -4.81 -2.23 5.74
C GLU A 39 -3.31 -2.36 5.71
N MET A 40 -2.81 -3.25 4.88
CA MET A 40 -1.39 -3.52 4.77
C MET A 40 -0.60 -2.27 4.42
N ARG A 41 -1.08 -1.53 3.44
CA ARG A 41 -0.39 -0.32 2.98
C ARG A 41 -0.52 0.78 4.03
N ASN A 42 -1.75 1.03 4.45
CA ASN A 42 -2.08 2.11 5.39
C ASN A 42 -1.33 1.96 6.71
N SER A 43 -1.33 0.77 7.25
CA SER A 43 -0.71 0.53 8.52
C SER A 43 0.80 0.69 8.50
N ILE A 44 1.47 0.21 7.44
CA ILE A 44 2.91 0.36 7.39
C ILE A 44 3.29 1.81 7.12
N LEU A 45 2.52 2.47 6.26
CA LEU A 45 2.74 3.88 5.96
C LEU A 45 2.55 4.72 7.21
N ALA A 46 1.54 4.40 8.00
CA ALA A 46 1.26 5.12 9.25
C ALA A 46 2.33 4.88 10.31
N GLN A 47 3.07 3.79 10.20
CA GLN A 47 4.13 3.50 11.16
C GLN A 47 5.43 4.15 10.74
N VAL A 48 5.65 4.26 9.45
CA VAL A 48 6.89 4.84 8.96
C VAL A 48 6.78 6.34 8.82
N LEU A 49 5.64 6.81 8.43
CA LEU A 49 5.42 8.23 8.31
C LEU A 49 4.65 8.64 9.52
N ASP A 50 5.15 9.60 10.23
CA ASP A 50 4.42 10.07 11.40
C ASP A 50 3.27 10.99 10.93
N GLN A 51 2.56 11.58 11.85
CA GLN A 51 1.31 12.29 11.58
C GLN A 51 1.44 13.40 10.52
N SER A 52 2.51 14.17 10.55
CA SER A 52 2.63 15.26 9.62
C SER A 52 3.07 14.75 8.26
N ALA A 53 3.85 13.69 8.25
CA ALA A 53 4.32 13.09 7.02
C ALA A 53 3.16 12.39 6.31
N ARG A 54 2.26 11.82 7.09
CA ARG A 54 1.03 11.23 6.55
C ARG A 54 0.17 12.31 5.93
N ALA A 55 0.06 13.44 6.62
CA ALA A 55 -0.69 14.57 6.11
C ALA A 55 -0.03 15.14 4.85
N ARG A 56 1.31 15.17 4.88
CA ARG A 56 2.10 15.65 3.77
C ARG A 56 1.91 14.76 2.57
N LEU A 57 1.78 13.46 2.82
CA LEU A 57 1.55 12.50 1.78
C LEU A 57 0.23 12.78 1.09
N SER A 58 -0.79 13.03 1.88
CA SER A 58 -2.10 13.36 1.37
C SER A 58 -2.04 14.68 0.58
N ASN A 59 -1.32 15.62 1.13
CA ASN A 59 -1.07 16.93 0.52
C ASN A 59 -0.45 16.78 -0.88
N LEU A 60 0.57 15.93 -1.00
CA LEU A 60 1.22 15.72 -2.28
C LEU A 60 0.37 14.88 -3.20
N ALA A 61 -0.36 13.96 -2.60
CA ALA A 61 -1.29 13.09 -3.32
C ALA A 61 -2.36 13.87 -4.05
N LEU A 62 -2.84 14.93 -3.42
CA LEU A 62 -3.88 15.73 -3.98
C LEU A 62 -3.40 16.55 -5.16
N VAL A 63 -2.11 16.88 -5.19
CA VAL A 63 -1.58 17.66 -6.28
C VAL A 63 -1.01 16.78 -7.40
N LYS A 64 -0.22 15.78 -7.07
CA LYS A 64 0.37 14.90 -8.07
C LYS A 64 0.38 13.47 -7.57
N PRO A 65 -0.72 12.72 -7.82
CA PRO A 65 -0.84 11.34 -7.37
C PRO A 65 0.14 10.39 -8.07
N GLU A 66 0.78 10.89 -9.11
CA GLU A 66 1.78 10.15 -9.86
C GLU A 66 2.96 9.90 -8.98
N LYS A 67 3.38 10.94 -8.29
CA LYS A 67 4.55 10.88 -7.45
C LYS A 67 4.21 10.20 -6.15
N THR A 68 2.96 10.31 -5.73
CA THR A 68 2.48 9.65 -4.55
C THR A 68 2.67 8.14 -4.66
N LYS A 69 2.38 7.60 -5.86
CA LYS A 69 2.54 6.18 -6.12
C LYS A 69 3.97 5.78 -5.87
N ALA A 70 4.90 6.57 -6.40
CA ALA A 70 6.32 6.30 -6.26
C ALA A 70 6.78 6.33 -4.81
N VAL A 71 6.38 7.36 -4.07
CA VAL A 71 6.79 7.45 -2.67
C VAL A 71 6.19 6.34 -1.83
N GLU A 72 4.89 6.04 -2.03
CA GLU A 72 4.27 4.94 -1.29
C GLU A 72 4.96 3.63 -1.63
N ASN A 73 5.19 3.43 -2.92
CA ASN A 73 5.83 2.24 -3.46
C ASN A 73 7.21 2.05 -2.84
N TYR A 74 7.92 3.15 -2.66
CA TYR A 74 9.24 3.11 -2.09
C TYR A 74 9.19 2.85 -0.59
N LEU A 75 8.30 3.55 0.12
CA LEU A 75 8.14 3.35 1.57
C LEU A 75 7.74 1.93 1.91
N ILE A 76 6.80 1.37 1.14
CA ILE A 76 6.36 -0.02 1.33
C ILE A 76 7.55 -0.98 1.26
N GLN A 77 8.38 -0.80 0.24
CA GLN A 77 9.56 -1.65 0.03
C GLN A 77 10.55 -1.49 1.17
N MET A 78 10.89 -0.24 1.46
CA MET A 78 11.87 0.10 2.47
C MET A 78 11.40 -0.35 3.87
N ALA A 79 10.10 -0.24 4.13
CA ALA A 79 9.51 -0.72 5.37
C ALA A 79 9.57 -2.23 5.43
N ARG A 80 9.30 -2.87 4.30
CA ARG A 80 9.34 -4.33 4.17
C ARG A 80 10.74 -4.85 4.45
N TYR A 81 11.75 -4.14 3.98
CA TYR A 81 13.15 -4.56 4.17
C TYR A 81 13.59 -4.36 5.61
N GLY A 82 12.78 -3.66 6.38
CA GLY A 82 13.09 -3.44 7.77
C GLY A 82 14.13 -2.38 7.93
N GLN A 83 14.11 -1.42 7.02
CA GLN A 83 15.07 -0.33 7.04
C GLN A 83 14.62 0.79 7.95
N LEU A 84 13.41 0.72 8.43
CA LEU A 84 12.92 1.76 9.28
C LEU A 84 13.20 1.53 10.72
N SER A 85 13.30 2.62 11.38
CA SER A 85 13.52 2.74 12.75
C SER A 85 13.26 4.19 12.93
N GLU A 86 12.30 4.48 13.77
CA GLU A 86 11.80 5.82 14.05
C GLU A 86 10.88 6.23 12.91
N LYS A 87 10.25 7.36 13.02
CA LYS A 87 9.37 7.80 11.99
C LYS A 87 10.09 8.72 11.04
N VAL A 88 9.51 8.90 9.90
CA VAL A 88 9.99 9.81 8.91
C VAL A 88 9.15 11.07 9.02
N SER A 89 9.81 12.20 9.04
CA SER A 89 9.17 13.47 9.15
C SER A 89 8.84 14.01 7.73
N GLU A 90 8.19 15.18 7.65
CA GLU A 90 7.79 15.78 6.38
C GLU A 90 8.99 15.98 5.46
N GLN A 91 10.05 16.56 6.00
CA GLN A 91 11.28 16.81 5.25
C GLN A 91 11.91 15.51 4.75
N GLY A 92 11.77 14.46 5.56
CA GLY A 92 12.30 13.16 5.18
C GLY A 92 11.54 12.58 4.00
N LEU A 93 10.23 12.76 4.01
CA LEU A 93 9.38 12.30 2.92
C LEU A 93 9.69 13.10 1.66
N ILE A 94 9.95 14.39 1.86
CA ILE A 94 10.29 15.28 0.77
C ILE A 94 11.68 14.91 0.18
N GLU A 95 12.58 14.43 1.04
CA GLU A 95 13.91 13.98 0.63
C GLU A 95 13.74 12.79 -0.34
N ILE A 96 12.81 11.90 -0.01
CA ILE A 96 12.45 10.76 -0.86
C ILE A 96 11.73 11.25 -2.13
N LEU A 97 10.82 12.22 -1.95
CA LEU A 97 10.05 12.82 -3.03
C LEU A 97 10.98 13.39 -4.12
N LYS A 98 12.09 13.97 -3.69
CA LYS A 98 13.10 14.49 -4.60
C LYS A 98 13.65 13.37 -5.49
N LYS A 99 14.11 12.29 -4.86
CA LYS A 99 14.74 11.20 -5.60
C LYS A 99 13.78 10.41 -6.47
N VAL A 100 12.50 10.32 -6.08
CA VAL A 100 11.52 9.60 -6.90
C VAL A 100 11.09 10.44 -8.11
N SER A 101 11.28 11.74 -8.01
CA SER A 101 10.99 12.62 -9.11
C SER A 101 12.13 12.55 -10.12
N GLN A 102 13.28 12.15 -9.64
CA GLN A 102 14.42 11.93 -10.46
C GLN A 102 14.30 10.56 -11.12
N GLN A 103 14.36 9.52 -10.31
CA GLN A 103 14.20 8.15 -10.76
C GLN A 103 13.39 7.36 -9.75
N THR A 104 14.03 7.02 -8.67
CA THR A 104 13.42 6.34 -7.54
C THR A 104 14.34 6.64 -6.38
N GLU A 105 15.57 6.29 -6.58
CA GLU A 105 16.61 6.59 -5.68
C GLU A 105 17.78 7.12 -6.47
N LYS A 106 18.30 8.23 -6.06
CA LYS A 106 19.45 8.82 -6.66
C LYS A 106 20.29 9.38 -5.57
N THR A 107 21.54 9.10 -5.61
CA THR A 107 22.43 9.64 -4.67
C THR A 107 23.50 10.46 -5.41
N THR A 108 23.15 11.69 -5.66
CA THR A 108 24.02 12.58 -6.35
C THR A 108 24.69 13.50 -5.36
N THR A 109 25.96 13.58 -5.45
CA THR A 109 26.75 14.40 -4.61
C THR A 109 27.87 14.94 -5.49
N VAL A 110 28.31 16.17 -5.23
CA VAL A 110 29.27 16.87 -6.09
C VAL A 110 28.60 17.19 -7.41
N LYS A 111 27.95 18.32 -7.44
CA LYS A 111 27.22 18.76 -8.60
C LYS A 111 26.85 20.22 -8.43
N PHE A 112 26.07 20.50 -7.42
CA PHE A 112 25.61 21.86 -7.13
C PHE A 112 26.67 22.59 -6.34
N ASN A 113 27.46 21.81 -5.67
CA ASN A 113 28.53 22.23 -4.84
C ASN A 113 29.45 21.06 -4.78
N GLY A 1 18.65 -16.96 -17.25
CA GLY A 1 17.90 -16.50 -16.06
C GLY A 1 16.69 -17.37 -15.82
N SER A 2 15.55 -16.74 -15.49
CA SER A 2 14.26 -17.42 -15.30
C SER A 2 14.25 -18.35 -14.07
N ALA A 3 15.02 -18.01 -13.05
CA ALA A 3 15.08 -18.79 -11.81
C ALA A 3 13.79 -18.66 -11.01
N ASP A 4 13.26 -17.48 -10.97
CA ASP A 4 11.99 -17.22 -10.31
C ASP A 4 10.85 -17.69 -11.22
N GLU A 5 11.10 -17.57 -12.51
CA GLU A 5 10.13 -17.87 -13.53
C GLU A 5 9.83 -19.36 -13.60
N GLU A 6 10.83 -20.20 -13.34
CA GLU A 6 10.64 -21.64 -13.36
C GLU A 6 9.67 -22.05 -12.26
N LEU A 7 9.74 -21.35 -11.13
CA LEU A 7 8.88 -21.61 -9.99
C LEU A 7 7.44 -21.28 -10.39
N GLU A 8 7.27 -20.12 -11.00
CA GLU A 8 5.97 -19.66 -11.49
C GLU A 8 5.38 -20.68 -12.45
N ALA A 9 6.14 -20.99 -13.48
CA ALA A 9 5.74 -21.90 -14.55
C ALA A 9 5.42 -23.28 -14.01
N LEU A 10 6.26 -23.79 -13.11
CA LEU A 10 6.09 -25.12 -12.55
C LEU A 10 4.86 -25.17 -11.67
N ARG A 11 4.65 -24.12 -10.87
CA ARG A 11 3.49 -24.03 -9.99
C ARG A 11 2.21 -24.05 -10.82
N ARG A 12 2.23 -23.31 -11.93
CA ARG A 12 1.10 -23.24 -12.85
C ARG A 12 0.82 -24.60 -13.48
N GLN A 13 1.86 -25.34 -13.78
CA GLN A 13 1.73 -26.68 -14.34
C GLN A 13 1.14 -27.62 -13.30
N ARG A 14 1.75 -27.64 -12.12
CA ARG A 14 1.35 -28.52 -11.04
C ARG A 14 -0.05 -28.18 -10.53
N LEU A 15 -0.45 -26.93 -10.72
CA LEU A 15 -1.78 -26.47 -10.37
C LEU A 15 -2.84 -27.25 -11.16
N ALA A 16 -2.56 -27.50 -12.44
CA ALA A 16 -3.46 -28.25 -13.29
C ALA A 16 -3.40 -29.73 -12.97
N GLU A 17 -2.23 -30.16 -12.51
CA GLU A 17 -2.04 -31.53 -12.09
C GLU A 17 -2.87 -31.82 -10.85
N LEU A 18 -2.90 -30.86 -9.94
CA LEU A 18 -3.68 -30.93 -8.72
C LEU A 18 -5.16 -30.99 -9.13
N GLN A 19 -5.57 -30.02 -9.95
CA GLN A 19 -6.90 -29.94 -10.59
C GLN A 19 -8.06 -29.67 -9.61
N ALA A 20 -8.14 -30.46 -8.56
CA ALA A 20 -9.21 -30.41 -7.59
C ALA A 20 -9.28 -29.05 -6.90
N LYS A 21 -10.45 -28.48 -6.89
CA LYS A 21 -10.66 -27.19 -6.30
C LYS A 21 -11.72 -27.20 -5.23
N HIS A 22 -11.37 -27.78 -4.13
CA HIS A 22 -12.16 -27.67 -2.93
C HIS A 22 -11.22 -27.62 -1.75
N GLY A 23 -9.94 -27.39 -2.07
CA GLY A 23 -8.92 -27.27 -1.04
C GLY A 23 -8.69 -25.83 -0.69
N ASP A 24 -9.36 -24.97 -1.42
CA ASP A 24 -9.31 -23.54 -1.21
C ASP A 24 -10.49 -23.11 -0.38
N PRO A 25 -10.31 -22.14 0.54
CA PRO A 25 -11.42 -21.56 1.31
C PRO A 25 -12.23 -20.58 0.43
N GLY A 26 -11.71 -20.30 -0.75
CA GLY A 26 -12.39 -19.49 -1.73
C GLY A 26 -12.52 -18.05 -1.33
N ASP A 27 -13.75 -17.57 -1.35
CA ASP A 27 -14.08 -16.17 -1.07
C ASP A 27 -13.58 -15.74 0.28
N ALA A 28 -13.73 -16.63 1.25
CA ALA A 28 -13.33 -16.38 2.63
C ALA A 28 -11.84 -16.08 2.74
N ALA A 29 -11.03 -16.85 2.03
CA ALA A 29 -9.59 -16.69 2.07
C ALA A 29 -9.20 -15.39 1.43
N GLN A 30 -9.74 -15.16 0.23
CA GLN A 30 -9.46 -13.98 -0.55
C GLN A 30 -9.85 -12.73 0.22
N GLN A 31 -11.01 -12.77 0.85
CA GLN A 31 -11.53 -11.66 1.66
C GLN A 31 -10.54 -11.30 2.75
N GLU A 32 -10.21 -12.27 3.58
CA GLU A 32 -9.35 -12.03 4.72
C GLU A 32 -7.93 -11.72 4.32
N ALA A 33 -7.47 -12.29 3.23
CA ALA A 33 -6.14 -12.00 2.74
C ALA A 33 -6.08 -10.56 2.26
N LYS A 34 -7.09 -10.15 1.51
CA LYS A 34 -7.19 -8.79 0.98
C LYS A 34 -7.42 -7.78 2.12
N HIS A 35 -8.18 -8.22 3.10
CA HIS A 35 -8.45 -7.48 4.33
C HIS A 35 -7.12 -7.15 5.00
N ARG A 36 -6.31 -8.17 5.19
CA ARG A 36 -5.03 -8.01 5.85
C ARG A 36 -4.02 -7.31 4.95
N GLU A 37 -4.25 -7.44 3.66
CA GLU A 37 -3.45 -6.80 2.61
C GLU A 37 -3.52 -5.27 2.81
N ALA A 38 -4.75 -4.77 2.95
CA ALA A 38 -5.00 -3.37 3.22
C ALA A 38 -4.51 -3.00 4.60
N GLU A 39 -4.69 -3.91 5.57
CA GLU A 39 -4.20 -3.67 6.92
C GLU A 39 -2.71 -3.43 6.91
N MET A 40 -1.99 -4.29 6.21
CA MET A 40 -0.54 -4.20 6.08
C MET A 40 -0.12 -2.89 5.47
N ARG A 41 -0.73 -2.51 4.33
CA ARG A 41 -0.39 -1.24 3.67
C ARG A 41 -0.58 -0.07 4.61
N ASN A 42 -1.75 -0.04 5.21
CA ASN A 42 -2.15 1.04 6.09
C ASN A 42 -1.23 1.15 7.30
N SER A 43 -0.97 0.03 7.94
CA SER A 43 -0.16 0.01 9.14
C SER A 43 1.29 0.34 8.86
N ILE A 44 1.86 -0.20 7.77
CA ILE A 44 3.24 0.08 7.46
C ILE A 44 3.43 1.55 7.10
N LEU A 45 2.49 2.11 6.34
CA LEU A 45 2.55 3.52 5.98
C LEU A 45 2.38 4.40 7.21
N ALA A 46 1.43 4.05 8.06
CA ALA A 46 1.16 4.80 9.29
C ALA A 46 2.33 4.75 10.29
N GLN A 47 3.17 3.73 10.22
CA GLN A 47 4.30 3.64 11.14
C GLN A 47 5.58 4.19 10.54
N VAL A 48 5.78 3.99 9.23
CA VAL A 48 7.01 4.48 8.59
C VAL A 48 6.91 5.98 8.40
N LEU A 49 5.71 6.46 8.22
CA LEU A 49 5.50 7.87 8.09
C LEU A 49 4.87 8.39 9.34
N ASP A 50 5.48 9.39 9.91
CA ASP A 50 4.93 10.08 11.05
C ASP A 50 3.67 10.81 10.59
N GLN A 51 2.83 11.17 11.53
CA GLN A 51 1.57 11.90 11.28
C GLN A 51 1.81 13.10 10.34
N SER A 52 2.95 13.75 10.52
CA SER A 52 3.33 14.87 9.73
C SER A 52 3.58 14.46 8.26
N ALA A 53 4.35 13.41 8.08
CA ALA A 53 4.66 12.90 6.76
C ALA A 53 3.41 12.31 6.11
N ARG A 54 2.55 11.69 6.91
CA ARG A 54 1.27 11.16 6.45
C ARG A 54 0.40 12.28 5.87
N ALA A 55 0.42 13.44 6.53
CA ALA A 55 -0.32 14.61 6.04
C ALA A 55 0.25 15.08 4.71
N ARG A 56 1.57 15.05 4.59
CA ARG A 56 2.26 15.44 3.35
C ARG A 56 1.97 14.46 2.23
N LEU A 57 1.92 13.17 2.56
CA LEU A 57 1.61 12.13 1.59
C LEU A 57 0.19 12.32 1.06
N SER A 58 -0.70 12.72 1.95
CA SER A 58 -2.07 13.01 1.59
C SER A 58 -2.12 14.25 0.67
N ASN A 59 -1.37 15.29 1.04
CA ASN A 59 -1.29 16.53 0.25
C ASN A 59 -0.80 16.23 -1.17
N LEU A 60 0.31 15.51 -1.27
CA LEU A 60 0.89 15.16 -2.55
C LEU A 60 -0.06 14.32 -3.40
N ALA A 61 -0.86 13.49 -2.75
CA ALA A 61 -1.83 12.65 -3.45
C ALA A 61 -2.92 13.49 -4.08
N LEU A 62 -3.26 14.57 -3.42
CA LEU A 62 -4.32 15.44 -3.87
C LEU A 62 -3.86 16.31 -5.04
N VAL A 63 -2.57 16.62 -5.06
CA VAL A 63 -2.03 17.41 -6.15
C VAL A 63 -1.56 16.54 -7.32
N LYS A 64 -0.62 15.65 -7.08
CA LYS A 64 -0.13 14.76 -8.13
C LYS A 64 0.14 13.37 -7.58
N PRO A 65 -0.83 12.44 -7.74
CA PRO A 65 -0.66 11.03 -7.31
C PRO A 65 0.44 10.33 -8.10
N GLU A 66 0.88 11.02 -9.14
CA GLU A 66 1.98 10.66 -10.01
C GLU A 66 3.21 10.34 -9.14
N LYS A 67 3.60 11.31 -8.33
CA LYS A 67 4.73 11.16 -7.45
C LYS A 67 4.39 10.37 -6.20
N THR A 68 3.13 10.44 -5.79
CA THR A 68 2.64 9.73 -4.64
C THR A 68 2.86 8.21 -4.78
N LYS A 69 2.48 7.66 -5.94
CA LYS A 69 2.63 6.22 -6.19
C LYS A 69 4.09 5.81 -6.13
N ALA A 70 4.95 6.72 -6.53
CA ALA A 70 6.38 6.46 -6.47
C ALA A 70 6.87 6.42 -5.04
N VAL A 71 6.51 7.44 -4.25
CA VAL A 71 6.92 7.46 -2.85
C VAL A 71 6.26 6.35 -2.03
N GLU A 72 4.96 6.07 -2.29
CA GLU A 72 4.25 4.98 -1.59
C GLU A 72 4.98 3.67 -1.77
N ASN A 73 5.33 3.38 -3.02
CA ASN A 73 6.06 2.17 -3.37
C ASN A 73 7.37 2.08 -2.57
N TYR A 74 8.03 3.23 -2.46
CA TYR A 74 9.30 3.31 -1.77
C TYR A 74 9.12 3.07 -0.27
N LEU A 75 8.14 3.74 0.34
CA LEU A 75 7.90 3.58 1.78
C LEU A 75 7.41 2.18 2.12
N ILE A 76 6.56 1.61 1.26
CA ILE A 76 6.10 0.24 1.44
C ILE A 76 7.29 -0.71 1.43
N GLN A 77 8.21 -0.47 0.50
CA GLN A 77 9.40 -1.29 0.38
C GLN A 77 10.31 -1.08 1.60
N MET A 78 10.50 0.18 1.98
CA MET A 78 11.32 0.56 3.12
C MET A 78 10.79 -0.08 4.41
N ALA A 79 9.47 -0.05 4.56
CA ALA A 79 8.81 -0.62 5.72
C ALA A 79 8.85 -2.14 5.68
N ARG A 80 8.84 -2.70 4.47
CA ARG A 80 8.90 -4.15 4.27
C ARG A 80 10.23 -4.69 4.76
N TYR A 81 11.26 -3.86 4.63
CA TYR A 81 12.58 -4.19 5.13
C TYR A 81 12.62 -4.09 6.65
N GLY A 82 11.74 -3.25 7.19
CA GLY A 82 11.70 -3.03 8.61
C GLY A 82 12.94 -2.31 9.10
N GLN A 83 13.53 -1.52 8.22
CA GLN A 83 14.77 -0.83 8.51
C GLN A 83 14.55 0.63 8.85
N LEU A 84 13.33 0.96 9.17
CA LEU A 84 13.03 2.30 9.58
C LEU A 84 13.34 2.41 11.07
N SER A 85 14.26 3.26 11.42
CA SER A 85 14.67 3.41 12.79
C SER A 85 13.74 4.36 13.50
N GLU A 86 13.37 5.39 12.79
CA GLU A 86 12.47 6.39 13.27
C GLU A 86 11.37 6.46 12.26
N LYS A 87 10.41 7.30 12.48
CA LYS A 87 9.45 7.54 11.47
C LYS A 87 10.08 8.53 10.51
N VAL A 88 9.78 8.37 9.27
CA VAL A 88 10.25 9.26 8.27
C VAL A 88 9.56 10.60 8.46
N SER A 89 10.35 11.62 8.56
CA SER A 89 9.88 12.95 8.81
C SER A 89 9.32 13.58 7.53
N GLU A 90 8.78 14.78 7.65
CA GLU A 90 8.33 15.54 6.50
C GLU A 90 9.50 15.75 5.58
N GLN A 91 10.60 16.20 6.18
CA GLN A 91 11.83 16.47 5.50
C GLN A 91 12.34 15.21 4.82
N GLY A 92 12.32 14.11 5.56
CA GLY A 92 12.74 12.81 5.04
C GLY A 92 11.90 12.36 3.86
N LEU A 93 10.58 12.56 3.97
CA LEU A 93 9.67 12.20 2.89
C LEU A 93 9.93 13.08 1.68
N ILE A 94 10.24 14.33 1.92
CA ILE A 94 10.56 15.27 0.87
C ILE A 94 11.88 14.86 0.16
N GLU A 95 12.77 14.22 0.91
CA GLU A 95 14.00 13.69 0.33
C GLU A 95 13.67 12.51 -0.60
N ILE A 96 12.67 11.73 -0.19
CA ILE A 96 12.20 10.62 -1.01
C ILE A 96 11.46 11.18 -2.23
N LEU A 97 10.75 12.26 -2.02
CA LEU A 97 10.02 12.93 -3.07
C LEU A 97 10.97 13.48 -4.14
N LYS A 98 12.08 14.09 -3.73
CA LYS A 98 13.03 14.64 -4.70
C LYS A 98 13.76 13.53 -5.49
N LYS A 99 14.04 12.40 -4.83
CA LYS A 99 14.75 11.33 -5.50
C LYS A 99 13.86 10.69 -6.57
N VAL A 100 12.55 10.59 -6.29
CA VAL A 100 11.61 10.04 -7.27
C VAL A 100 11.18 11.12 -8.27
N SER A 101 11.37 12.38 -7.90
CA SER A 101 11.09 13.51 -8.76
C SER A 101 11.95 13.43 -10.02
N GLN A 102 13.20 13.02 -9.85
CA GLN A 102 14.13 12.92 -10.97
C GLN A 102 14.22 11.48 -11.43
N GLN A 103 14.40 10.61 -10.50
CA GLN A 103 14.61 9.21 -10.77
C GLN A 103 13.65 8.38 -9.92
N THR A 104 14.18 7.51 -9.10
CA THR A 104 13.44 6.68 -8.18
C THR A 104 14.45 6.17 -7.15
N GLU A 105 15.28 5.26 -7.59
CA GLU A 105 16.36 4.69 -6.83
C GLU A 105 17.22 3.90 -7.79
N LYS A 106 18.53 4.10 -7.67
CA LYS A 106 19.58 3.51 -8.50
C LYS A 106 20.87 4.26 -8.22
N THR A 107 20.79 5.55 -8.42
CA THR A 107 21.85 6.48 -8.20
C THR A 107 21.28 7.69 -7.48
N THR A 108 21.16 7.60 -6.18
CA THR A 108 20.54 8.67 -5.47
C THR A 108 21.49 9.85 -5.20
N THR A 109 21.52 10.69 -6.17
CA THR A 109 22.17 11.95 -6.16
C THR A 109 21.30 12.81 -7.07
N VAL A 110 20.55 13.68 -6.48
CA VAL A 110 19.54 14.44 -7.18
C VAL A 110 20.15 15.63 -7.89
N LYS A 111 20.11 15.60 -9.18
CA LYS A 111 20.68 16.64 -9.98
C LYS A 111 19.57 17.40 -10.69
N PHE A 112 19.27 18.58 -10.21
CA PHE A 112 18.30 19.44 -10.86
C PHE A 112 19.03 20.29 -11.89
N ASN A 113 19.22 19.73 -13.04
CA ASN A 113 19.93 20.37 -14.11
C ASN A 113 19.43 19.77 -15.39
N GLY A 1 -37.45 -29.08 18.37
CA GLY A 1 -36.62 -30.26 18.62
C GLY A 1 -35.18 -29.89 18.61
N SER A 2 -34.59 -29.95 17.46
CA SER A 2 -33.22 -29.58 17.29
C SER A 2 -33.19 -28.06 17.05
N ALA A 3 -33.08 -27.30 18.14
CA ALA A 3 -33.18 -25.85 18.12
C ALA A 3 -32.26 -25.20 17.10
N ASP A 4 -31.00 -25.55 17.16
CA ASP A 4 -29.99 -24.99 16.29
C ASP A 4 -30.24 -25.32 14.84
N GLU A 5 -30.68 -26.53 14.59
CA GLU A 5 -30.95 -27.00 13.24
C GLU A 5 -32.15 -26.26 12.63
N GLU A 6 -33.22 -26.16 13.40
CA GLU A 6 -34.43 -25.47 12.94
C GLU A 6 -34.15 -23.99 12.76
N LEU A 7 -33.30 -23.44 13.61
CA LEU A 7 -32.91 -22.06 13.53
C LEU A 7 -32.05 -21.85 12.28
N GLU A 8 -31.12 -22.78 12.05
CA GLU A 8 -30.23 -22.71 10.89
C GLU A 8 -31.04 -22.77 9.61
N ALA A 9 -32.06 -23.61 9.59
CA ALA A 9 -32.95 -23.74 8.42
C ALA A 9 -33.61 -22.40 8.10
N LEU A 10 -34.12 -21.75 9.14
CA LEU A 10 -34.77 -20.45 9.03
C LEU A 10 -33.72 -19.43 8.60
N ARG A 11 -32.56 -19.47 9.24
CA ARG A 11 -31.48 -18.55 8.97
C ARG A 11 -31.03 -18.65 7.51
N ARG A 12 -30.82 -19.88 7.03
CA ARG A 12 -30.42 -20.14 5.62
C ARG A 12 -31.44 -19.54 4.65
N GLN A 13 -32.70 -19.69 4.98
CA GLN A 13 -33.78 -19.23 4.16
C GLN A 13 -33.88 -17.71 4.22
N ARG A 14 -33.64 -17.16 5.39
CA ARG A 14 -33.66 -15.72 5.57
C ARG A 14 -32.45 -15.09 4.86
N LEU A 15 -31.31 -15.79 4.89
CA LEU A 15 -30.09 -15.36 4.23
C LEU A 15 -30.28 -15.28 2.75
N ALA A 16 -31.14 -16.14 2.22
CA ALA A 16 -31.43 -16.20 0.79
C ALA A 16 -32.07 -14.89 0.31
N GLU A 17 -32.71 -14.21 1.24
CA GLU A 17 -33.37 -12.96 0.97
C GLU A 17 -32.36 -11.83 0.98
N LEU A 18 -31.27 -12.03 1.69
CA LEU A 18 -30.26 -11.02 1.77
C LEU A 18 -29.36 -11.15 0.54
N GLN A 19 -28.72 -12.32 0.39
CA GLN A 19 -27.79 -12.64 -0.74
C GLN A 19 -27.26 -14.08 -0.67
N ALA A 20 -27.67 -14.87 0.35
CA ALA A 20 -27.07 -16.18 0.61
C ALA A 20 -25.61 -15.98 1.03
N LYS A 21 -24.86 -17.04 1.10
CA LYS A 21 -23.48 -16.91 1.46
C LYS A 21 -22.61 -16.84 0.21
N HIS A 22 -21.69 -15.91 0.20
CA HIS A 22 -20.79 -15.74 -0.90
C HIS A 22 -19.45 -16.35 -0.62
N GLY A 23 -19.36 -17.63 -0.80
CA GLY A 23 -18.11 -18.32 -0.67
C GLY A 23 -17.60 -18.67 -2.04
N ASP A 24 -17.76 -17.72 -2.92
CA ASP A 24 -17.43 -17.86 -4.31
C ASP A 24 -16.34 -16.84 -4.66
N PRO A 25 -15.56 -17.07 -5.73
CA PRO A 25 -14.52 -16.14 -6.14
C PRO A 25 -15.07 -15.00 -7.03
N GLY A 26 -16.37 -14.98 -7.25
CA GLY A 26 -16.97 -13.97 -8.07
C GLY A 26 -17.03 -12.66 -7.34
N ASP A 27 -16.22 -11.71 -7.82
CA ASP A 27 -16.10 -10.35 -7.25
C ASP A 27 -15.38 -10.32 -5.90
N ALA A 28 -15.80 -11.16 -4.98
CA ALA A 28 -15.24 -11.25 -3.64
C ALA A 28 -13.72 -11.53 -3.66
N ALA A 29 -13.25 -12.14 -4.75
CA ALA A 29 -11.84 -12.44 -4.91
C ALA A 29 -10.98 -11.17 -5.03
N GLN A 30 -11.58 -10.07 -5.52
CA GLN A 30 -10.83 -8.85 -5.65
C GLN A 30 -10.66 -8.23 -4.27
N GLN A 31 -11.66 -8.45 -3.41
CA GLN A 31 -11.67 -7.94 -2.05
C GLN A 31 -10.55 -8.66 -1.29
N GLU A 32 -10.41 -9.95 -1.56
CA GLU A 32 -9.34 -10.78 -0.98
C GLU A 32 -7.98 -10.20 -1.33
N ALA A 33 -7.76 -10.01 -2.63
CA ALA A 33 -6.50 -9.51 -3.14
C ALA A 33 -6.19 -8.13 -2.58
N LYS A 34 -7.20 -7.27 -2.56
CA LYS A 34 -7.03 -5.95 -2.02
C LYS A 34 -6.79 -5.99 -0.52
N HIS A 35 -7.44 -6.93 0.16
CA HIS A 35 -7.29 -7.04 1.61
C HIS A 35 -5.88 -7.45 1.95
N ARG A 36 -5.29 -8.29 1.12
CA ARG A 36 -3.92 -8.73 1.37
C ARG A 36 -2.95 -7.58 1.21
N GLU A 37 -3.23 -6.72 0.24
CA GLU A 37 -2.40 -5.55 0.04
C GLU A 37 -2.57 -4.60 1.21
N ALA A 38 -3.82 -4.26 1.50
CA ALA A 38 -4.14 -3.32 2.57
C ALA A 38 -3.67 -3.81 3.95
N GLU A 39 -3.71 -5.13 4.15
CA GLU A 39 -3.29 -5.73 5.40
C GLU A 39 -1.84 -5.36 5.68
N MET A 40 -1.00 -5.55 4.69
CA MET A 40 0.42 -5.31 4.82
C MET A 40 0.77 -3.83 4.58
N ARG A 41 0.31 -3.30 3.46
CA ARG A 41 0.67 -1.96 2.98
C ARG A 41 0.25 -0.88 3.95
N ASN A 42 -1.01 -0.89 4.35
CA ASN A 42 -1.55 0.14 5.22
C ASN A 42 -0.87 0.13 6.57
N SER A 43 -0.53 -1.06 7.05
CA SER A 43 0.09 -1.20 8.32
C SER A 43 1.53 -0.70 8.29
N ILE A 44 2.32 -1.14 7.31
CA ILE A 44 3.71 -0.72 7.24
C ILE A 44 3.85 0.78 7.04
N LEU A 45 2.97 1.37 6.22
CA LEU A 45 3.00 2.82 5.98
C LEU A 45 2.71 3.58 7.28
N ALA A 46 1.80 3.05 8.07
CA ALA A 46 1.44 3.67 9.33
C ALA A 46 2.55 3.52 10.38
N GLN A 47 3.46 2.60 10.17
CA GLN A 47 4.54 2.37 11.10
C GLN A 47 5.79 3.14 10.71
N VAL A 48 6.05 3.28 9.42
CA VAL A 48 7.25 3.98 8.99
C VAL A 48 7.00 5.44 8.65
N LEU A 49 5.77 5.83 8.58
CA LEU A 49 5.45 7.21 8.36
C LEU A 49 4.82 7.82 9.55
N ASP A 50 5.34 8.93 9.94
CA ASP A 50 4.79 9.72 11.01
C ASP A 50 3.55 10.39 10.48
N GLN A 51 2.64 10.72 11.36
CA GLN A 51 1.38 11.36 10.99
C GLN A 51 1.60 12.64 10.15
N SER A 52 2.71 13.32 10.39
CA SER A 52 3.04 14.51 9.66
C SER A 52 3.27 14.19 8.19
N ALA A 53 4.03 13.15 7.95
CA ALA A 53 4.37 12.70 6.63
C ALA A 53 3.13 12.21 5.91
N ARG A 54 2.23 11.59 6.64
CA ARG A 54 0.98 11.13 6.06
C ARG A 54 0.08 12.32 5.68
N ALA A 55 0.18 13.39 6.44
CA ALA A 55 -0.52 14.62 6.11
C ALA A 55 0.11 15.23 4.86
N ARG A 56 1.45 15.29 4.83
CA ARG A 56 2.21 15.77 3.70
C ARG A 56 1.86 14.96 2.45
N LEU A 57 1.78 13.66 2.63
CA LEU A 57 1.46 12.69 1.59
C LEU A 57 0.09 12.99 0.98
N SER A 58 -0.87 13.32 1.84
CA SER A 58 -2.21 13.64 1.40
C SER A 58 -2.20 14.93 0.58
N ASN A 59 -1.44 15.92 1.03
CA ASN A 59 -1.31 17.20 0.32
C ASN A 59 -0.61 17.02 -1.02
N LEU A 60 0.24 16.02 -1.09
CA LEU A 60 1.03 15.70 -2.27
C LEU A 60 0.11 15.09 -3.34
N ALA A 61 -0.88 14.35 -2.90
CA ALA A 61 -1.86 13.73 -3.79
C ALA A 61 -2.58 14.78 -4.65
N LEU A 62 -2.69 15.98 -4.11
CA LEU A 62 -3.35 17.10 -4.78
C LEU A 62 -2.50 17.68 -5.91
N VAL A 63 -1.22 17.39 -5.93
CA VAL A 63 -0.37 17.96 -6.96
C VAL A 63 -0.06 16.96 -8.08
N LYS A 64 0.46 15.80 -7.72
CA LYS A 64 0.73 14.72 -8.67
C LYS A 64 0.62 13.38 -7.98
N PRO A 65 -0.52 12.67 -8.19
CA PRO A 65 -0.77 11.36 -7.56
C PRO A 65 0.27 10.32 -7.95
N GLU A 66 0.91 10.56 -9.09
CA GLU A 66 1.94 9.68 -9.59
C GLU A 66 3.17 9.69 -8.70
N LYS A 67 3.48 10.82 -8.10
CA LYS A 67 4.62 10.86 -7.23
C LYS A 67 4.24 10.29 -5.86
N THR A 68 2.95 10.45 -5.50
CA THR A 68 2.39 9.93 -4.26
C THR A 68 2.54 8.41 -4.21
N LYS A 69 2.09 7.76 -5.27
CA LYS A 69 2.17 6.31 -5.36
C LYS A 69 3.62 5.83 -5.40
N ALA A 70 4.50 6.66 -5.96
CA ALA A 70 5.92 6.35 -6.02
C ALA A 70 6.55 6.42 -4.64
N VAL A 71 6.21 7.45 -3.85
CA VAL A 71 6.74 7.55 -2.50
C VAL A 71 6.14 6.47 -1.60
N GLU A 72 4.84 6.21 -1.74
CA GLU A 72 4.19 5.14 -0.98
C GLU A 72 4.89 3.82 -1.25
N ASN A 73 5.17 3.56 -2.53
CA ASN A 73 5.87 2.37 -2.98
C ASN A 73 7.25 2.27 -2.33
N TYR A 74 7.93 3.41 -2.25
CA TYR A 74 9.25 3.45 -1.69
C TYR A 74 9.21 3.09 -0.21
N LEU A 75 8.26 3.65 0.52
CA LEU A 75 8.11 3.32 1.94
C LEU A 75 7.80 1.85 2.13
N ILE A 76 6.99 1.28 1.23
CA ILE A 76 6.71 -0.16 1.25
C ILE A 76 8.03 -0.93 1.21
N GLN A 77 8.88 -0.56 0.28
CA GLN A 77 10.18 -1.19 0.09
C GLN A 77 11.09 -0.95 1.30
N MET A 78 11.14 0.26 1.75
CA MET A 78 11.97 0.68 2.86
C MET A 78 11.56 -0.07 4.15
N ALA A 79 10.26 -0.20 4.36
CA ALA A 79 9.71 -0.93 5.48
C ALA A 79 9.92 -2.42 5.30
N ARG A 80 9.88 -2.86 4.06
CA ARG A 80 10.09 -4.26 3.68
C ARG A 80 11.48 -4.70 4.06
N TYR A 81 12.44 -3.81 3.87
CA TYR A 81 13.79 -4.08 4.23
C TYR A 81 13.91 -4.16 5.73
N GLY A 82 13.24 -3.25 6.43
CA GLY A 82 13.21 -3.36 7.86
C GLY A 82 14.43 -2.76 8.45
N GLN A 83 14.96 -1.80 7.76
CA GLN A 83 16.15 -1.11 8.18
C GLN A 83 15.77 -0.10 9.26
N LEU A 84 14.48 0.15 9.39
CA LEU A 84 13.99 1.11 10.31
C LEU A 84 12.70 0.60 10.94
N SER A 85 12.33 1.21 12.03
CA SER A 85 11.07 0.94 12.71
C SER A 85 10.51 2.31 13.15
N GLU A 86 11.14 3.34 12.64
CA GLU A 86 10.87 4.68 13.04
C GLU A 86 9.89 5.30 12.09
N LYS A 87 9.30 6.37 12.52
CA LYS A 87 8.34 7.06 11.76
C LYS A 87 9.01 8.25 11.11
N VAL A 88 9.03 8.26 9.81
CA VAL A 88 9.64 9.32 9.03
C VAL A 88 8.68 10.50 8.96
N SER A 89 9.19 11.69 9.14
CA SER A 89 8.36 12.88 9.11
C SER A 89 8.34 13.47 7.68
N GLU A 90 7.72 14.64 7.54
CA GLU A 90 7.51 15.29 6.25
C GLU A 90 8.83 15.52 5.54
N GLN A 91 9.79 16.08 6.25
CA GLN A 91 11.10 16.40 5.68
C GLN A 91 11.79 15.17 5.10
N GLY A 92 11.71 14.06 5.81
CA GLY A 92 12.29 12.83 5.32
C GLY A 92 11.55 12.32 4.11
N LEU A 93 10.24 12.44 4.14
CA LEU A 93 9.40 12.03 3.01
C LEU A 93 9.68 12.90 1.79
N ILE A 94 9.94 14.17 2.03
CA ILE A 94 10.26 15.11 0.97
C ILE A 94 11.55 14.71 0.27
N GLU A 95 12.51 14.18 1.02
CA GLU A 95 13.75 13.69 0.42
C GLU A 95 13.46 12.48 -0.46
N ILE A 96 12.50 11.66 -0.02
CA ILE A 96 12.04 10.51 -0.78
C ILE A 96 11.32 10.98 -2.05
N LEU A 97 10.57 12.06 -1.92
CA LEU A 97 9.87 12.68 -3.02
C LEU A 97 10.87 13.19 -4.07
N LYS A 98 11.95 13.79 -3.57
CA LYS A 98 13.00 14.31 -4.43
C LYS A 98 13.67 13.20 -5.23
N LYS A 99 13.98 12.10 -4.57
CA LYS A 99 14.65 10.99 -5.23
C LYS A 99 13.72 10.24 -6.21
N VAL A 100 12.42 10.36 -6.05
CA VAL A 100 11.51 9.72 -6.98
C VAL A 100 10.98 10.67 -8.02
N SER A 101 11.34 11.95 -7.90
CA SER A 101 10.97 12.96 -8.87
C SER A 101 11.31 12.49 -10.30
N GLN A 102 12.47 11.90 -10.47
CA GLN A 102 12.83 11.32 -11.72
C GLN A 102 12.70 9.83 -11.54
N GLN A 103 13.65 9.27 -10.79
CA GLN A 103 13.67 7.88 -10.37
C GLN A 103 14.96 7.58 -9.65
N THR A 104 14.89 6.74 -8.66
CA THR A 104 16.06 6.21 -8.03
C THR A 104 15.94 4.67 -7.92
N GLU A 105 15.42 4.17 -6.82
CA GLU A 105 15.21 2.73 -6.66
C GLU A 105 13.82 2.34 -7.19
N LYS A 106 13.66 2.53 -8.49
CA LYS A 106 12.45 2.23 -9.26
C LYS A 106 12.62 2.67 -10.67
N THR A 107 12.14 1.89 -11.58
CA THR A 107 12.38 2.14 -12.97
C THR A 107 11.24 2.92 -13.61
N THR A 108 11.57 4.06 -14.15
CA THR A 108 10.66 4.84 -14.93
C THR A 108 11.21 4.89 -16.35
N THR A 109 10.37 4.61 -17.34
CA THR A 109 10.76 4.49 -18.73
C THR A 109 11.50 5.72 -19.29
N VAL A 110 10.84 6.84 -19.36
CA VAL A 110 11.43 8.02 -19.96
C VAL A 110 11.04 9.25 -19.15
N LYS A 111 11.74 10.34 -19.35
CA LYS A 111 11.36 11.57 -18.70
C LYS A 111 10.55 12.41 -19.66
N PHE A 112 9.45 12.91 -19.19
CA PHE A 112 8.65 13.82 -19.97
C PHE A 112 8.93 15.23 -19.49
N ASN A 113 10.19 15.56 -19.52
CA ASN A 113 10.67 16.82 -19.07
C ASN A 113 11.71 17.28 -20.05
N GLY A 1 -37.68 -32.92 -13.93
CA GLY A 1 -36.67 -31.90 -13.69
C GLY A 1 -36.91 -30.71 -14.55
N SER A 2 -36.01 -29.79 -14.56
CA SER A 2 -36.13 -28.61 -15.35
C SER A 2 -34.83 -28.33 -16.06
N ALA A 3 -34.09 -29.38 -16.37
CA ALA A 3 -32.75 -29.31 -16.98
C ALA A 3 -32.70 -28.45 -18.23
N ASP A 4 -33.70 -28.57 -19.08
CA ASP A 4 -33.74 -27.81 -20.31
C ASP A 4 -34.00 -26.35 -20.00
N GLU A 5 -34.87 -26.14 -19.05
CA GLU A 5 -35.24 -24.84 -18.59
C GLU A 5 -34.05 -24.18 -17.86
N GLU A 6 -33.27 -25.00 -17.14
CA GLU A 6 -32.06 -24.55 -16.46
C GLU A 6 -31.06 -24.08 -17.49
N LEU A 7 -30.98 -24.82 -18.60
CA LEU A 7 -30.08 -24.49 -19.68
C LEU A 7 -30.50 -23.16 -20.31
N GLU A 8 -31.80 -23.00 -20.50
CA GLU A 8 -32.38 -21.76 -21.03
C GLU A 8 -31.99 -20.58 -20.12
N ALA A 9 -32.16 -20.79 -18.83
CA ALA A 9 -31.83 -19.79 -17.83
C ALA A 9 -30.34 -19.46 -17.86
N LEU A 10 -29.52 -20.49 -17.93
CA LEU A 10 -28.06 -20.36 -17.98
C LEU A 10 -27.64 -19.60 -19.25
N ARG A 11 -28.27 -19.94 -20.34
CA ARG A 11 -28.06 -19.34 -21.65
C ARG A 11 -28.36 -17.84 -21.61
N ARG A 12 -29.43 -17.48 -20.93
CA ARG A 12 -29.83 -16.09 -20.82
C ARG A 12 -28.98 -15.37 -19.78
N GLN A 13 -28.52 -16.10 -18.79
CA GLN A 13 -27.60 -15.60 -17.81
C GLN A 13 -26.28 -15.26 -18.51
N ARG A 14 -25.86 -16.15 -19.40
CA ARG A 14 -24.67 -15.99 -20.23
C ARG A 14 -24.79 -14.68 -21.02
N LEU A 15 -26.00 -14.38 -21.48
CA LEU A 15 -26.27 -13.15 -22.22
C LEU A 15 -26.00 -11.92 -21.35
N ALA A 16 -26.34 -12.01 -20.06
CA ALA A 16 -26.10 -10.91 -19.13
C ALA A 16 -24.61 -10.72 -18.92
N GLU A 17 -23.91 -11.85 -18.85
CA GLU A 17 -22.46 -11.88 -18.73
C GLU A 17 -21.82 -11.28 -19.99
N LEU A 18 -22.41 -11.60 -21.13
CA LEU A 18 -21.96 -11.10 -22.43
C LEU A 18 -22.15 -9.57 -22.47
N GLN A 19 -23.15 -9.08 -21.79
CA GLN A 19 -23.41 -7.65 -21.71
C GLN A 19 -22.58 -6.99 -20.60
N ALA A 20 -21.87 -7.82 -19.82
CA ALA A 20 -21.00 -7.39 -18.70
C ALA A 20 -21.81 -6.78 -17.56
N LYS A 21 -23.13 -7.07 -17.57
CA LYS A 21 -24.13 -6.56 -16.64
C LYS A 21 -24.08 -5.02 -16.41
N HIS A 22 -23.16 -4.58 -15.60
CA HIS A 22 -22.98 -3.18 -15.28
C HIS A 22 -21.65 -3.06 -14.53
N GLY A 23 -20.75 -3.98 -14.81
CA GLY A 23 -19.49 -4.02 -14.13
C GLY A 23 -18.41 -3.39 -14.95
N ASP A 24 -18.40 -2.09 -15.00
CA ASP A 24 -17.39 -1.39 -15.77
C ASP A 24 -16.20 -1.03 -14.89
N PRO A 25 -14.99 -1.05 -15.46
CA PRO A 25 -13.75 -0.73 -14.74
C PRO A 25 -13.39 0.76 -14.90
N GLY A 26 -14.39 1.63 -14.77
CA GLY A 26 -14.21 3.05 -14.92
C GLY A 26 -13.45 3.70 -13.76
N ASP A 27 -13.52 5.00 -13.67
CA ASP A 27 -12.76 5.76 -12.67
C ASP A 27 -13.23 5.45 -11.26
N ALA A 28 -14.51 5.17 -11.12
CA ALA A 28 -15.08 4.84 -9.82
C ALA A 28 -14.55 3.52 -9.32
N ALA A 29 -14.50 2.53 -10.22
CA ALA A 29 -13.96 1.23 -9.87
C ALA A 29 -12.49 1.36 -9.50
N GLN A 30 -11.78 2.18 -10.27
CA GLN A 30 -10.37 2.44 -10.02
C GLN A 30 -10.17 3.24 -8.73
N GLN A 31 -11.17 4.00 -8.33
CA GLN A 31 -11.11 4.80 -7.11
C GLN A 31 -11.15 3.85 -5.93
N GLU A 32 -12.08 2.91 -5.97
CA GLU A 32 -12.16 1.89 -4.93
C GLU A 32 -10.99 0.92 -4.96
N ALA A 33 -10.49 0.66 -6.16
CA ALA A 33 -9.31 -0.18 -6.31
C ALA A 33 -8.15 0.47 -5.58
N LYS A 34 -7.93 1.75 -5.87
CA LYS A 34 -6.89 2.52 -5.20
C LYS A 34 -7.16 2.56 -3.70
N HIS A 35 -8.42 2.74 -3.35
CA HIS A 35 -8.86 2.78 -1.96
C HIS A 35 -8.44 1.53 -1.20
N ARG A 36 -8.72 0.36 -1.77
CA ARG A 36 -8.38 -0.89 -1.08
C ARG A 36 -6.87 -1.15 -1.14
N GLU A 37 -6.22 -0.59 -2.14
CA GLU A 37 -4.78 -0.72 -2.25
C GLU A 37 -4.09 0.14 -1.21
N ALA A 38 -4.73 1.25 -0.89
CA ALA A 38 -4.24 2.16 0.11
C ALA A 38 -4.47 1.62 1.51
N GLU A 39 -5.70 1.16 1.79
CA GLU A 39 -6.10 0.68 3.13
C GLU A 39 -5.15 -0.40 3.66
N MET A 40 -4.83 -1.38 2.84
CA MET A 40 -3.95 -2.47 3.25
C MET A 40 -2.52 -1.98 3.49
N ARG A 41 -2.07 -1.08 2.66
CA ARG A 41 -0.73 -0.52 2.79
C ARG A 41 -0.63 0.46 3.94
N ASN A 42 -1.75 1.11 4.23
CA ASN A 42 -1.84 2.11 5.27
C ASN A 42 -1.43 1.53 6.62
N SER A 43 -1.65 0.25 6.79
CA SER A 43 -1.27 -0.47 7.98
C SER A 43 0.25 -0.28 8.26
N ILE A 44 1.07 -0.51 7.24
CA ILE A 44 2.50 -0.31 7.38
C ILE A 44 2.83 1.18 7.32
N LEU A 45 2.14 1.92 6.46
CA LEU A 45 2.40 3.34 6.26
C LEU A 45 2.20 4.13 7.55
N ALA A 46 1.18 3.80 8.32
CA ALA A 46 0.88 4.51 9.57
C ALA A 46 1.95 4.34 10.64
N GLN A 47 2.68 3.25 10.58
CA GLN A 47 3.72 2.99 11.57
C GLN A 47 5.09 3.44 11.09
N VAL A 48 5.21 3.60 9.80
CA VAL A 48 6.45 4.05 9.18
C VAL A 48 6.43 5.55 9.00
N LEU A 49 5.35 6.06 8.53
CA LEU A 49 5.20 7.45 8.33
C LEU A 49 4.65 8.08 9.57
N ASP A 50 5.26 9.13 9.99
CA ASP A 50 4.73 9.95 11.05
C ASP A 50 3.42 10.56 10.57
N GLN A 51 2.60 10.99 11.47
CA GLN A 51 1.32 11.62 11.14
C GLN A 51 1.53 12.86 10.25
N SER A 52 2.62 13.58 10.48
CA SER A 52 2.92 14.77 9.71
C SER A 52 3.23 14.36 8.27
N ALA A 53 3.84 13.20 8.13
CA ALA A 53 4.22 12.68 6.85
C ALA A 53 2.98 12.22 6.07
N ARG A 54 1.98 11.69 6.79
CA ARG A 54 0.71 11.28 6.13
C ARG A 54 0.02 12.48 5.52
N ALA A 55 -0.02 13.57 6.26
CA ALA A 55 -0.63 14.79 5.78
C ALA A 55 0.15 15.32 4.58
N ARG A 56 1.47 15.24 4.67
CA ARG A 56 2.36 15.68 3.63
C ARG A 56 2.15 14.84 2.37
N LEU A 57 1.99 13.53 2.57
CA LEU A 57 1.76 12.55 1.52
C LEU A 57 0.49 12.94 0.75
N SER A 58 -0.56 13.21 1.50
CA SER A 58 -1.85 13.57 0.95
C SER A 58 -1.78 14.90 0.19
N ASN A 59 -0.88 15.80 0.60
CA ASN A 59 -0.70 17.09 -0.09
C ASN A 59 -0.22 16.87 -1.51
N LEU A 60 0.68 15.92 -1.69
CA LEU A 60 1.21 15.60 -3.00
C LEU A 60 0.18 14.87 -3.85
N ALA A 61 -0.67 14.09 -3.20
CA ALA A 61 -1.75 13.35 -3.88
C ALA A 61 -2.72 14.32 -4.55
N LEU A 62 -2.91 15.44 -3.89
CA LEU A 62 -3.82 16.47 -4.36
C LEU A 62 -3.28 17.19 -5.59
N VAL A 63 -1.97 17.18 -5.77
CA VAL A 63 -1.40 17.84 -6.93
C VAL A 63 -1.13 16.88 -8.08
N LYS A 64 -0.41 15.79 -7.81
CA LYS A 64 -0.08 14.80 -8.84
C LYS A 64 0.01 13.41 -8.20
N PRO A 65 -0.97 12.52 -8.47
CA PRO A 65 -1.04 11.19 -7.83
C PRO A 65 0.09 10.28 -8.29
N GLU A 66 0.67 10.62 -9.42
CA GLU A 66 1.80 9.89 -9.97
C GLU A 66 3.00 9.94 -9.03
N LYS A 67 3.20 11.04 -8.35
CA LYS A 67 4.32 11.12 -7.43
C LYS A 67 3.97 10.43 -6.13
N THR A 68 2.68 10.45 -5.80
CA THR A 68 2.15 9.85 -4.60
C THR A 68 2.39 8.34 -4.61
N LYS A 69 1.97 7.70 -5.69
CA LYS A 69 2.10 6.25 -5.83
C LYS A 69 3.57 5.83 -5.78
N ALA A 70 4.44 6.71 -6.24
CA ALA A 70 5.86 6.47 -6.21
C ALA A 70 6.37 6.47 -4.76
N VAL A 71 6.01 7.51 -3.99
CA VAL A 71 6.41 7.55 -2.59
C VAL A 71 5.77 6.41 -1.78
N GLU A 72 4.49 6.13 -2.05
CA GLU A 72 3.75 5.04 -1.40
C GLU A 72 4.52 3.72 -1.53
N ASN A 73 4.92 3.41 -2.76
CA ASN A 73 5.64 2.21 -3.08
C ASN A 73 7.00 2.20 -2.36
N TYR A 74 7.66 3.35 -2.34
CA TYR A 74 8.98 3.45 -1.74
C TYR A 74 8.93 3.19 -0.22
N LEU A 75 7.88 3.65 0.44
CA LEU A 75 7.71 3.39 1.87
C LEU A 75 7.53 1.91 2.16
N ILE A 76 6.83 1.21 1.26
CA ILE A 76 6.66 -0.25 1.37
C ILE A 76 8.05 -0.88 1.42
N GLN A 77 8.87 -0.44 0.47
CA GLN A 77 10.24 -0.91 0.34
C GLN A 77 11.05 -0.58 1.58
N MET A 78 10.90 0.64 2.07
CA MET A 78 11.62 1.11 3.26
C MET A 78 11.28 0.21 4.47
N ALA A 79 10.00 -0.09 4.63
CA ALA A 79 9.52 -0.97 5.69
C ALA A 79 10.03 -2.39 5.48
N ARG A 80 10.08 -2.78 4.22
CA ARG A 80 10.54 -4.08 3.80
C ARG A 80 12.02 -4.28 4.13
N TYR A 81 12.83 -3.23 3.94
CA TYR A 81 14.25 -3.30 4.24
C TYR A 81 14.47 -3.28 5.74
N GLY A 82 13.56 -2.64 6.46
CA GLY A 82 13.64 -2.60 7.91
C GLY A 82 14.68 -1.59 8.38
N GLN A 83 14.79 -0.51 7.64
CA GLN A 83 15.77 0.53 7.93
C GLN A 83 15.15 1.64 8.76
N LEU A 84 14.04 1.33 9.40
CA LEU A 84 13.36 2.29 10.23
C LEU A 84 13.92 2.31 11.61
N SER A 85 14.41 3.45 11.98
CA SER A 85 14.90 3.67 13.31
C SER A 85 13.81 4.41 14.09
N GLU A 86 13.00 5.14 13.34
CA GLU A 86 11.94 5.98 13.83
C GLU A 86 10.90 6.10 12.74
N LYS A 87 9.98 7.05 12.88
CA LYS A 87 9.07 7.34 11.83
C LYS A 87 9.78 8.15 10.79
N VAL A 88 9.30 8.07 9.59
CA VAL A 88 9.76 8.91 8.54
C VAL A 88 9.05 10.24 8.71
N SER A 89 9.82 11.24 8.99
CA SER A 89 9.32 12.55 9.19
C SER A 89 9.07 13.22 7.84
N GLU A 90 8.61 14.47 7.85
CA GLU A 90 8.33 15.16 6.61
C GLU A 90 9.61 15.37 5.83
N GLN A 91 10.67 15.79 6.51
CA GLN A 91 11.97 16.01 5.86
C GLN A 91 12.50 14.70 5.25
N GLY A 92 12.22 13.59 5.94
CA GLY A 92 12.60 12.30 5.42
C GLY A 92 11.79 11.94 4.20
N LEU A 93 10.50 12.25 4.26
CA LEU A 93 9.60 11.99 3.16
C LEU A 93 9.96 12.86 1.97
N ILE A 94 10.35 14.09 2.23
CA ILE A 94 10.77 15.02 1.19
C ILE A 94 12.02 14.50 0.48
N GLU A 95 12.90 13.84 1.23
CA GLU A 95 14.07 13.21 0.65
C GLU A 95 13.63 12.10 -0.31
N ILE A 96 12.65 11.31 0.14
CA ILE A 96 12.06 10.25 -0.66
C ILE A 96 11.38 10.85 -1.90
N LEU A 97 10.70 11.96 -1.69
CA LEU A 97 10.00 12.67 -2.75
C LEU A 97 11.01 13.14 -3.81
N LYS A 98 12.14 13.66 -3.35
CA LYS A 98 13.21 14.13 -4.26
C LYS A 98 13.75 13.00 -5.11
N LYS A 99 13.77 11.81 -4.55
CA LYS A 99 14.21 10.61 -5.23
C LYS A 99 13.26 10.27 -6.38
N VAL A 100 12.01 10.11 -6.03
CA VAL A 100 11.01 9.68 -6.98
C VAL A 100 10.60 10.81 -7.92
N SER A 101 10.92 12.04 -7.52
CA SER A 101 10.70 13.21 -8.33
C SER A 101 11.34 13.06 -9.70
N GLN A 102 12.63 12.73 -9.74
CA GLN A 102 13.29 12.62 -11.02
C GLN A 102 13.19 11.23 -11.59
N GLN A 103 13.49 10.23 -10.80
CA GLN A 103 13.47 8.86 -11.29
C GLN A 103 12.70 7.97 -10.33
N THR A 104 13.40 7.47 -9.34
CA THR A 104 12.85 6.58 -8.33
C THR A 104 13.75 6.67 -7.10
N GLU A 105 15.03 6.60 -7.33
CA GLU A 105 15.98 6.73 -6.27
C GLU A 105 17.10 7.67 -6.68
N LYS A 106 17.97 7.94 -5.75
CA LYS A 106 19.14 8.77 -6.01
C LYS A 106 20.36 7.94 -5.77
N THR A 107 20.63 7.72 -4.52
CA THR A 107 21.73 6.98 -4.04
C THR A 107 21.53 6.98 -2.53
N THR A 108 22.42 6.39 -1.80
CA THR A 108 22.31 6.37 -0.40
C THR A 108 23.72 6.33 0.19
N THR A 109 23.89 6.86 1.37
CA THR A 109 25.17 6.86 1.99
C THR A 109 25.43 5.52 2.69
N VAL A 110 26.62 5.04 2.53
CA VAL A 110 27.04 3.83 3.17
C VAL A 110 28.31 4.15 3.99
N LYS A 111 28.44 5.45 4.31
CA LYS A 111 29.56 5.95 5.07
C LYS A 111 29.59 5.32 6.46
N PHE A 112 28.43 5.19 7.05
CA PHE A 112 28.30 4.59 8.36
C PHE A 112 26.99 3.84 8.48
N ASN A 113 27.05 2.70 9.14
CA ASN A 113 25.89 1.84 9.39
C ASN A 113 25.99 1.29 10.78
N GLY A 1 19.54 -31.61 1.53
CA GLY A 1 18.61 -30.57 1.98
C GLY A 1 19.20 -29.18 1.84
N SER A 2 20.14 -28.86 2.72
CA SER A 2 20.76 -27.56 2.78
C SER A 2 21.44 -27.16 1.45
N ALA A 3 21.93 -28.14 0.70
CA ALA A 3 22.58 -27.87 -0.59
C ALA A 3 21.57 -27.30 -1.60
N ASP A 4 20.37 -27.84 -1.59
CA ASP A 4 19.29 -27.38 -2.48
C ASP A 4 18.77 -26.03 -1.99
N GLU A 5 18.86 -25.83 -0.70
CA GLU A 5 18.48 -24.57 -0.07
C GLU A 5 19.42 -23.45 -0.56
N GLU A 6 20.72 -23.71 -0.51
CA GLU A 6 21.72 -22.76 -1.00
C GLU A 6 21.46 -22.50 -2.48
N LEU A 7 21.11 -23.56 -3.17
CA LEU A 7 20.84 -23.51 -4.58
C LEU A 7 19.64 -22.58 -4.85
N GLU A 8 18.56 -22.71 -4.06
CA GLU A 8 17.39 -21.87 -4.27
C GLU A 8 17.73 -20.44 -3.91
N ALA A 9 18.56 -20.25 -2.89
CA ALA A 9 18.96 -18.93 -2.45
C ALA A 9 19.67 -18.20 -3.58
N LEU A 10 20.64 -18.89 -4.18
CA LEU A 10 21.36 -18.40 -5.35
C LEU A 10 20.37 -18.07 -6.47
N ARG A 11 19.49 -19.02 -6.73
CA ARG A 11 18.44 -18.93 -7.75
C ARG A 11 17.53 -17.71 -7.52
N ARG A 12 17.05 -17.57 -6.32
CA ARG A 12 16.17 -16.48 -5.91
C ARG A 12 16.85 -15.12 -5.99
N GLN A 13 18.10 -15.04 -5.53
CA GLN A 13 18.84 -13.80 -5.60
C GLN A 13 19.11 -13.44 -7.05
N ARG A 14 19.54 -14.42 -7.82
CA ARG A 14 19.83 -14.24 -9.25
C ARG A 14 18.59 -13.77 -9.99
N LEU A 15 17.46 -14.36 -9.64
CA LEU A 15 16.17 -14.03 -10.21
C LEU A 15 15.88 -12.55 -9.99
N ALA A 16 16.20 -12.08 -8.80
CA ALA A 16 16.01 -10.70 -8.42
C ALA A 16 17.04 -9.77 -9.08
N GLU A 17 18.29 -10.22 -9.19
CA GLU A 17 19.36 -9.42 -9.80
C GLU A 17 19.13 -9.24 -11.28
N LEU A 18 18.70 -10.29 -11.90
CA LEU A 18 18.35 -10.29 -13.32
C LEU A 18 17.04 -9.50 -13.49
N GLN A 19 16.28 -9.48 -12.42
CA GLN A 19 14.98 -8.85 -12.28
C GLN A 19 13.98 -9.52 -13.19
N ALA A 20 13.76 -10.77 -12.95
CA ALA A 20 12.76 -11.48 -13.66
C ALA A 20 11.53 -11.42 -12.82
N LYS A 21 10.41 -11.17 -13.45
CA LYS A 21 9.18 -10.98 -12.75
C LYS A 21 8.80 -12.26 -12.02
N HIS A 22 8.51 -13.33 -12.79
CA HIS A 22 8.09 -14.64 -12.25
C HIS A 22 6.90 -14.41 -11.29
N GLY A 23 6.12 -13.41 -11.64
CA GLY A 23 5.09 -12.93 -10.80
C GLY A 23 3.78 -13.51 -11.11
N ASP A 24 3.67 -14.77 -10.90
CA ASP A 24 2.42 -15.46 -10.98
C ASP A 24 2.08 -15.97 -9.58
N PRO A 25 1.32 -15.18 -8.81
CA PRO A 25 0.91 -15.56 -7.47
C PRO A 25 -0.06 -16.75 -7.47
N GLY A 26 -0.68 -16.99 -8.60
CA GLY A 26 -1.57 -18.12 -8.72
C GLY A 26 -2.98 -17.81 -8.31
N ASP A 27 -3.53 -16.75 -8.91
CA ASP A 27 -4.95 -16.31 -8.72
C ASP A 27 -5.30 -15.89 -7.28
N ALA A 28 -5.37 -16.84 -6.39
CA ALA A 28 -5.76 -16.60 -5.00
C ALA A 28 -4.82 -15.63 -4.32
N ALA A 29 -3.55 -15.76 -4.62
CA ALA A 29 -2.56 -14.93 -4.01
C ALA A 29 -2.52 -13.53 -4.64
N GLN A 30 -2.95 -13.41 -5.90
CA GLN A 30 -2.92 -12.10 -6.54
C GLN A 30 -4.14 -11.30 -6.11
N GLN A 31 -5.19 -12.00 -5.72
CA GLN A 31 -6.39 -11.36 -5.23
C GLN A 31 -6.12 -10.80 -3.84
N GLU A 32 -5.37 -11.54 -3.04
CA GLU A 32 -5.04 -11.04 -1.71
C GLU A 32 -4.01 -9.93 -1.83
N ALA A 33 -3.20 -9.95 -2.89
CA ALA A 33 -2.24 -8.88 -3.15
C ALA A 33 -2.99 -7.55 -3.31
N LYS A 34 -4.16 -7.64 -3.88
CA LYS A 34 -5.04 -6.50 -4.06
C LYS A 34 -5.69 -6.12 -2.69
N HIS A 35 -5.74 -7.06 -1.78
CA HIS A 35 -6.21 -6.76 -0.44
C HIS A 35 -5.07 -6.13 0.36
N ARG A 36 -3.85 -6.64 0.15
CA ARG A 36 -2.63 -6.06 0.73
C ARG A 36 -2.41 -4.65 0.20
N GLU A 37 -2.93 -4.41 -1.00
CA GLU A 37 -2.87 -3.15 -1.70
C GLU A 37 -3.41 -2.03 -0.78
N ALA A 38 -4.59 -2.21 -0.27
CA ALA A 38 -5.17 -1.27 0.66
C ALA A 38 -4.64 -1.49 2.08
N GLU A 39 -4.83 -2.72 2.58
CA GLU A 39 -4.59 -3.09 3.98
C GLU A 39 -3.14 -2.86 4.43
N MET A 40 -2.17 -3.35 3.65
CA MET A 40 -0.76 -3.20 4.05
C MET A 40 -0.31 -1.79 3.94
N ARG A 41 -0.64 -1.13 2.83
CA ARG A 41 -0.17 0.23 2.61
C ARG A 41 -0.62 1.15 3.70
N ASN A 42 -1.90 1.18 3.97
CA ASN A 42 -2.45 2.09 4.98
C ASN A 42 -1.81 1.81 6.34
N SER A 43 -1.69 0.54 6.68
CA SER A 43 -1.12 0.15 7.94
C SER A 43 0.37 0.49 8.06
N ILE A 44 1.18 0.13 7.06
CA ILE A 44 2.63 0.35 7.17
C ILE A 44 3.00 1.82 6.99
N LEU A 45 2.34 2.50 6.08
CA LEU A 45 2.65 3.90 5.80
C LEU A 45 2.32 4.77 6.98
N ALA A 46 1.18 4.49 7.63
CA ALA A 46 0.79 5.23 8.83
C ALA A 46 1.74 4.97 10.02
N GLN A 47 2.51 3.88 9.95
CA GLN A 47 3.47 3.56 11.00
C GLN A 47 4.86 4.12 10.68
N VAL A 48 5.29 3.93 9.46
CA VAL A 48 6.62 4.39 9.02
C VAL A 48 6.64 5.89 8.88
N LEU A 49 5.61 6.43 8.32
CA LEU A 49 5.54 7.83 8.15
C LEU A 49 4.84 8.43 9.33
N ASP A 50 5.44 9.45 9.87
CA ASP A 50 4.83 10.24 10.91
C ASP A 50 3.53 10.83 10.39
N GLN A 51 2.63 11.08 11.29
CA GLN A 51 1.30 11.59 10.98
C GLN A 51 1.37 12.88 10.13
N SER A 52 2.42 13.67 10.33
CA SER A 52 2.56 14.92 9.60
C SER A 52 2.98 14.62 8.17
N ALA A 53 3.79 13.58 8.02
CA ALA A 53 4.29 13.17 6.72
C ALA A 53 3.14 12.62 5.90
N ARG A 54 2.26 11.87 6.56
CA ARG A 54 1.07 11.34 5.89
C ARG A 54 0.17 12.49 5.44
N ALA A 55 0.00 13.48 6.31
CA ALA A 55 -0.81 14.66 6.01
C ALA A 55 -0.18 15.46 4.86
N ARG A 56 1.13 15.60 4.91
CA ARG A 56 1.90 16.31 3.90
C ARG A 56 1.71 15.62 2.56
N LEU A 57 1.82 14.31 2.59
CA LEU A 57 1.71 13.49 1.41
C LEU A 57 0.29 13.48 0.86
N SER A 58 -0.66 13.64 1.74
CA SER A 58 -2.05 13.70 1.37
C SER A 58 -2.30 14.94 0.50
N ASN A 59 -1.52 16.00 0.71
CA ASN A 59 -1.61 17.21 -0.11
C ASN A 59 -1.05 16.92 -1.50
N LEU A 60 0.03 16.15 -1.53
CA LEU A 60 0.67 15.74 -2.78
C LEU A 60 -0.28 14.92 -3.64
N ALA A 61 -1.15 14.16 -2.99
CA ALA A 61 -2.14 13.33 -3.69
C ALA A 61 -3.15 14.18 -4.48
N LEU A 62 -3.29 15.43 -4.09
CA LEU A 62 -4.18 16.33 -4.78
C LEU A 62 -3.49 16.96 -5.98
N VAL A 63 -2.21 17.23 -5.86
CA VAL A 63 -1.49 17.87 -6.95
C VAL A 63 -0.95 16.86 -7.96
N LYS A 64 -0.24 15.84 -7.50
CA LYS A 64 0.31 14.80 -8.36
C LYS A 64 0.34 13.48 -7.63
N PRO A 65 -0.77 12.72 -7.69
CA PRO A 65 -0.84 11.39 -7.05
C PRO A 65 0.20 10.44 -7.62
N GLU A 66 0.76 10.76 -8.80
CA GLU A 66 1.83 9.98 -9.41
C GLU A 66 2.99 9.87 -8.43
N LYS A 67 3.32 10.99 -7.81
CA LYS A 67 4.47 11.01 -6.92
C LYS A 67 4.12 10.39 -5.59
N THR A 68 2.84 10.49 -5.22
CA THR A 68 2.33 9.87 -4.03
C THR A 68 2.54 8.35 -4.13
N LYS A 69 2.11 7.79 -5.27
CA LYS A 69 2.27 6.37 -5.57
C LYS A 69 3.71 5.95 -5.43
N ALA A 70 4.59 6.75 -6.00
CA ALA A 70 6.01 6.47 -6.02
C ALA A 70 6.66 6.52 -4.63
N VAL A 71 6.36 7.55 -3.83
CA VAL A 71 6.95 7.61 -2.50
C VAL A 71 6.40 6.49 -1.62
N GLU A 72 5.09 6.23 -1.73
CA GLU A 72 4.47 5.18 -0.96
C GLU A 72 5.07 3.84 -1.37
N ASN A 73 5.30 3.68 -2.68
CA ASN A 73 5.92 2.52 -3.27
C ASN A 73 7.31 2.30 -2.66
N TYR A 74 8.06 3.38 -2.53
CA TYR A 74 9.39 3.32 -2.01
C TYR A 74 9.37 2.92 -0.52
N LEU A 75 8.47 3.52 0.24
CA LEU A 75 8.35 3.19 1.66
C LEU A 75 7.95 1.74 1.90
N ILE A 76 7.06 1.21 1.04
CA ILE A 76 6.66 -0.23 1.10
C ILE A 76 7.92 -1.09 1.04
N GLN A 77 8.80 -0.74 0.10
CA GLN A 77 10.04 -1.45 -0.11
C GLN A 77 10.97 -1.28 1.08
N MET A 78 11.20 -0.04 1.49
CA MET A 78 12.09 0.27 2.63
C MET A 78 11.62 -0.41 3.92
N ALA A 79 10.31 -0.48 4.10
CA ALA A 79 9.72 -1.16 5.25
C ALA A 79 9.94 -2.66 5.16
N ARG A 80 9.91 -3.18 3.94
CA ARG A 80 10.08 -4.62 3.68
C ARG A 80 11.48 -5.09 4.10
N TYR A 81 12.46 -4.20 3.98
CA TYR A 81 13.83 -4.53 4.38
C TYR A 81 14.01 -4.39 5.89
N GLY A 82 13.00 -3.88 6.57
CA GLY A 82 13.07 -3.71 8.01
C GLY A 82 14.08 -2.64 8.40
N GLN A 83 14.12 -1.57 7.63
CA GLN A 83 15.07 -0.50 7.88
C GLN A 83 14.45 0.63 8.67
N LEU A 84 13.16 0.53 8.90
CA LEU A 84 12.44 1.59 9.58
C LEU A 84 11.81 1.10 10.86
N SER A 85 11.93 1.91 11.85
CA SER A 85 11.31 1.70 13.12
C SER A 85 10.91 3.06 13.67
N GLU A 86 11.79 4.05 13.46
CA GLU A 86 11.48 5.39 13.80
C GLU A 86 10.66 5.98 12.68
N LYS A 87 9.99 7.05 12.96
CA LYS A 87 9.07 7.61 12.04
C LYS A 87 9.73 8.62 11.14
N VAL A 88 9.40 8.52 9.88
CA VAL A 88 9.91 9.40 8.89
C VAL A 88 9.05 10.64 8.89
N SER A 89 9.67 11.75 9.16
CA SER A 89 9.02 13.02 9.21
C SER A 89 8.86 13.59 7.80
N GLU A 90 8.26 14.77 7.71
CA GLU A 90 8.04 15.45 6.45
C GLU A 90 9.37 15.69 5.74
N GLN A 91 10.35 16.18 6.48
CA GLN A 91 11.67 16.46 5.91
C GLN A 91 12.35 15.20 5.38
N GLY A 92 12.00 14.07 5.94
CA GLY A 92 12.54 12.82 5.48
C GLY A 92 11.82 12.35 4.23
N LEU A 93 10.51 12.49 4.23
CA LEU A 93 9.69 12.07 3.10
C LEU A 93 9.94 12.96 1.88
N ILE A 94 10.21 14.23 2.11
CA ILE A 94 10.54 15.16 1.03
C ILE A 94 11.81 14.70 0.29
N GLU A 95 12.72 14.09 1.01
CA GLU A 95 13.95 13.56 0.44
C GLU A 95 13.59 12.36 -0.47
N ILE A 96 12.58 11.60 -0.05
CA ILE A 96 12.08 10.46 -0.82
C ILE A 96 11.39 10.99 -2.08
N LEU A 97 10.65 12.07 -1.90
CA LEU A 97 9.94 12.75 -2.97
C LEU A 97 10.93 13.19 -4.05
N LYS A 98 12.06 13.72 -3.62
CA LYS A 98 13.10 14.15 -4.55
C LYS A 98 13.70 12.95 -5.28
N LYS A 99 13.80 11.82 -4.58
CA LYS A 99 14.36 10.60 -5.15
C LYS A 99 13.41 10.07 -6.25
N VAL A 100 12.11 10.10 -5.97
CA VAL A 100 11.13 9.58 -6.91
C VAL A 100 10.81 10.61 -8.01
N SER A 101 11.21 11.85 -7.80
CA SER A 101 11.10 12.84 -8.83
C SER A 101 12.08 12.54 -9.98
N GLN A 102 13.09 11.74 -9.66
CA GLN A 102 14.06 11.36 -10.65
C GLN A 102 13.67 10.08 -11.35
N GLN A 103 13.84 8.96 -10.68
CA GLN A 103 13.62 7.67 -11.31
C GLN A 103 12.47 6.87 -10.74
N THR A 104 12.21 7.05 -9.45
CA THR A 104 11.32 6.21 -8.71
C THR A 104 11.94 4.83 -8.59
N GLU A 105 12.56 4.62 -7.46
CA GLU A 105 13.37 3.45 -7.21
C GLU A 105 12.53 2.16 -7.25
N LYS A 106 12.70 1.45 -8.36
CA LYS A 106 11.96 0.24 -8.71
C LYS A 106 10.48 0.59 -8.84
N THR A 107 10.15 1.15 -9.98
CA THR A 107 8.85 1.67 -10.27
C THR A 107 7.83 0.53 -10.48
N THR A 108 6.88 0.41 -9.56
CA THR A 108 5.82 -0.61 -9.67
C THR A 108 4.53 -0.16 -8.94
N THR A 109 4.69 0.65 -7.90
CA THR A 109 3.62 1.09 -7.01
C THR A 109 3.12 -0.10 -6.16
N VAL A 110 2.28 -0.93 -6.74
CA VAL A 110 1.71 -2.17 -6.20
C VAL A 110 1.03 -2.85 -7.34
N LYS A 111 0.60 -4.07 -7.16
CA LYS A 111 -0.11 -4.76 -8.18
C LYS A 111 -1.60 -4.47 -8.02
N PHE A 112 -2.12 -3.64 -8.89
CA PHE A 112 -3.51 -3.27 -8.87
C PHE A 112 -4.36 -4.26 -9.66
N ASN A 113 -5.65 -4.10 -9.57
CA ASN A 113 -6.62 -4.92 -10.26
C ASN A 113 -7.92 -4.14 -10.30
N GLY A 1 -31.54 -35.82 -0.60
CA GLY A 1 -32.41 -34.97 -1.41
C GLY A 1 -31.87 -34.86 -2.80
N SER A 2 -31.62 -33.65 -3.23
CA SER A 2 -31.07 -33.45 -4.54
C SER A 2 -29.57 -33.58 -4.43
N ALA A 3 -29.06 -34.72 -4.92
CA ALA A 3 -27.61 -35.03 -4.92
C ALA A 3 -26.79 -33.85 -5.40
N ASP A 4 -27.28 -33.17 -6.43
CA ASP A 4 -26.65 -31.98 -6.98
C ASP A 4 -26.49 -30.89 -5.93
N GLU A 5 -27.59 -30.52 -5.31
CA GLU A 5 -27.61 -29.45 -4.32
C GLU A 5 -26.77 -29.79 -3.11
N GLU A 6 -26.96 -31.00 -2.60
CA GLU A 6 -26.25 -31.43 -1.40
C GLU A 6 -24.74 -31.58 -1.64
N LEU A 7 -24.36 -31.87 -2.87
CA LEU A 7 -22.96 -31.92 -3.26
C LEU A 7 -22.42 -30.50 -3.41
N GLU A 8 -23.17 -29.70 -4.16
CA GLU A 8 -22.81 -28.33 -4.49
C GLU A 8 -22.64 -27.47 -3.24
N ALA A 9 -23.61 -27.57 -2.35
CA ALA A 9 -23.62 -26.80 -1.11
C ALA A 9 -22.42 -27.13 -0.22
N LEU A 10 -22.06 -28.41 -0.19
CA LEU A 10 -20.97 -28.86 0.64
C LEU A 10 -19.64 -28.30 0.10
N ARG A 11 -19.49 -28.32 -1.22
CA ARG A 11 -18.31 -27.75 -1.85
C ARG A 11 -18.27 -26.24 -1.63
N ARG A 12 -19.41 -25.60 -1.82
CA ARG A 12 -19.53 -24.17 -1.61
C ARG A 12 -19.27 -23.74 -0.18
N GLN A 13 -19.55 -24.61 0.78
CA GLN A 13 -19.23 -24.32 2.17
C GLN A 13 -17.70 -24.17 2.34
N ARG A 14 -16.97 -25.08 1.68
CA ARG A 14 -15.51 -25.07 1.69
C ARG A 14 -15.02 -23.81 0.97
N LEU A 15 -15.69 -23.50 -0.11
CA LEU A 15 -15.40 -22.33 -0.93
C LEU A 15 -15.65 -21.03 -0.13
N ALA A 16 -16.58 -21.10 0.81
CA ALA A 16 -16.92 -19.95 1.62
C ALA A 16 -15.84 -19.69 2.66
N GLU A 17 -15.19 -20.74 3.08
CA GLU A 17 -14.10 -20.65 4.04
C GLU A 17 -12.82 -20.20 3.35
N LEU A 18 -12.72 -20.54 2.07
CA LEU A 18 -11.60 -20.15 1.24
C LEU A 18 -11.64 -18.61 1.10
N GLN A 19 -12.87 -18.08 1.08
CA GLN A 19 -13.20 -16.64 1.05
C GLN A 19 -13.11 -16.05 -0.34
N ALA A 20 -12.13 -16.45 -1.11
CA ALA A 20 -12.03 -15.97 -2.48
C ALA A 20 -13.00 -16.78 -3.32
N LYS A 21 -14.24 -16.31 -3.35
CA LYS A 21 -15.29 -17.00 -4.02
C LYS A 21 -15.26 -16.71 -5.50
N HIS A 22 -14.92 -15.46 -5.79
CA HIS A 22 -14.94 -14.90 -7.11
C HIS A 22 -16.37 -14.97 -7.64
N GLY A 23 -17.21 -14.14 -7.07
CA GLY A 23 -18.61 -14.14 -7.39
C GLY A 23 -19.14 -12.75 -7.56
N ASP A 24 -18.35 -11.93 -8.19
CA ASP A 24 -18.72 -10.55 -8.53
C ASP A 24 -18.99 -10.54 -10.04
N PRO A 25 -19.44 -9.40 -10.64
CA PRO A 25 -19.69 -9.31 -12.10
C PRO A 25 -18.51 -9.79 -12.95
N GLY A 26 -17.31 -9.66 -12.43
CA GLY A 26 -16.14 -10.13 -13.15
C GLY A 26 -15.07 -9.07 -13.20
N ASP A 27 -15.48 -7.84 -13.09
CA ASP A 27 -14.55 -6.73 -13.16
C ASP A 27 -14.41 -6.03 -11.83
N ALA A 28 -15.38 -6.22 -10.95
CA ALA A 28 -15.37 -5.58 -9.64
C ALA A 28 -14.22 -6.16 -8.81
N ALA A 29 -13.84 -7.38 -9.16
CA ALA A 29 -12.73 -8.07 -8.57
C ALA A 29 -11.44 -7.25 -8.61
N GLN A 30 -11.13 -6.63 -9.77
CA GLN A 30 -9.89 -5.85 -9.90
C GLN A 30 -9.95 -4.62 -8.99
N GLN A 31 -11.14 -4.04 -8.87
CA GLN A 31 -11.34 -2.85 -8.05
C GLN A 31 -11.15 -3.19 -6.60
N GLU A 32 -11.67 -4.33 -6.20
CA GLU A 32 -11.57 -4.79 -4.83
C GLU A 32 -10.13 -5.05 -4.49
N ALA A 33 -9.43 -5.75 -5.37
CA ALA A 33 -8.04 -6.07 -5.19
C ALA A 33 -7.21 -4.79 -5.11
N LYS A 34 -7.50 -3.85 -6.00
CA LYS A 34 -6.78 -2.59 -6.04
C LYS A 34 -7.06 -1.75 -4.79
N HIS A 35 -8.32 -1.76 -4.36
CA HIS A 35 -8.69 -1.07 -3.15
C HIS A 35 -7.99 -1.69 -1.95
N ARG A 36 -7.94 -3.00 -1.95
CA ARG A 36 -7.32 -3.77 -0.90
C ARG A 36 -5.81 -3.50 -0.87
N GLU A 37 -5.23 -3.20 -2.05
CA GLU A 37 -3.83 -2.82 -2.11
C GLU A 37 -3.63 -1.53 -1.35
N ALA A 38 -4.34 -0.49 -1.78
CA ALA A 38 -4.21 0.86 -1.24
C ALA A 38 -4.55 0.91 0.23
N GLU A 39 -5.58 0.19 0.59
CA GLU A 39 -6.07 0.13 1.96
C GLU A 39 -4.96 -0.45 2.86
N MET A 40 -4.40 -1.57 2.44
CA MET A 40 -3.35 -2.23 3.20
C MET A 40 -2.07 -1.40 3.21
N ARG A 41 -1.71 -0.83 2.05
CA ARG A 41 -0.51 0.02 1.93
C ARG A 41 -0.61 1.17 2.91
N ASN A 42 -1.70 1.88 2.83
CA ASN A 42 -1.92 3.06 3.63
C ASN A 42 -2.02 2.77 5.11
N SER A 43 -2.45 1.57 5.45
CA SER A 43 -2.48 1.16 6.83
C SER A 43 -1.05 0.99 7.37
N ILE A 44 -0.13 0.45 6.55
CA ILE A 44 1.26 0.32 7.00
C ILE A 44 1.94 1.67 6.98
N LEU A 45 1.60 2.47 5.96
CA LEU A 45 2.14 3.82 5.79
C LEU A 45 1.82 4.68 6.99
N ALA A 46 0.60 4.59 7.48
CA ALA A 46 0.14 5.37 8.63
C ALA A 46 0.90 5.05 9.91
N GLN A 47 1.52 3.88 9.95
CA GLN A 47 2.27 3.48 11.10
C GLN A 47 3.72 3.94 11.00
N VAL A 48 4.24 3.97 9.79
CA VAL A 48 5.64 4.36 9.60
C VAL A 48 5.79 5.87 9.39
N LEU A 49 4.80 6.48 8.80
CA LEU A 49 4.81 7.90 8.57
C LEU A 49 4.26 8.58 9.77
N ASP A 50 4.98 9.53 10.28
CA ASP A 50 4.46 10.32 11.36
C ASP A 50 3.46 11.33 10.79
N GLN A 51 2.82 12.09 11.65
CA GLN A 51 1.70 12.98 11.33
C GLN A 51 1.96 13.89 10.13
N SER A 52 3.09 14.55 10.13
CA SER A 52 3.40 15.53 9.12
C SER A 52 3.69 14.87 7.77
N ALA A 53 4.44 13.78 7.79
CA ALA A 53 4.76 13.04 6.59
C ALA A 53 3.51 12.44 5.99
N ARG A 54 2.65 11.93 6.85
CA ARG A 54 1.39 11.32 6.46
C ARG A 54 0.50 12.35 5.79
N ALA A 55 0.44 13.52 6.38
CA ALA A 55 -0.33 14.62 5.83
C ALA A 55 0.29 15.11 4.51
N ARG A 56 1.62 15.09 4.45
CA ARG A 56 2.38 15.58 3.31
C ARG A 56 2.07 14.81 2.02
N LEU A 57 2.15 13.48 2.05
CA LEU A 57 1.90 12.73 0.80
C LEU A 57 0.45 12.79 0.38
N SER A 58 -0.42 12.96 1.35
CA SER A 58 -1.82 13.14 1.10
C SER A 58 -2.03 14.39 0.24
N ASN A 59 -1.27 15.43 0.56
CA ASN A 59 -1.22 16.67 -0.23
C ASN A 59 -0.72 16.35 -1.64
N LEU A 60 0.32 15.50 -1.72
CA LEU A 60 0.88 15.05 -3.00
C LEU A 60 -0.16 14.43 -3.90
N ALA A 61 -1.12 13.71 -3.32
CA ALA A 61 -2.16 13.04 -4.10
C ALA A 61 -3.03 14.04 -4.88
N LEU A 62 -3.08 15.27 -4.42
CA LEU A 62 -3.88 16.28 -5.08
C LEU A 62 -3.03 17.18 -5.98
N VAL A 63 -1.71 17.06 -5.91
CA VAL A 63 -0.83 17.89 -6.73
C VAL A 63 0.00 17.09 -7.75
N LYS A 64 0.55 15.96 -7.32
CA LYS A 64 1.34 15.08 -8.18
C LYS A 64 1.03 13.64 -7.76
N PRO A 65 -0.10 13.07 -8.23
CA PRO A 65 -0.58 11.75 -7.79
C PRO A 65 0.35 10.62 -8.19
N GLU A 66 1.17 10.87 -9.17
CA GLU A 66 2.16 9.91 -9.61
C GLU A 66 3.15 9.68 -8.49
N LYS A 67 3.50 10.76 -7.81
CA LYS A 67 4.48 10.70 -6.78
C LYS A 67 3.93 10.05 -5.56
N THR A 68 2.62 10.17 -5.36
CA THR A 68 1.95 9.49 -4.28
C THR A 68 2.19 7.99 -4.39
N LYS A 69 1.94 7.41 -5.57
CA LYS A 69 2.17 5.97 -5.75
C LYS A 69 3.65 5.62 -5.62
N ALA A 70 4.50 6.53 -6.03
CA ALA A 70 5.94 6.33 -5.92
C ALA A 70 6.35 6.30 -4.45
N VAL A 71 5.95 7.30 -3.67
CA VAL A 71 6.28 7.33 -2.27
C VAL A 71 5.59 6.21 -1.48
N GLU A 72 4.32 5.89 -1.82
CA GLU A 72 3.60 4.79 -1.18
C GLU A 72 4.40 3.50 -1.32
N ASN A 73 4.87 3.25 -2.54
CA ASN A 73 5.66 2.08 -2.85
C ASN A 73 6.99 2.13 -2.11
N TYR A 74 7.62 3.28 -2.15
CA TYR A 74 8.93 3.49 -1.55
C TYR A 74 8.88 3.21 -0.04
N LEU A 75 7.82 3.66 0.62
CA LEU A 75 7.65 3.37 2.04
C LEU A 75 7.43 1.90 2.30
N ILE A 76 6.67 1.24 1.41
CA ILE A 76 6.47 -0.21 1.50
C ILE A 76 7.84 -0.87 1.43
N GLN A 77 8.64 -0.44 0.45
CA GLN A 77 10.00 -0.94 0.25
C GLN A 77 10.86 -0.67 1.48
N MET A 78 10.75 0.53 2.02
CA MET A 78 11.50 0.96 3.21
C MET A 78 11.18 0.02 4.38
N ALA A 79 9.90 -0.30 4.54
CA ALA A 79 9.47 -1.24 5.55
C ALA A 79 9.92 -2.67 5.22
N ARG A 80 9.90 -3.01 3.93
CA ARG A 80 10.33 -4.33 3.44
C ARG A 80 11.81 -4.58 3.66
N TYR A 81 12.62 -3.54 3.54
CA TYR A 81 14.07 -3.68 3.73
C TYR A 81 14.41 -3.82 5.20
N GLY A 82 13.41 -3.53 6.05
CA GLY A 82 13.56 -3.67 7.48
C GLY A 82 14.47 -2.63 8.05
N GLN A 83 14.60 -1.53 7.34
CA GLN A 83 15.47 -0.47 7.76
C GLN A 83 14.66 0.64 8.40
N LEU A 84 13.40 0.36 8.60
CA LEU A 84 12.49 1.28 9.23
C LEU A 84 12.81 1.23 10.72
N SER A 85 13.52 2.21 11.19
CA SER A 85 13.96 2.21 12.54
C SER A 85 12.93 2.88 13.43
N GLU A 86 12.38 3.96 12.94
CA GLU A 86 11.44 4.80 13.67
C GLU A 86 10.57 5.51 12.65
N LYS A 87 9.69 6.37 13.12
CA LYS A 87 8.83 7.15 12.27
C LYS A 87 9.58 7.91 11.22
N VAL A 88 9.06 7.89 10.04
CA VAL A 88 9.57 8.66 8.97
C VAL A 88 8.98 10.05 9.13
N SER A 89 9.84 11.00 9.33
CA SER A 89 9.45 12.36 9.51
C SER A 89 9.06 12.97 8.16
N GLU A 90 8.51 14.18 8.18
CA GLU A 90 8.02 14.81 6.98
C GLU A 90 9.20 15.11 6.05
N GLN A 91 10.33 15.50 6.64
CA GLN A 91 11.53 15.76 5.87
C GLN A 91 12.10 14.47 5.28
N GLY A 92 11.78 13.34 5.92
CA GLY A 92 12.22 12.07 5.44
C GLY A 92 11.46 11.71 4.19
N LEU A 93 10.17 12.04 4.19
CA LEU A 93 9.34 11.83 3.02
C LEU A 93 9.81 12.75 1.90
N ILE A 94 10.18 13.97 2.27
CA ILE A 94 10.70 14.95 1.32
C ILE A 94 12.00 14.45 0.65
N GLU A 95 12.80 13.74 1.42
CA GLU A 95 14.03 13.12 0.94
C GLU A 95 13.68 12.10 -0.14
N ILE A 96 12.67 11.32 0.13
CA ILE A 96 12.14 10.36 -0.82
C ILE A 96 11.56 11.09 -2.04
N LEU A 97 10.75 12.09 -1.75
CA LEU A 97 10.00 12.86 -2.74
C LEU A 97 10.91 13.55 -3.76
N LYS A 98 12.04 14.06 -3.31
CA LYS A 98 12.98 14.73 -4.20
C LYS A 98 13.54 13.79 -5.24
N LYS A 99 13.88 12.60 -4.82
CA LYS A 99 14.44 11.60 -5.71
C LYS A 99 13.39 11.08 -6.65
N VAL A 100 12.23 10.75 -6.11
CA VAL A 100 11.10 10.28 -6.95
C VAL A 100 10.63 11.34 -7.94
N SER A 101 10.89 12.62 -7.64
CA SER A 101 10.54 13.70 -8.54
C SER A 101 11.36 13.60 -9.84
N GLN A 102 12.48 12.92 -9.76
CA GLN A 102 13.30 12.64 -10.91
C GLN A 102 13.04 11.20 -11.35
N GLN A 103 13.44 10.26 -10.51
CA GLN A 103 13.28 8.86 -10.78
C GLN A 103 12.53 8.18 -9.62
N THR A 104 13.29 7.64 -8.68
CA THR A 104 12.79 6.99 -7.47
C THR A 104 13.96 6.89 -6.49
N GLU A 105 14.90 6.01 -6.81
CA GLU A 105 16.20 5.79 -6.16
C GLU A 105 16.64 4.37 -6.42
N LYS A 106 17.72 4.24 -7.13
CA LYS A 106 18.38 2.98 -7.27
C LYS A 106 19.81 3.15 -6.88
N THR A 107 20.07 2.92 -5.66
CA THR A 107 21.37 3.09 -5.08
C THR A 107 22.22 1.83 -5.19
N THR A 108 21.59 0.68 -5.10
CA THR A 108 22.31 -0.57 -5.21
C THR A 108 22.80 -0.75 -6.66
N THR A 109 21.99 -0.28 -7.59
CA THR A 109 22.30 -0.34 -8.99
C THR A 109 23.18 0.86 -9.35
N VAL A 110 24.45 0.63 -9.50
CA VAL A 110 25.37 1.72 -9.81
C VAL A 110 25.69 1.74 -11.28
N LYS A 111 25.13 0.80 -12.01
CA LYS A 111 25.29 0.70 -13.42
C LYS A 111 24.45 1.77 -14.13
N PHE A 112 25.05 2.90 -14.32
CA PHE A 112 24.43 3.98 -15.02
C PHE A 112 24.89 3.90 -16.47
N ASN A 113 26.09 3.38 -16.62
CA ASN A 113 26.75 3.14 -17.88
C ASN A 113 27.99 2.35 -17.57
N GLY A 1 -46.58 -15.93 14.98
CA GLY A 1 -45.65 -16.66 14.13
C GLY A 1 -44.25 -16.24 14.38
N SER A 2 -43.35 -16.78 13.60
CA SER A 2 -41.93 -16.55 13.75
C SER A 2 -41.47 -15.29 12.97
N ALA A 3 -42.31 -14.26 12.92
CA ALA A 3 -42.02 -13.03 12.15
C ALA A 3 -40.74 -12.35 12.61
N ASP A 4 -40.56 -12.30 13.91
CA ASP A 4 -39.37 -11.67 14.48
C ASP A 4 -38.19 -12.62 14.39
N GLU A 5 -38.49 -13.88 14.68
CA GLU A 5 -37.55 -14.98 14.68
C GLU A 5 -36.85 -15.12 13.34
N GLU A 6 -37.63 -15.17 12.27
CA GLU A 6 -37.11 -15.36 10.91
C GLU A 6 -36.19 -14.21 10.53
N LEU A 7 -36.54 -13.01 10.95
CA LEU A 7 -35.77 -11.84 10.63
C LEU A 7 -34.49 -11.83 11.45
N GLU A 8 -34.60 -12.20 12.71
CA GLU A 8 -33.46 -12.28 13.59
C GLU A 8 -32.50 -13.35 13.11
N ALA A 9 -33.05 -14.50 12.75
CA ALA A 9 -32.28 -15.63 12.24
C ALA A 9 -31.52 -15.22 10.99
N LEU A 10 -32.19 -14.45 10.13
CA LEU A 10 -31.61 -13.89 8.91
C LEU A 10 -30.38 -13.05 9.28
N ARG A 11 -30.58 -12.10 10.20
CA ARG A 11 -29.54 -11.18 10.64
C ARG A 11 -28.36 -11.91 11.25
N ARG A 12 -28.65 -12.79 12.19
CA ARG A 12 -27.64 -13.57 12.90
C ARG A 12 -26.83 -14.45 11.96
N GLN A 13 -27.50 -15.08 11.00
CA GLN A 13 -26.82 -15.89 10.03
C GLN A 13 -25.94 -15.01 9.14
N ARG A 14 -26.49 -13.89 8.69
CA ARG A 14 -25.77 -13.00 7.82
C ARG A 14 -24.56 -12.38 8.53
N LEU A 15 -24.68 -12.23 9.84
CA LEU A 15 -23.59 -11.73 10.68
C LEU A 15 -22.41 -12.70 10.63
N ALA A 16 -22.70 -13.99 10.68
CA ALA A 16 -21.68 -15.01 10.60
C ALA A 16 -21.07 -15.04 9.22
N GLU A 17 -21.91 -14.80 8.24
CA GLU A 17 -21.52 -14.77 6.84
C GLU A 17 -20.64 -13.57 6.52
N LEU A 18 -20.85 -12.49 7.26
CA LEU A 18 -20.07 -11.28 7.10
C LEU A 18 -18.69 -11.54 7.70
N GLN A 19 -18.71 -12.34 8.77
CA GLN A 19 -17.53 -12.84 9.49
C GLN A 19 -16.85 -11.71 10.29
N ALA A 20 -17.57 -10.64 10.45
CA ALA A 20 -17.12 -9.54 11.26
C ALA A 20 -18.32 -9.05 12.04
N LYS A 21 -18.15 -8.87 13.32
CA LYS A 21 -19.25 -8.45 14.18
C LYS A 21 -19.61 -7.02 13.95
N HIS A 22 -20.61 -6.84 13.17
CA HIS A 22 -21.12 -5.55 12.89
C HIS A 22 -22.62 -5.67 12.97
N GLY A 23 -23.13 -5.59 14.17
CA GLY A 23 -24.55 -5.71 14.44
C GLY A 23 -25.41 -4.73 13.66
N ASP A 24 -24.88 -3.55 13.37
CA ASP A 24 -25.60 -2.52 12.60
C ASP A 24 -25.82 -2.99 11.15
N PRO A 25 -27.07 -3.22 10.76
CA PRO A 25 -27.41 -3.64 9.41
C PRO A 25 -27.75 -2.45 8.52
N GLY A 26 -27.43 -1.26 8.97
CA GLY A 26 -27.78 -0.06 8.26
C GLY A 26 -26.75 0.32 7.23
N ASP A 27 -26.32 -0.65 6.42
CA ASP A 27 -25.36 -0.48 5.30
C ASP A 27 -23.90 -0.25 5.76
N ALA A 28 -23.73 0.39 6.92
CA ALA A 28 -22.41 0.71 7.52
C ALA A 28 -21.54 -0.53 7.67
N ALA A 29 -22.19 -1.68 7.72
CA ALA A 29 -21.54 -2.96 7.79
C ALA A 29 -20.52 -3.13 6.64
N GLN A 30 -20.87 -2.67 5.44
CA GLN A 30 -19.99 -2.83 4.30
C GLN A 30 -18.85 -1.81 4.32
N GLN A 31 -19.09 -0.70 4.99
CA GLN A 31 -18.12 0.38 5.11
C GLN A 31 -16.94 -0.12 5.93
N GLU A 32 -17.23 -0.89 6.96
CA GLU A 32 -16.20 -1.45 7.79
C GLU A 32 -15.39 -2.51 7.03
N ALA A 33 -16.04 -3.18 6.10
CA ALA A 33 -15.36 -4.14 5.27
C ALA A 33 -14.35 -3.42 4.39
N LYS A 34 -14.75 -2.27 3.86
CA LYS A 34 -13.86 -1.45 3.04
C LYS A 34 -12.76 -0.84 3.92
N HIS A 35 -13.15 -0.46 5.13
CA HIS A 35 -12.25 0.12 6.12
C HIS A 35 -11.08 -0.83 6.39
N ARG A 36 -11.38 -2.12 6.56
CA ARG A 36 -10.32 -3.08 6.85
C ARG A 36 -9.45 -3.32 5.61
N GLU A 37 -10.02 -3.15 4.42
CA GLU A 37 -9.27 -3.27 3.17
C GLU A 37 -8.23 -2.16 3.12
N ALA A 38 -8.68 -0.95 3.42
CA ALA A 38 -7.84 0.23 3.45
C ALA A 38 -6.78 0.09 4.55
N GLU A 39 -7.23 -0.41 5.71
CA GLU A 39 -6.37 -0.62 6.87
C GLU A 39 -5.15 -1.47 6.54
N MET A 40 -5.36 -2.50 5.75
CA MET A 40 -4.29 -3.43 5.40
C MET A 40 -3.13 -2.71 4.71
N ARG A 41 -3.44 -1.86 3.76
CA ARG A 41 -2.41 -1.10 3.07
C ARG A 41 -1.90 0.02 4.00
N ASN A 42 -2.84 0.62 4.71
CA ASN A 42 -2.57 1.77 5.59
C ASN A 42 -1.62 1.43 6.72
N SER A 43 -1.67 0.19 7.21
CA SER A 43 -0.92 -0.25 8.38
C SER A 43 0.59 0.02 8.28
N ILE A 44 1.19 -0.23 7.14
CA ILE A 44 2.61 0.04 7.01
C ILE A 44 2.88 1.53 6.85
N LEU A 45 2.03 2.21 6.10
CA LEU A 45 2.19 3.65 5.86
C LEU A 45 2.03 4.43 7.16
N ALA A 46 1.02 4.07 7.91
CA ALA A 46 0.69 4.71 9.17
C ALA A 46 1.80 4.54 10.22
N GLN A 47 2.56 3.47 10.15
CA GLN A 47 3.62 3.27 11.14
C GLN A 47 4.94 3.89 10.68
N VAL A 48 5.13 4.02 9.39
CA VAL A 48 6.38 4.61 8.90
C VAL A 48 6.26 6.11 8.77
N LEU A 49 5.08 6.60 8.55
CA LEU A 49 4.87 8.01 8.43
C LEU A 49 4.34 8.56 9.72
N ASP A 50 5.01 9.53 10.27
CA ASP A 50 4.47 10.25 11.42
C ASP A 50 3.22 10.99 10.95
N GLN A 51 2.38 11.37 11.87
CA GLN A 51 1.12 12.09 11.59
C GLN A 51 1.35 13.27 10.65
N SER A 52 2.48 13.93 10.82
CA SER A 52 2.86 15.07 10.03
C SER A 52 3.13 14.65 8.58
N ALA A 53 3.95 13.62 8.41
CA ALA A 53 4.32 13.10 7.11
C ALA A 53 3.13 12.44 6.45
N ARG A 54 2.28 11.80 7.25
CA ARG A 54 1.09 11.16 6.77
C ARG A 54 0.17 12.21 6.15
N ALA A 55 0.03 13.33 6.84
CA ALA A 55 -0.77 14.46 6.35
C ALA A 55 -0.13 15.04 5.09
N ARG A 56 1.19 15.20 5.13
CA ARG A 56 1.96 15.73 4.02
C ARG A 56 1.79 14.88 2.77
N LEU A 57 1.68 13.57 2.97
CA LEU A 57 1.48 12.65 1.86
C LEU A 57 0.16 12.93 1.18
N SER A 58 -0.86 13.22 1.97
CA SER A 58 -2.18 13.53 1.44
C SER A 58 -2.13 14.85 0.65
N ASN A 59 -1.31 15.79 1.12
CA ASN A 59 -1.12 17.07 0.43
C ASN A 59 -0.58 16.85 -0.96
N LEU A 60 0.48 16.05 -1.06
CA LEU A 60 1.12 15.80 -2.32
C LEU A 60 0.27 14.92 -3.23
N ALA A 61 -0.39 13.97 -2.63
CA ALA A 61 -1.29 13.01 -3.33
C ALA A 61 -2.36 13.70 -4.17
N LEU A 62 -2.73 14.88 -3.76
CA LEU A 62 -3.77 15.59 -4.44
C LEU A 62 -3.23 16.52 -5.51
N VAL A 63 -1.93 16.77 -5.53
CA VAL A 63 -1.36 17.69 -6.50
C VAL A 63 -0.40 16.98 -7.47
N LYS A 64 0.19 15.90 -7.02
CA LYS A 64 1.12 15.14 -7.82
C LYS A 64 0.97 13.63 -7.52
N PRO A 65 -0.14 13.03 -8.03
CA PRO A 65 -0.52 11.65 -7.72
C PRO A 65 0.40 10.58 -8.32
N GLU A 66 1.10 10.93 -9.39
CA GLU A 66 1.98 9.97 -10.03
C GLU A 66 3.20 9.80 -9.17
N LYS A 67 3.60 10.87 -8.54
CA LYS A 67 4.75 10.85 -7.67
C LYS A 67 4.36 10.23 -6.34
N THR A 68 3.09 10.39 -5.96
CA THR A 68 2.56 9.81 -4.73
C THR A 68 2.71 8.29 -4.78
N LYS A 69 2.37 7.72 -5.93
CA LYS A 69 2.46 6.30 -6.16
C LYS A 69 3.88 5.81 -5.91
N ALA A 70 4.84 6.59 -6.39
CA ALA A 70 6.25 6.26 -6.26
C ALA A 70 6.70 6.32 -4.80
N VAL A 71 6.33 7.39 -4.09
CA VAL A 71 6.74 7.52 -2.69
C VAL A 71 6.07 6.47 -1.81
N GLU A 72 4.77 6.23 -2.02
CA GLU A 72 4.06 5.21 -1.25
C GLU A 72 4.71 3.86 -1.47
N ASN A 73 4.95 3.54 -2.74
CA ASN A 73 5.57 2.30 -3.13
C ASN A 73 6.93 2.16 -2.49
N TYR A 74 7.71 3.23 -2.49
CA TYR A 74 9.02 3.24 -1.90
C TYR A 74 8.96 2.94 -0.40
N LEU A 75 7.98 3.51 0.30
CA LEU A 75 7.83 3.18 1.72
C LEU A 75 7.44 1.72 1.90
N ILE A 76 6.52 1.23 1.05
CA ILE A 76 6.07 -0.17 1.07
C ILE A 76 7.27 -1.13 0.94
N GLN A 77 8.15 -0.84 0.00
CA GLN A 77 9.33 -1.65 -0.20
C GLN A 77 10.41 -1.43 0.85
N MET A 78 10.67 -0.18 1.19
CA MET A 78 11.75 0.16 2.13
C MET A 78 11.45 -0.33 3.55
N ALA A 79 10.17 -0.27 3.95
CA ALA A 79 9.76 -0.73 5.28
C ALA A 79 9.97 -2.22 5.43
N ARG A 80 9.83 -2.93 4.32
CA ARG A 80 9.95 -4.38 4.26
C ARG A 80 11.36 -4.85 4.65
N TYR A 81 12.34 -3.96 4.59
CA TYR A 81 13.71 -4.31 4.98
C TYR A 81 13.91 -4.20 6.49
N GLY A 82 12.88 -3.74 7.19
CA GLY A 82 12.95 -3.62 8.63
C GLY A 82 13.70 -2.38 9.08
N GLN A 83 14.11 -1.57 8.12
CA GLN A 83 14.86 -0.35 8.43
C GLN A 83 13.92 0.75 8.89
N LEU A 84 12.63 0.51 8.77
CA LEU A 84 11.63 1.40 9.26
C LEU A 84 10.85 0.79 10.39
N SER A 85 11.20 1.19 11.55
CA SER A 85 10.51 0.89 12.77
C SER A 85 10.37 2.21 13.52
N GLU A 86 10.60 3.26 12.77
CA GLU A 86 10.58 4.60 13.23
C GLU A 86 9.72 5.42 12.29
N LYS A 87 9.32 6.56 12.74
CA LYS A 87 8.51 7.46 11.98
C LYS A 87 9.40 8.33 11.14
N VAL A 88 8.99 8.62 9.95
CA VAL A 88 9.72 9.52 9.11
C VAL A 88 9.24 10.94 9.37
N SER A 89 10.10 11.88 9.20
CA SER A 89 9.76 13.26 9.35
C SER A 89 9.23 13.76 7.99
N GLU A 90 8.55 14.89 7.96
CA GLU A 90 8.03 15.45 6.72
C GLU A 90 9.15 15.70 5.74
N GLN A 91 10.22 16.29 6.24
CA GLN A 91 11.39 16.60 5.43
C GLN A 91 12.12 15.33 5.00
N GLY A 92 11.85 14.24 5.69
CA GLY A 92 12.43 12.96 5.33
C GLY A 92 11.68 12.37 4.17
N LEU A 93 10.36 12.55 4.19
CA LEU A 93 9.48 12.10 3.10
C LEU A 93 9.72 12.98 1.88
N ILE A 94 9.89 14.27 2.11
CA ILE A 94 10.18 15.22 1.06
C ILE A 94 11.52 14.90 0.39
N GLU A 95 12.47 14.40 1.18
CA GLU A 95 13.79 14.01 0.66
C GLU A 95 13.59 12.85 -0.35
N ILE A 96 12.63 11.99 -0.07
CA ILE A 96 12.27 10.89 -0.94
C ILE A 96 11.58 11.44 -2.19
N LEU A 97 10.66 12.36 -1.98
CA LEU A 97 9.87 12.97 -3.04
C LEU A 97 10.77 13.65 -4.09
N LYS A 98 11.93 14.14 -3.64
CA LYS A 98 12.89 14.75 -4.54
C LYS A 98 13.45 13.72 -5.51
N LYS A 99 13.98 12.61 -4.98
CA LYS A 99 14.61 11.61 -5.80
C LYS A 99 13.64 10.86 -6.68
N VAL A 100 12.41 10.64 -6.19
CA VAL A 100 11.41 9.90 -6.99
C VAL A 100 11.04 10.62 -8.28
N SER A 101 11.41 11.88 -8.41
CA SER A 101 11.21 12.60 -9.63
C SER A 101 11.98 11.92 -10.78
N GLN A 102 13.26 11.61 -10.53
CA GLN A 102 14.08 10.93 -11.50
C GLN A 102 14.30 9.47 -11.07
N GLN A 103 15.15 9.28 -10.08
CA GLN A 103 15.48 7.95 -9.59
C GLN A 103 14.90 7.74 -8.21
N THR A 104 13.81 7.02 -8.16
CA THR A 104 13.12 6.59 -6.93
C THR A 104 14.16 6.13 -5.90
N GLU A 105 15.04 5.26 -6.36
CA GLU A 105 16.23 4.85 -5.65
C GLU A 105 17.04 3.92 -6.52
N LYS A 106 18.27 4.30 -6.72
CA LYS A 106 19.20 3.54 -7.53
C LYS A 106 20.60 3.60 -6.98
N THR A 107 20.82 4.43 -6.00
CA THR A 107 22.15 4.67 -5.55
C THR A 107 22.26 4.55 -4.04
N THR A 108 23.46 4.50 -3.56
CA THR A 108 23.76 4.51 -2.18
C THR A 108 25.07 5.25 -2.03
N THR A 109 24.94 6.53 -1.86
CA THR A 109 26.05 7.43 -1.76
C THR A 109 26.98 7.01 -0.62
N VAL A 110 28.20 6.67 -0.96
CA VAL A 110 29.18 6.20 0.01
C VAL A 110 29.65 7.37 0.85
N LYS A 111 29.66 8.55 0.20
CA LYS A 111 30.03 9.83 0.81
C LYS A 111 31.54 9.93 1.05
N PHE A 112 32.12 11.03 0.64
CA PHE A 112 33.51 11.30 0.97
C PHE A 112 33.52 12.08 2.27
N ASN A 113 32.37 12.62 2.55
CA ASN A 113 32.07 13.37 3.72
C ASN A 113 30.61 13.12 4.02
N GLY A 1 -18.42 -25.56 -45.89
CA GLY A 1 -17.66 -26.36 -44.93
C GLY A 1 -18.37 -26.38 -43.61
N SER A 2 -17.67 -26.09 -42.56
CA SER A 2 -18.25 -26.04 -41.26
C SER A 2 -18.23 -24.62 -40.74
N ALA A 3 -19.16 -23.83 -41.22
CA ALA A 3 -19.25 -22.43 -40.89
C ALA A 3 -19.55 -22.22 -39.44
N ASP A 4 -20.45 -23.03 -38.92
CA ASP A 4 -20.90 -22.94 -37.56
C ASP A 4 -19.79 -23.30 -36.61
N GLU A 5 -18.93 -24.23 -37.04
CA GLU A 5 -17.77 -24.65 -36.26
C GLU A 5 -16.79 -23.48 -36.15
N GLU A 6 -16.52 -22.84 -37.26
CA GLU A 6 -15.62 -21.72 -37.30
C GLU A 6 -16.21 -20.51 -36.56
N LEU A 7 -17.51 -20.34 -36.68
CA LEU A 7 -18.22 -19.27 -35.98
C LEU A 7 -18.27 -19.56 -34.47
N GLU A 8 -18.32 -20.83 -34.12
CA GLU A 8 -18.33 -21.25 -32.75
C GLU A 8 -16.95 -21.01 -32.14
N ALA A 9 -15.91 -21.25 -32.94
CA ALA A 9 -14.53 -21.01 -32.52
C ALA A 9 -14.33 -19.54 -32.14
N LEU A 10 -15.05 -18.69 -32.85
CA LEU A 10 -15.05 -17.27 -32.59
C LEU A 10 -15.67 -17.01 -31.20
N ARG A 11 -16.74 -17.72 -30.91
CA ARG A 11 -17.40 -17.59 -29.62
C ARG A 11 -16.51 -18.16 -28.52
N ARG A 12 -15.80 -19.23 -28.82
CA ARG A 12 -14.85 -19.83 -27.89
C ARG A 12 -13.68 -18.87 -27.60
N GLN A 13 -13.33 -18.06 -28.59
CA GLN A 13 -12.34 -17.01 -28.41
C GLN A 13 -12.89 -15.98 -27.41
N ARG A 14 -14.15 -15.63 -27.61
CA ARG A 14 -14.89 -14.70 -26.76
C ARG A 14 -15.05 -15.29 -25.34
N LEU A 15 -15.10 -16.60 -25.28
CA LEU A 15 -15.17 -17.34 -24.02
C LEU A 15 -13.79 -17.25 -23.34
N ALA A 16 -12.74 -17.32 -24.14
CA ALA A 16 -11.36 -17.27 -23.67
C ALA A 16 -11.02 -15.90 -23.11
N GLU A 17 -11.72 -14.88 -23.59
CA GLU A 17 -11.60 -13.53 -23.05
C GLU A 17 -12.04 -13.54 -21.59
N LEU A 18 -13.11 -14.27 -21.32
CA LEU A 18 -13.65 -14.43 -19.99
C LEU A 18 -12.73 -15.40 -19.21
N GLN A 19 -12.00 -16.21 -19.97
CA GLN A 19 -10.94 -17.09 -19.48
C GLN A 19 -11.49 -18.33 -18.76
N ALA A 20 -12.82 -18.51 -18.86
CA ALA A 20 -13.55 -19.65 -18.26
C ALA A 20 -13.29 -19.72 -16.74
N LYS A 21 -13.10 -18.57 -16.15
CA LYS A 21 -12.72 -18.49 -14.77
C LYS A 21 -13.85 -18.81 -13.79
N HIS A 22 -13.56 -19.76 -12.93
CA HIS A 22 -14.37 -20.07 -11.77
C HIS A 22 -13.49 -20.69 -10.71
N GLY A 23 -12.61 -19.86 -10.25
CA GLY A 23 -11.61 -20.22 -9.26
C GLY A 23 -10.74 -19.02 -9.11
N ASP A 24 -11.42 -17.93 -9.09
CA ASP A 24 -10.88 -16.60 -9.16
C ASP A 24 -11.56 -15.75 -8.13
N PRO A 25 -10.97 -14.60 -7.76
CA PRO A 25 -11.64 -13.65 -6.88
C PRO A 25 -12.85 -12.99 -7.57
N GLY A 26 -12.65 -12.52 -8.79
CA GLY A 26 -13.69 -11.86 -9.51
C GLY A 26 -13.36 -10.42 -9.72
N ASP A 27 -13.87 -9.83 -10.76
CA ASP A 27 -13.62 -8.42 -11.09
C ASP A 27 -14.05 -7.50 -9.94
N ALA A 28 -15.20 -7.81 -9.37
CA ALA A 28 -15.73 -7.03 -8.26
C ALA A 28 -14.85 -7.18 -7.03
N ALA A 29 -14.34 -8.39 -6.83
CA ALA A 29 -13.48 -8.69 -5.72
C ALA A 29 -12.10 -8.07 -5.91
N GLN A 30 -11.69 -7.88 -7.15
CA GLN A 30 -10.43 -7.19 -7.44
C GLN A 30 -10.52 -5.74 -7.01
N GLN A 31 -11.71 -5.18 -7.09
CA GLN A 31 -11.95 -3.82 -6.63
C GLN A 31 -11.87 -3.79 -5.09
N GLU A 32 -12.23 -4.91 -4.46
CA GLU A 32 -12.11 -5.05 -3.02
C GLU A 32 -10.64 -5.18 -2.68
N ALA A 33 -9.92 -5.90 -3.52
CA ALA A 33 -8.49 -6.08 -3.37
C ALA A 33 -7.77 -4.74 -3.55
N LYS A 34 -8.29 -3.92 -4.44
CA LYS A 34 -7.80 -2.56 -4.67
C LYS A 34 -8.04 -1.72 -3.42
N HIS A 35 -9.20 -1.93 -2.80
CA HIS A 35 -9.56 -1.29 -1.54
C HIS A 35 -8.57 -1.73 -0.48
N ARG A 36 -8.28 -3.03 -0.48
CA ARG A 36 -7.38 -3.65 0.46
C ARG A 36 -5.96 -3.06 0.29
N GLU A 37 -5.62 -2.68 -0.94
CA GLU A 37 -4.33 -2.06 -1.25
C GLU A 37 -4.15 -0.79 -0.43
N ALA A 38 -5.17 0.05 -0.44
CA ALA A 38 -5.17 1.29 0.32
C ALA A 38 -5.00 1.00 1.80
N GLU A 39 -5.71 0.00 2.27
CA GLU A 39 -5.64 -0.41 3.67
C GLU A 39 -4.24 -0.90 4.02
N MET A 40 -3.68 -1.73 3.16
CA MET A 40 -2.35 -2.30 3.34
C MET A 40 -1.28 -1.22 3.31
N ARG A 41 -1.44 -0.24 2.43
CA ARG A 41 -0.54 0.89 2.42
C ARG A 41 -0.71 1.71 3.68
N ASN A 42 -1.95 2.08 3.97
CA ASN A 42 -2.28 2.95 5.10
C ASN A 42 -1.80 2.40 6.42
N SER A 43 -1.96 1.11 6.60
CA SER A 43 -1.54 0.43 7.80
C SER A 43 -0.01 0.57 8.02
N ILE A 44 0.78 0.30 6.99
CA ILE A 44 2.21 0.42 7.15
C ILE A 44 2.65 1.87 7.15
N LEU A 45 2.03 2.70 6.30
CA LEU A 45 2.37 4.12 6.19
C LEU A 45 2.10 4.87 7.48
N ALA A 46 1.17 4.39 8.25
CA ALA A 46 0.86 4.97 9.55
C ALA A 46 2.01 4.73 10.54
N GLN A 47 2.71 3.63 10.36
CA GLN A 47 3.82 3.28 11.23
C GLN A 47 5.15 3.72 10.65
N VAL A 48 5.19 3.86 9.36
CA VAL A 48 6.39 4.27 8.65
C VAL A 48 6.47 5.77 8.53
N LEU A 49 5.37 6.40 8.21
CA LEU A 49 5.37 7.82 8.08
C LEU A 49 4.79 8.44 9.29
N ASP A 50 5.50 9.39 9.81
CA ASP A 50 5.06 10.20 10.92
C ASP A 50 3.79 10.94 10.55
N GLN A 51 3.04 11.32 11.55
CA GLN A 51 1.79 12.08 11.41
C GLN A 51 1.96 13.30 10.50
N SER A 52 3.11 13.93 10.59
CA SER A 52 3.41 15.10 9.80
C SER A 52 3.66 14.71 8.35
N ALA A 53 4.30 13.57 8.16
CA ALA A 53 4.62 13.08 6.84
C ALA A 53 3.34 12.60 6.15
N ARG A 54 2.44 11.99 6.93
CA ARG A 54 1.15 11.55 6.40
C ARG A 54 0.35 12.72 5.86
N ALA A 55 0.44 13.86 6.52
CA ALA A 55 -0.25 15.08 6.09
C ALA A 55 0.33 15.56 4.75
N ARG A 56 1.64 15.48 4.63
CA ARG A 56 2.34 15.85 3.41
C ARG A 56 1.96 14.92 2.27
N LEU A 57 1.99 13.63 2.55
CA LEU A 57 1.66 12.59 1.58
C LEU A 57 0.24 12.79 1.05
N SER A 58 -0.67 13.11 1.95
CA SER A 58 -2.04 13.34 1.61
C SER A 58 -2.21 14.55 0.69
N ASN A 59 -1.47 15.59 0.95
CA ASN A 59 -1.50 16.79 0.10
C ASN A 59 -0.98 16.48 -1.30
N LEU A 60 0.12 15.71 -1.36
CA LEU A 60 0.70 15.29 -2.65
C LEU A 60 -0.29 14.50 -3.48
N ALA A 61 -1.11 13.71 -2.81
CA ALA A 61 -2.10 12.82 -3.45
C ALA A 61 -3.13 13.60 -4.28
N LEU A 62 -3.29 14.87 -3.98
CA LEU A 62 -4.22 15.70 -4.72
C LEU A 62 -3.57 16.40 -5.90
N VAL A 63 -2.29 16.66 -5.79
CA VAL A 63 -1.60 17.41 -6.83
C VAL A 63 -0.92 16.51 -7.87
N LYS A 64 -0.11 15.57 -7.43
CA LYS A 64 0.58 14.67 -8.34
C LYS A 64 0.51 13.26 -7.80
N PRO A 65 -0.62 12.56 -8.03
CA PRO A 65 -0.87 11.22 -7.48
C PRO A 65 0.16 10.20 -7.94
N GLU A 66 0.73 10.43 -9.11
CA GLU A 66 1.75 9.54 -9.65
C GLU A 66 2.97 9.52 -8.74
N LYS A 67 3.33 10.68 -8.21
CA LYS A 67 4.50 10.75 -7.37
C LYS A 67 4.16 10.22 -6.00
N THR A 68 2.89 10.39 -5.62
CA THR A 68 2.40 9.85 -4.38
C THR A 68 2.50 8.33 -4.44
N LYS A 69 2.07 7.77 -5.56
CA LYS A 69 2.12 6.34 -5.85
C LYS A 69 3.57 5.87 -5.74
N ALA A 70 4.45 6.63 -6.38
CA ALA A 70 5.87 6.33 -6.41
C ALA A 70 6.47 6.31 -5.01
N VAL A 71 6.16 7.33 -4.20
CA VAL A 71 6.69 7.37 -2.85
C VAL A 71 6.04 6.31 -1.96
N GLU A 72 4.72 6.11 -2.07
CA GLU A 72 4.02 5.06 -1.31
C GLU A 72 4.70 3.73 -1.55
N ASN A 73 4.88 3.41 -2.82
CA ASN A 73 5.52 2.19 -3.25
C ASN A 73 6.94 2.09 -2.70
N TYR A 74 7.62 3.22 -2.62
CA TYR A 74 9.00 3.28 -2.12
C TYR A 74 9.00 2.96 -0.62
N LEU A 75 8.06 3.55 0.11
CA LEU A 75 7.93 3.31 1.54
C LEU A 75 7.53 1.86 1.83
N ILE A 76 6.67 1.27 0.99
CA ILE A 76 6.30 -0.17 1.13
C ILE A 76 7.59 -1.01 1.08
N GLN A 77 8.43 -0.68 0.12
CA GLN A 77 9.70 -1.34 -0.11
C GLN A 77 10.63 -1.12 1.10
N MET A 78 10.65 0.10 1.61
CA MET A 78 11.48 0.47 2.75
C MET A 78 11.01 -0.22 4.03
N ALA A 79 9.69 -0.31 4.18
CA ALA A 79 9.04 -0.95 5.31
C ALA A 79 9.41 -2.42 5.40
N ARG A 80 9.65 -3.02 4.24
CA ARG A 80 10.01 -4.42 4.14
C ARG A 80 11.33 -4.73 4.89
N TYR A 81 12.17 -3.70 5.09
CA TYR A 81 13.42 -3.89 5.81
C TYR A 81 13.19 -3.95 7.32
N GLY A 82 12.04 -3.44 7.76
CA GLY A 82 11.71 -3.44 9.17
C GLY A 82 12.66 -2.58 9.98
N GLN A 83 13.02 -1.46 9.42
CA GLN A 83 13.97 -0.57 10.07
C GLN A 83 13.28 0.58 10.74
N LEU A 84 11.98 0.63 10.64
CA LEU A 84 11.27 1.75 11.17
C LEU A 84 10.97 1.55 12.62
N SER A 85 11.90 2.02 13.41
CA SER A 85 11.77 2.06 14.84
C SER A 85 11.22 3.43 15.21
N GLU A 86 11.32 4.32 14.28
CA GLU A 86 10.77 5.63 14.36
C GLU A 86 10.15 5.88 13.04
N LYS A 87 9.25 6.77 12.99
CA LYS A 87 8.60 7.10 11.78
C LYS A 87 9.45 8.09 10.99
N VAL A 88 9.28 8.06 9.70
CA VAL A 88 9.94 8.97 8.80
C VAL A 88 9.24 10.30 8.87
N SER A 89 10.00 11.35 9.01
CA SER A 89 9.46 12.67 9.17
C SER A 89 9.21 13.31 7.80
N GLU A 90 8.70 14.55 7.81
CA GLU A 90 8.42 15.30 6.59
C GLU A 90 9.64 15.40 5.72
N GLN A 91 10.75 15.76 6.35
CA GLN A 91 12.02 15.97 5.67
C GLN A 91 12.42 14.73 4.88
N GLY A 92 12.36 13.58 5.53
CA GLY A 92 12.73 12.34 4.92
C GLY A 92 11.81 11.96 3.78
N LEU A 93 10.51 12.15 3.97
CA LEU A 93 9.52 11.86 2.93
C LEU A 93 9.75 12.78 1.74
N ILE A 94 9.98 14.05 2.01
CA ILE A 94 10.22 15.02 0.97
C ILE A 94 11.51 14.70 0.21
N GLU A 95 12.51 14.17 0.91
CA GLU A 95 13.74 13.74 0.23
C GLU A 95 13.46 12.56 -0.70
N ILE A 96 12.58 11.66 -0.27
CA ILE A 96 12.17 10.54 -1.10
C ILE A 96 11.37 11.05 -2.31
N LEU A 97 10.57 12.08 -2.07
CA LEU A 97 9.80 12.74 -3.12
C LEU A 97 10.75 13.36 -4.14
N LYS A 98 11.75 14.08 -3.65
CA LYS A 98 12.79 14.68 -4.50
C LYS A 98 13.51 13.61 -5.27
N LYS A 99 13.83 12.53 -4.59
CA LYS A 99 14.53 11.42 -5.16
C LYS A 99 13.74 10.80 -6.33
N VAL A 100 12.46 10.52 -6.12
CA VAL A 100 11.65 9.92 -7.17
C VAL A 100 11.32 10.91 -8.30
N SER A 101 11.44 12.18 -8.02
CA SER A 101 11.26 13.20 -9.02
C SER A 101 12.57 13.43 -9.83
N GLN A 102 13.68 13.61 -9.14
CA GLN A 102 14.96 13.94 -9.76
C GLN A 102 15.62 12.74 -10.43
N GLN A 103 15.87 11.71 -9.67
CA GLN A 103 16.54 10.52 -10.19
C GLN A 103 15.52 9.54 -10.69
N THR A 104 14.42 9.48 -9.96
CA THR A 104 13.37 8.55 -10.19
C THR A 104 13.88 7.14 -9.92
N GLU A 105 14.00 6.82 -8.65
CA GLU A 105 14.50 5.53 -8.28
C GLU A 105 13.39 4.57 -7.98
N LYS A 106 13.08 3.77 -8.96
CA LYS A 106 12.06 2.75 -8.86
C LYS A 106 12.62 1.50 -9.50
N THR A 107 12.66 0.41 -8.80
CA THR A 107 13.19 -0.79 -9.35
C THR A 107 12.12 -1.59 -10.08
N THR A 108 11.75 -1.07 -11.22
CA THR A 108 10.81 -1.69 -12.10
C THR A 108 11.11 -1.16 -13.51
N THR A 109 11.86 -1.90 -14.25
CA THR A 109 12.25 -1.53 -15.57
C THR A 109 11.19 -2.06 -16.55
N VAL A 110 10.31 -1.15 -16.97
CA VAL A 110 9.16 -1.43 -17.84
C VAL A 110 8.08 -2.17 -17.08
N LYS A 111 8.36 -3.40 -16.76
CA LYS A 111 7.44 -4.25 -16.07
C LYS A 111 8.28 -5.13 -15.15
N PHE A 112 7.75 -5.50 -14.01
CA PHE A 112 8.49 -6.34 -13.09
C PHE A 112 8.57 -7.75 -13.68
N ASN A 113 7.47 -8.44 -13.67
CA ASN A 113 7.42 -9.75 -14.27
C ASN A 113 6.09 -9.87 -14.97
N GLY A 1 -3.51 -42.46 -1.73
CA GLY A 1 -2.09 -42.41 -1.39
C GLY A 1 -1.23 -41.98 -2.56
N SER A 2 -1.63 -40.93 -3.22
CA SER A 2 -0.89 -40.41 -4.33
C SER A 2 -0.47 -38.97 -3.97
N ALA A 3 0.71 -38.56 -4.43
CA ALA A 3 1.34 -37.27 -4.07
C ALA A 3 0.41 -36.07 -4.19
N ASP A 4 -0.01 -35.76 -5.41
CA ASP A 4 -0.85 -34.59 -5.67
C ASP A 4 -2.25 -34.76 -5.07
N GLU A 5 -2.63 -36.00 -4.93
CA GLU A 5 -3.92 -36.38 -4.36
C GLU A 5 -3.95 -36.07 -2.86
N GLU A 6 -2.90 -36.46 -2.15
CA GLU A 6 -2.76 -36.17 -0.75
C GLU A 6 -2.49 -34.68 -0.55
N LEU A 7 -1.80 -34.09 -1.51
CA LEU A 7 -1.52 -32.66 -1.49
C LEU A 7 -2.85 -31.87 -1.59
N GLU A 8 -3.75 -32.38 -2.41
CA GLU A 8 -5.09 -31.79 -2.62
C GLU A 8 -5.80 -31.79 -1.27
N ALA A 9 -5.73 -32.93 -0.60
CA ALA A 9 -6.36 -33.13 0.70
C ALA A 9 -5.83 -32.15 1.74
N LEU A 10 -4.53 -31.92 1.72
CA LEU A 10 -3.91 -31.06 2.69
C LEU A 10 -4.23 -29.59 2.35
N ARG A 11 -4.33 -29.28 1.07
CA ARG A 11 -4.66 -27.94 0.64
C ARG A 11 -6.10 -27.61 1.03
N ARG A 12 -6.94 -28.63 1.05
CA ARG A 12 -8.32 -28.49 1.52
C ARG A 12 -8.34 -28.07 2.98
N GLN A 13 -7.40 -28.63 3.75
CA GLN A 13 -7.27 -28.30 5.15
C GLN A 13 -6.83 -26.84 5.29
N ARG A 14 -5.92 -26.43 4.41
CA ARG A 14 -5.46 -25.05 4.36
C ARG A 14 -6.62 -24.12 4.07
N LEU A 15 -7.50 -24.55 3.18
CA LEU A 15 -8.68 -23.81 2.77
C LEU A 15 -9.55 -23.49 3.99
N ALA A 16 -9.78 -24.48 4.83
CA ALA A 16 -10.63 -24.28 5.99
C ALA A 16 -9.89 -23.61 7.15
N GLU A 17 -8.79 -24.20 7.53
CA GLU A 17 -8.10 -23.84 8.75
C GLU A 17 -7.31 -22.54 8.62
N LEU A 18 -6.53 -22.43 7.57
CA LEU A 18 -5.74 -21.24 7.34
C LEU A 18 -6.65 -20.17 6.73
N GLN A 19 -7.71 -20.66 6.12
CA GLN A 19 -8.66 -19.90 5.36
C GLN A 19 -7.96 -19.45 4.10
N ALA A 20 -7.78 -20.38 3.23
CA ALA A 20 -7.15 -20.12 1.97
C ALA A 20 -8.21 -19.83 0.95
N LYS A 21 -8.66 -18.60 1.00
CA LYS A 21 -9.69 -18.08 0.14
C LYS A 21 -9.31 -18.28 -1.31
N HIS A 22 -10.22 -18.82 -2.08
CA HIS A 22 -9.99 -18.99 -3.50
C HIS A 22 -10.09 -17.67 -4.24
N GLY A 23 -9.08 -16.88 -4.08
CA GLY A 23 -9.01 -15.62 -4.73
C GLY A 23 -8.01 -15.67 -5.83
N ASP A 24 -8.44 -16.21 -6.94
CA ASP A 24 -7.60 -16.29 -8.12
C ASP A 24 -7.51 -14.88 -8.73
N PRO A 25 -6.40 -14.56 -9.43
CA PRO A 25 -6.10 -13.18 -9.96
C PRO A 25 -7.07 -12.64 -11.06
N GLY A 26 -8.33 -12.97 -10.97
CA GLY A 26 -9.29 -12.55 -11.95
C GLY A 26 -9.88 -11.20 -11.64
N ASP A 27 -9.53 -10.23 -12.48
CA ASP A 27 -10.03 -8.82 -12.51
C ASP A 27 -10.32 -8.17 -11.15
N ALA A 28 -11.48 -8.47 -10.59
CA ALA A 28 -11.96 -7.82 -9.36
C ALA A 28 -11.11 -8.20 -8.18
N ALA A 29 -10.48 -9.37 -8.26
CA ALA A 29 -9.61 -9.84 -7.20
C ALA A 29 -8.40 -8.93 -7.03
N GLN A 30 -7.99 -8.28 -8.13
CA GLN A 30 -6.87 -7.36 -8.11
C GLN A 30 -7.22 -6.14 -7.28
N GLN A 31 -8.44 -5.67 -7.45
CA GLN A 31 -8.89 -4.51 -6.72
C GLN A 31 -9.22 -4.89 -5.29
N GLU A 32 -9.73 -6.10 -5.10
CA GLU A 32 -9.97 -6.64 -3.76
C GLU A 32 -8.68 -6.76 -2.99
N ALA A 33 -7.61 -7.13 -3.68
CA ALA A 33 -6.29 -7.18 -3.09
C ALA A 33 -5.91 -5.80 -2.59
N LYS A 34 -6.08 -4.79 -3.45
CA LYS A 34 -5.78 -3.40 -3.08
C LYS A 34 -6.71 -2.93 -1.95
N HIS A 35 -7.95 -3.39 -1.99
CA HIS A 35 -8.96 -3.09 -0.99
C HIS A 35 -8.50 -3.61 0.38
N ARG A 36 -7.79 -4.74 0.39
CA ARG A 36 -7.24 -5.28 1.62
C ARG A 36 -5.94 -4.57 1.97
N GLU A 37 -5.20 -4.16 0.94
CA GLU A 37 -3.96 -3.39 1.12
C GLU A 37 -4.25 -2.05 1.77
N ALA A 38 -5.39 -1.48 1.45
CA ALA A 38 -5.82 -0.22 2.06
C ALA A 38 -5.89 -0.35 3.58
N GLU A 39 -6.31 -1.52 4.02
CA GLU A 39 -6.41 -1.82 5.43
C GLU A 39 -5.02 -2.20 6.02
N MET A 40 -4.35 -3.11 5.36
CA MET A 40 -3.11 -3.70 5.88
C MET A 40 -1.86 -2.86 5.62
N ARG A 41 -1.72 -2.39 4.41
CA ARG A 41 -0.49 -1.72 3.98
C ARG A 41 -0.39 -0.33 4.59
N ASN A 42 -1.53 0.29 4.82
CA ASN A 42 -1.60 1.64 5.44
C ASN A 42 -0.95 1.59 6.82
N SER A 43 -1.15 0.47 7.51
CA SER A 43 -0.61 0.27 8.84
C SER A 43 0.92 0.43 8.83
N ILE A 44 1.62 -0.26 7.91
CA ILE A 44 3.09 -0.16 7.85
C ILE A 44 3.52 1.24 7.40
N LEU A 45 2.76 1.82 6.46
CA LEU A 45 3.04 3.17 5.99
C LEU A 45 2.93 4.17 7.14
N ALA A 46 1.99 3.93 8.02
CA ALA A 46 1.78 4.75 9.19
C ALA A 46 2.89 4.53 10.23
N GLN A 47 3.62 3.42 10.11
CA GLN A 47 4.71 3.11 11.03
C GLN A 47 5.99 3.76 10.56
N VAL A 48 6.17 3.79 9.26
CA VAL A 48 7.38 4.36 8.69
C VAL A 48 7.27 5.86 8.55
N LEU A 49 6.11 6.34 8.30
CA LEU A 49 5.92 7.75 8.14
C LEU A 49 5.28 8.33 9.34
N ASP A 50 5.92 9.33 9.87
CA ASP A 50 5.42 10.11 10.99
C ASP A 50 4.11 10.77 10.60
N GLN A 51 3.35 11.16 11.60
CA GLN A 51 2.06 11.83 11.43
C GLN A 51 2.15 12.98 10.41
N SER A 52 3.25 13.72 10.44
CA SER A 52 3.41 14.87 9.56
C SER A 52 3.63 14.41 8.12
N ALA A 53 4.34 13.32 7.96
CA ALA A 53 4.62 12.79 6.64
C ALA A 53 3.38 12.15 6.06
N ARG A 54 2.58 11.51 6.91
CA ARG A 54 1.31 10.91 6.47
C ARG A 54 0.37 12.01 5.95
N ALA A 55 0.38 13.14 6.64
CA ALA A 55 -0.41 14.29 6.24
C ALA A 55 0.12 14.85 4.92
N ARG A 56 1.43 14.78 4.75
CA ARG A 56 2.10 15.26 3.56
C ARG A 56 1.73 14.38 2.35
N LEU A 57 1.59 13.08 2.60
CA LEU A 57 1.17 12.11 1.57
C LEU A 57 -0.16 12.50 0.96
N SER A 58 -1.14 12.79 1.81
CA SER A 58 -2.45 13.17 1.33
C SER A 58 -2.37 14.48 0.55
N ASN A 59 -1.53 15.40 1.03
CA ASN A 59 -1.29 16.68 0.35
C ASN A 59 -0.80 16.43 -1.07
N LEU A 60 0.22 15.59 -1.21
CA LEU A 60 0.77 15.24 -2.51
C LEU A 60 -0.21 14.45 -3.34
N ALA A 61 -0.98 13.57 -2.71
CA ALA A 61 -1.96 12.74 -3.39
C ALA A 61 -3.06 13.56 -4.06
N LEU A 62 -3.27 14.76 -3.56
CA LEU A 62 -4.32 15.61 -4.06
C LEU A 62 -3.78 16.59 -5.09
N VAL A 63 -2.47 16.67 -5.22
CA VAL A 63 -1.88 17.59 -6.16
C VAL A 63 -1.14 16.88 -7.29
N LYS A 64 -0.34 15.87 -6.96
CA LYS A 64 0.43 15.11 -7.96
C LYS A 64 0.48 13.64 -7.58
N PRO A 65 -0.58 12.86 -7.89
CA PRO A 65 -0.67 11.44 -7.51
C PRO A 65 0.45 10.58 -8.10
N GLU A 66 1.03 11.04 -9.21
CA GLU A 66 2.14 10.34 -9.84
C GLU A 66 3.34 10.26 -8.91
N LYS A 67 3.60 11.33 -8.17
CA LYS A 67 4.73 11.32 -7.27
C LYS A 67 4.39 10.55 -6.01
N THR A 68 3.12 10.62 -5.62
CA THR A 68 2.64 9.95 -4.43
C THR A 68 2.80 8.43 -4.57
N LYS A 69 2.35 7.87 -5.68
CA LYS A 69 2.43 6.44 -5.92
C LYS A 69 3.89 5.98 -5.93
N ALA A 70 4.77 6.86 -6.41
CA ALA A 70 6.19 6.58 -6.48
C ALA A 70 6.80 6.52 -5.09
N VAL A 71 6.41 7.45 -4.20
CA VAL A 71 6.93 7.44 -2.85
C VAL A 71 6.32 6.30 -2.04
N GLU A 72 5.02 6.07 -2.19
CA GLU A 72 4.34 4.99 -1.48
C GLU A 72 4.98 3.64 -1.82
N ASN A 73 5.26 3.46 -3.11
CA ASN A 73 5.90 2.24 -3.63
C ASN A 73 7.22 1.97 -2.90
N TYR A 74 7.95 3.05 -2.65
CA TYR A 74 9.25 2.99 -2.00
C TYR A 74 9.10 2.71 -0.51
N LEU A 75 8.27 3.50 0.17
CA LEU A 75 8.07 3.32 1.62
C LEU A 75 7.53 1.94 1.97
N ILE A 76 6.65 1.40 1.11
CA ILE A 76 6.12 0.03 1.30
C ILE A 76 7.27 -0.97 1.45
N GLN A 77 8.21 -0.92 0.52
CA GLN A 77 9.32 -1.84 0.51
C GLN A 77 10.30 -1.49 1.63
N MET A 78 10.55 -0.23 1.81
CA MET A 78 11.45 0.27 2.84
C MET A 78 10.98 -0.17 4.25
N ALA A 79 9.68 -0.09 4.49
CA ALA A 79 9.10 -0.50 5.76
C ALA A 79 9.11 -2.01 5.88
N ARG A 80 8.85 -2.66 4.77
CA ARG A 80 8.80 -4.11 4.69
C ARG A 80 10.18 -4.68 5.04
N TYR A 81 11.24 -4.04 4.55
CA TYR A 81 12.58 -4.54 4.78
C TYR A 81 13.27 -3.93 5.99
N GLY A 82 12.60 -3.00 6.67
CA GLY A 82 13.15 -2.44 7.89
C GLY A 82 14.29 -1.49 7.64
N GLN A 83 14.21 -0.75 6.57
CA GLN A 83 15.25 0.21 6.21
C GLN A 83 15.04 1.54 6.92
N LEU A 84 13.97 1.62 7.67
CA LEU A 84 13.65 2.80 8.42
C LEU A 84 14.17 2.63 9.84
N SER A 85 14.52 3.72 10.45
CA SER A 85 15.00 3.70 11.81
C SER A 85 13.89 4.18 12.77
N GLU A 86 13.08 5.10 12.30
CA GLU A 86 12.02 5.69 13.06
C GLU A 86 11.02 6.21 12.07
N LYS A 87 10.06 6.90 12.56
CA LYS A 87 9.05 7.51 11.75
C LYS A 87 9.64 8.73 11.06
N VAL A 88 9.66 8.68 9.75
CA VAL A 88 10.21 9.74 8.92
C VAL A 88 9.22 10.90 8.85
N SER A 89 9.69 12.11 9.06
CA SER A 89 8.84 13.29 9.00
C SER A 89 8.81 13.86 7.58
N GLU A 90 8.22 15.05 7.43
CA GLU A 90 8.04 15.68 6.14
C GLU A 90 9.36 15.90 5.42
N GLN A 91 10.34 16.44 6.11
CA GLN A 91 11.64 16.76 5.50
C GLN A 91 12.32 15.50 4.95
N GLY A 92 12.16 14.39 5.64
CA GLY A 92 12.69 13.15 5.15
C GLY A 92 11.93 12.70 3.93
N LEU A 93 10.62 12.83 3.98
CA LEU A 93 9.76 12.45 2.88
C LEU A 93 9.98 13.35 1.66
N ILE A 94 10.20 14.64 1.89
CA ILE A 94 10.49 15.60 0.83
C ILE A 94 11.75 15.18 0.08
N GLU A 95 12.69 14.63 0.80
CA GLU A 95 13.91 14.14 0.22
C GLU A 95 13.64 12.88 -0.61
N ILE A 96 12.68 12.06 -0.14
CA ILE A 96 12.23 10.88 -0.88
C ILE A 96 11.60 11.36 -2.18
N LEU A 97 10.82 12.43 -2.05
CA LEU A 97 10.11 13.05 -3.14
C LEU A 97 11.12 13.58 -4.18
N LYS A 98 12.28 14.05 -3.71
CA LYS A 98 13.37 14.51 -4.60
C LYS A 98 13.85 13.34 -5.44
N LYS A 99 14.11 12.24 -4.74
CA LYS A 99 14.61 11.01 -5.33
C LYS A 99 13.67 10.47 -6.40
N VAL A 100 12.38 10.41 -6.10
CA VAL A 100 11.40 9.88 -7.05
C VAL A 100 11.15 10.83 -8.21
N SER A 101 11.41 12.11 -8.02
CA SER A 101 11.26 13.09 -9.06
C SER A 101 12.40 13.02 -10.07
N GLN A 102 13.50 12.40 -9.68
CA GLN A 102 14.61 12.23 -10.58
C GLN A 102 14.33 11.13 -11.57
N GLN A 103 14.49 9.90 -11.13
CA GLN A 103 14.32 8.75 -12.01
C GLN A 103 13.39 7.74 -11.37
N THR A 104 13.76 7.26 -10.21
CA THR A 104 12.95 6.34 -9.44
C THR A 104 13.21 6.57 -7.95
N GLU A 105 14.46 6.38 -7.55
CA GLU A 105 14.97 6.61 -6.20
C GLU A 105 16.46 6.30 -6.13
N LYS A 106 16.87 5.50 -7.06
CA LYS A 106 18.27 5.21 -7.30
C LYS A 106 18.51 5.41 -8.78
N THR A 107 19.68 5.10 -9.26
CA THR A 107 19.94 5.27 -10.64
C THR A 107 20.01 3.93 -11.37
N THR A 108 18.85 3.42 -11.73
CA THR A 108 18.77 2.20 -12.49
C THR A 108 18.93 2.55 -13.95
N THR A 109 18.24 3.57 -14.37
CA THR A 109 18.36 4.05 -15.70
C THR A 109 19.43 5.13 -15.71
N VAL A 110 20.50 4.92 -16.43
CA VAL A 110 21.51 5.97 -16.51
C VAL A 110 21.22 6.87 -17.69
N LYS A 111 20.81 6.28 -18.80
CA LYS A 111 20.39 7.05 -19.93
C LYS A 111 18.89 7.30 -19.80
N PHE A 112 18.57 8.28 -18.98
CA PHE A 112 17.20 8.66 -18.67
C PHE A 112 16.48 9.19 -19.91
N ASN A 113 17.11 10.13 -20.58
CA ASN A 113 16.65 10.75 -21.81
C ASN A 113 17.61 11.88 -22.12
N GLY A 1 -17.93 -54.23 0.69
CA GLY A 1 -17.69 -52.96 1.34
C GLY A 1 -16.65 -52.18 0.60
N SER A 2 -15.97 -51.28 1.32
CA SER A 2 -14.91 -50.44 0.81
C SER A 2 -15.37 -49.39 -0.22
N ALA A 3 -16.67 -49.31 -0.47
CA ALA A 3 -17.18 -48.34 -1.42
C ALA A 3 -17.23 -46.97 -0.77
N ASP A 4 -17.51 -46.95 0.53
CA ASP A 4 -17.51 -45.72 1.30
C ASP A 4 -16.06 -45.35 1.55
N GLU A 5 -15.23 -46.38 1.72
CA GLU A 5 -13.79 -46.21 1.87
C GLU A 5 -13.19 -45.55 0.64
N GLU A 6 -13.74 -45.87 -0.53
CA GLU A 6 -13.34 -45.23 -1.77
C GLU A 6 -13.61 -43.75 -1.77
N LEU A 7 -14.78 -43.38 -1.27
CA LEU A 7 -15.15 -41.98 -1.17
C LEU A 7 -14.26 -41.29 -0.15
N GLU A 8 -14.04 -41.98 0.96
CA GLU A 8 -13.20 -41.49 2.04
C GLU A 8 -11.80 -41.19 1.51
N ALA A 9 -11.19 -42.19 0.89
CA ALA A 9 -9.84 -42.09 0.37
C ALA A 9 -9.73 -41.01 -0.69
N LEU A 10 -10.72 -40.96 -1.58
CA LEU A 10 -10.76 -40.00 -2.65
C LEU A 10 -10.79 -38.58 -2.09
N ARG A 11 -11.72 -38.35 -1.19
CA ARG A 11 -11.90 -37.03 -0.61
C ARG A 11 -10.68 -36.62 0.20
N ARG A 12 -10.14 -37.53 1.00
CA ARG A 12 -8.97 -37.23 1.83
C ARG A 12 -7.76 -36.91 0.99
N GLN A 13 -7.53 -37.72 -0.04
CA GLN A 13 -6.39 -37.52 -0.91
C GLN A 13 -6.51 -36.19 -1.64
N ARG A 14 -7.67 -35.97 -2.27
CA ARG A 14 -7.95 -34.72 -2.99
C ARG A 14 -7.82 -33.49 -2.06
N LEU A 15 -8.26 -33.66 -0.82
CA LEU A 15 -8.21 -32.59 0.18
C LEU A 15 -6.75 -32.27 0.51
N ALA A 16 -5.96 -33.31 0.69
CA ALA A 16 -4.56 -33.17 1.07
C ALA A 16 -3.74 -32.52 -0.03
N GLU A 17 -3.95 -32.94 -1.26
CA GLU A 17 -3.22 -32.43 -2.42
C GLU A 17 -3.45 -30.96 -2.63
N LEU A 18 -4.70 -30.61 -2.55
CA LEU A 18 -5.13 -29.25 -2.76
C LEU A 18 -4.84 -28.39 -1.53
N GLN A 19 -4.77 -29.05 -0.35
CA GLN A 19 -4.63 -28.37 0.95
C GLN A 19 -5.87 -27.53 1.17
N ALA A 20 -7.00 -28.15 0.91
CA ALA A 20 -8.30 -27.51 0.96
C ALA A 20 -8.68 -27.12 2.37
N LYS A 21 -8.78 -25.83 2.60
CA LYS A 21 -9.22 -25.32 3.86
C LYS A 21 -10.61 -24.75 3.65
N HIS A 22 -11.49 -24.98 4.57
CA HIS A 22 -12.79 -24.38 4.48
C HIS A 22 -13.21 -23.90 5.86
N GLY A 23 -12.21 -23.60 6.66
CA GLY A 23 -12.47 -23.01 7.96
C GLY A 23 -12.69 -21.53 7.80
N ASP A 24 -13.67 -21.20 7.01
CA ASP A 24 -13.98 -19.86 6.66
C ASP A 24 -15.49 -19.74 6.50
N PRO A 25 -16.10 -18.61 6.88
CA PRO A 25 -17.52 -18.40 6.71
C PRO A 25 -17.87 -17.81 5.33
N GLY A 26 -16.99 -18.02 4.34
CA GLY A 26 -17.22 -17.52 2.99
C GLY A 26 -17.04 -16.02 2.89
N ASP A 27 -18.16 -15.29 3.01
CA ASP A 27 -18.20 -13.81 2.91
C ASP A 27 -17.15 -13.16 3.80
N ALA A 28 -17.08 -13.63 5.02
CA ALA A 28 -16.17 -13.10 6.01
C ALA A 28 -14.71 -13.19 5.58
N ALA A 29 -14.36 -14.25 4.85
CA ALA A 29 -12.98 -14.46 4.43
C ALA A 29 -12.57 -13.45 3.39
N GLN A 30 -13.53 -13.07 2.56
CA GLN A 30 -13.32 -12.06 1.55
C GLN A 30 -13.12 -10.71 2.21
N GLN A 31 -13.87 -10.50 3.28
CA GLN A 31 -13.79 -9.27 4.03
C GLN A 31 -12.52 -9.22 4.85
N GLU A 32 -12.04 -10.39 5.29
CA GLU A 32 -10.75 -10.47 5.99
C GLU A 32 -9.64 -10.02 5.07
N ALA A 33 -9.73 -10.44 3.82
CA ALA A 33 -8.75 -10.05 2.81
C ALA A 33 -8.73 -8.55 2.63
N LYS A 34 -9.92 -7.98 2.46
CA LYS A 34 -10.10 -6.53 2.33
C LYS A 34 -9.60 -5.81 3.60
N HIS A 35 -9.93 -6.37 4.74
CA HIS A 35 -9.56 -5.82 6.04
C HIS A 35 -8.03 -5.78 6.15
N ARG A 36 -7.41 -6.85 5.67
CA ARG A 36 -5.96 -6.99 5.70
C ARG A 36 -5.31 -5.98 4.76
N GLU A 37 -5.97 -5.72 3.63
CA GLU A 37 -5.49 -4.74 2.66
C GLU A 37 -5.52 -3.34 3.25
N ALA A 38 -6.51 -3.09 4.08
CA ALA A 38 -6.63 -1.85 4.77
C ALA A 38 -5.55 -1.74 5.84
N GLU A 39 -5.55 -2.71 6.75
CA GLU A 39 -4.65 -2.68 7.90
C GLU A 39 -3.20 -2.70 7.50
N MET A 40 -2.82 -3.61 6.65
CA MET A 40 -1.41 -3.84 6.37
C MET A 40 -0.78 -2.70 5.56
N ARG A 41 -1.51 -2.21 4.59
CA ARG A 41 -0.98 -1.15 3.75
C ARG A 41 -0.93 0.17 4.51
N ASN A 42 -1.95 0.42 5.32
CA ASN A 42 -2.00 1.65 6.10
C ASN A 42 -0.98 1.63 7.23
N SER A 43 -0.92 0.53 7.97
CA SER A 43 -0.03 0.43 9.13
C SER A 43 1.42 0.69 8.78
N ILE A 44 1.94 0.02 7.75
CA ILE A 44 3.35 0.20 7.39
C ILE A 44 3.66 1.66 7.05
N LEU A 45 2.74 2.32 6.40
CA LEU A 45 2.94 3.72 6.06
C LEU A 45 2.74 4.61 7.28
N ALA A 46 1.84 4.25 8.17
CA ALA A 46 1.54 5.05 9.36
C ALA A 46 2.57 4.86 10.46
N GLN A 47 3.20 3.70 10.49
CA GLN A 47 4.21 3.42 11.49
C GLN A 47 5.55 4.00 11.05
N VAL A 48 5.72 4.12 9.75
CA VAL A 48 6.93 4.65 9.16
C VAL A 48 6.85 6.16 8.94
N LEU A 49 5.77 6.62 8.41
CA LEU A 49 5.64 8.02 8.19
C LEU A 49 5.02 8.63 9.39
N ASP A 50 5.63 9.66 9.88
CA ASP A 50 5.09 10.42 10.99
C ASP A 50 3.75 11.01 10.56
N GLN A 51 2.96 11.42 11.53
CA GLN A 51 1.66 12.03 11.31
C GLN A 51 1.78 13.21 10.33
N SER A 52 2.89 13.93 10.46
CA SER A 52 3.16 15.09 9.65
C SER A 52 3.38 14.66 8.19
N ALA A 53 4.11 13.56 8.03
CA ALA A 53 4.43 13.05 6.73
C ALA A 53 3.20 12.44 6.08
N ARG A 54 2.35 11.81 6.88
CA ARG A 54 1.09 11.26 6.39
C ARG A 54 0.21 12.36 5.82
N ALA A 55 0.19 13.50 6.51
CA ALA A 55 -0.58 14.66 6.06
C ALA A 55 0.02 15.25 4.78
N ARG A 56 1.34 15.42 4.78
CA ARG A 56 2.06 15.92 3.63
C ARG A 56 1.81 15.03 2.41
N LEU A 57 1.88 13.73 2.64
CA LEU A 57 1.67 12.75 1.59
C LEU A 57 0.26 12.84 1.02
N SER A 58 -0.71 13.01 1.89
CA SER A 58 -2.10 13.14 1.49
C SER A 58 -2.32 14.39 0.63
N ASN A 59 -1.64 15.45 0.97
CA ASN A 59 -1.68 16.69 0.20
C ASN A 59 -0.92 16.56 -1.11
N LEU A 60 0.13 15.75 -1.10
CA LEU A 60 0.96 15.51 -2.28
C LEU A 60 0.13 14.71 -3.29
N ALA A 61 -0.68 13.82 -2.77
CA ALA A 61 -1.58 12.96 -3.57
C ALA A 61 -2.54 13.80 -4.41
N LEU A 62 -2.81 14.98 -3.96
CA LEU A 62 -3.72 15.88 -4.61
C LEU A 62 -3.06 16.61 -5.77
N VAL A 63 -1.80 17.01 -5.61
CA VAL A 63 -1.10 17.75 -6.66
C VAL A 63 -0.69 16.86 -7.82
N LYS A 64 -0.25 15.65 -7.53
CA LYS A 64 0.05 14.65 -8.53
C LYS A 64 0.29 13.28 -7.90
N PRO A 65 -0.70 12.38 -8.02
CA PRO A 65 -0.65 11.05 -7.40
C PRO A 65 0.40 10.13 -8.01
N GLU A 66 0.98 10.53 -9.14
CA GLU A 66 1.99 9.74 -9.80
C GLU A 66 3.25 9.67 -8.95
N LYS A 67 3.61 10.78 -8.35
CA LYS A 67 4.73 10.81 -7.45
C LYS A 67 4.37 10.26 -6.08
N THR A 68 3.10 10.41 -5.72
CA THR A 68 2.59 9.87 -4.48
C THR A 68 2.77 8.35 -4.43
N LYS A 69 2.33 7.66 -5.49
CA LYS A 69 2.46 6.21 -5.55
C LYS A 69 3.91 5.79 -5.59
N ALA A 70 4.75 6.63 -6.17
CA ALA A 70 6.16 6.38 -6.24
C ALA A 70 6.77 6.34 -4.84
N VAL A 71 6.45 7.35 -4.02
CA VAL A 71 6.94 7.35 -2.65
C VAL A 71 6.26 6.27 -1.79
N GLU A 72 4.93 6.12 -1.92
CA GLU A 72 4.18 5.12 -1.14
C GLU A 72 4.75 3.73 -1.34
N ASN A 73 4.88 3.35 -2.60
CA ASN A 73 5.41 2.05 -2.97
C ASN A 73 6.85 1.88 -2.48
N TYR A 74 7.62 2.97 -2.51
CA TYR A 74 8.98 2.94 -2.01
C TYR A 74 9.02 2.66 -0.50
N LEU A 75 8.19 3.38 0.26
CA LEU A 75 8.11 3.14 1.70
C LEU A 75 7.61 1.76 2.01
N ILE A 76 6.66 1.25 1.23
CA ILE A 76 6.17 -0.12 1.38
C ILE A 76 7.34 -1.12 1.27
N GLN A 77 8.18 -0.96 0.24
CA GLN A 77 9.36 -1.81 0.09
C GLN A 77 10.35 -1.62 1.23
N MET A 78 10.68 -0.40 1.52
CA MET A 78 11.65 -0.10 2.56
C MET A 78 11.21 -0.54 3.95
N ALA A 79 9.91 -0.50 4.20
CA ALA A 79 9.34 -1.00 5.45
C ALA A 79 9.52 -2.50 5.52
N ARG A 80 9.35 -3.18 4.38
CA ARG A 80 9.54 -4.61 4.27
C ARG A 80 10.99 -4.99 4.50
N TYR A 81 11.90 -4.16 4.01
CA TYR A 81 13.32 -4.42 4.13
C TYR A 81 13.85 -4.06 5.52
N GLY A 82 13.07 -3.31 6.27
CA GLY A 82 13.50 -2.91 7.59
C GLY A 82 14.58 -1.86 7.53
N GLN A 83 14.42 -0.92 6.62
CA GLN A 83 15.39 0.15 6.44
C GLN A 83 14.97 1.39 7.22
N LEU A 84 13.87 1.27 7.93
CA LEU A 84 13.35 2.36 8.70
C LEU A 84 13.46 2.07 10.18
N SER A 85 14.43 2.65 10.79
CA SER A 85 14.58 2.54 12.21
C SER A 85 13.71 3.58 12.89
N GLU A 86 13.65 4.75 12.30
CA GLU A 86 12.90 5.87 12.81
C GLU A 86 11.77 6.23 11.87
N LYS A 87 10.95 7.15 12.33
CA LYS A 87 9.89 7.70 11.53
C LYS A 87 10.48 8.57 10.46
N VAL A 88 9.76 8.72 9.41
CA VAL A 88 10.10 9.62 8.38
C VAL A 88 9.29 10.88 8.60
N SER A 89 9.98 11.95 8.91
CA SER A 89 9.35 13.22 9.12
C SER A 89 9.11 13.89 7.76
N GLU A 90 8.55 15.11 7.73
CA GLU A 90 8.25 15.74 6.45
C GLU A 90 9.50 15.98 5.62
N GLN A 91 10.56 16.44 6.27
CA GLN A 91 11.85 16.64 5.60
C GLN A 91 12.43 15.35 5.01
N GLY A 92 12.03 14.22 5.57
CA GLY A 92 12.46 12.95 5.07
C GLY A 92 11.61 12.48 3.93
N LEU A 93 10.34 12.85 3.96
CA LEU A 93 9.41 12.51 2.90
C LEU A 93 9.74 13.33 1.67
N ILE A 94 10.03 14.61 1.88
CA ILE A 94 10.43 15.52 0.81
C ILE A 94 11.74 15.04 0.18
N GLU A 95 12.58 14.42 1.01
CA GLU A 95 13.84 13.86 0.59
C GLU A 95 13.58 12.74 -0.42
N ILE A 96 12.66 11.87 -0.07
CA ILE A 96 12.29 10.75 -0.92
C ILE A 96 11.52 11.24 -2.13
N LEU A 97 10.71 12.27 -1.94
CA LEU A 97 9.94 12.88 -2.99
C LEU A 97 10.84 13.40 -4.10
N LYS A 98 11.84 14.22 -3.76
CA LYS A 98 12.75 14.76 -4.78
C LYS A 98 13.55 13.63 -5.45
N LYS A 99 13.81 12.59 -4.69
CA LYS A 99 14.51 11.43 -5.14
C LYS A 99 13.72 10.72 -6.25
N VAL A 100 12.44 10.45 -5.99
CA VAL A 100 11.61 9.75 -6.96
C VAL A 100 11.12 10.69 -8.07
N SER A 101 11.08 11.98 -7.76
CA SER A 101 10.68 13.00 -8.71
C SER A 101 11.69 13.06 -9.85
N GLN A 102 12.96 12.96 -9.50
CA GLN A 102 14.00 12.99 -10.50
C GLN A 102 14.32 11.60 -11.03
N GLN A 103 14.45 10.65 -10.13
CA GLN A 103 14.81 9.30 -10.54
C GLN A 103 13.80 8.27 -10.02
N THR A 104 14.09 7.74 -8.86
CA THR A 104 13.38 6.71 -8.13
C THR A 104 14.25 6.52 -6.89
N GLU A 105 15.48 6.08 -7.15
CA GLU A 105 16.56 5.97 -6.19
C GLU A 105 17.74 5.29 -6.87
N LYS A 106 18.56 6.11 -7.48
CA LYS A 106 19.76 5.67 -8.19
C LYS A 106 20.86 6.63 -7.85
N THR A 107 20.79 7.03 -6.64
CA THR A 107 21.68 7.97 -6.05
C THR A 107 23.09 7.38 -5.83
N THR A 108 23.92 7.42 -6.85
CA THR A 108 25.29 6.99 -6.75
C THR A 108 26.01 8.02 -5.88
N THR A 109 25.70 9.25 -6.15
CA THR A 109 26.16 10.38 -5.43
C THR A 109 25.00 11.37 -5.49
N VAL A 110 24.94 12.30 -4.55
CA VAL A 110 23.84 13.24 -4.40
C VAL A 110 22.63 12.53 -3.81
N LYS A 111 22.53 12.62 -2.52
CA LYS A 111 21.50 11.97 -1.74
C LYS A 111 21.04 12.93 -0.63
N PHE A 112 21.87 13.10 0.38
CA PHE A 112 21.63 14.14 1.40
C PHE A 112 22.86 15.04 1.44
N ASN A 113 23.74 14.73 0.56
CA ASN A 113 24.99 15.36 0.30
C ASN A 113 25.48 14.64 -0.92
#